data_1MQN
#
_entry.id   1MQN
#
_cell.length_a   147.322
_cell.length_b   148.432
_cell.length_c   250.248
_cell.angle_alpha   90.00
_cell.angle_beta   90.00
_cell.angle_gamma   90.00
#
_symmetry.space_group_name_H-M   'C 2 2 21'
#
loop_
_entity.id
_entity.type
_entity.pdbx_description
1 polymer 'Hemagglutinin HA1 chain'
2 polymer 'Hemagglutinin HA2 chain'
3 branched 2-acetamido-2-deoxy-beta-D-glucopyranose-(1-4)-2-acetamido-2-deoxy-beta-D-glucopyranose
4 branched alpha-D-mannopyranose-(1-3)-beta-D-mannopyranose-(1-4)-2-acetamido-2-deoxy-beta-D-glucopyranose-(1-4)-2-acetamido-2-deoxy-beta-D-glucopyranose
5 branched 'N-acetyl-alpha-neuraminic acid-(2-6)-beta-D-galactopyranose'
6 non-polymer 2-acetamido-2-deoxy-beta-D-glucopyranose
7 water water
#
loop_
_entity_poly.entity_id
_entity_poly.type
_entity_poly.pdbx_seq_one_letter_code
_entity_poly.pdbx_strand_id
1 'polypeptide(L)'
;QDLPGNDNSTATLCLGHHAVPNGTIVKTITDDQIEVTNATELVQSSSTGKICNNPHRILDGRACTLIDALLGDPHCDVFQ
NETWDLFVERSNAFSNCYPYDIPDYASLRSLVASSGTLEFITEGFTWTGVTQNGGSSACKRGPANGFFSRLNWLTKSESA
YPVLNVTMPNNDNFDKLYIWGVHHPSTNQEQTNLYVQASGRVTVSTRRSQQTIIPNIGSRPWVRGQPGRISIYWTIVKPG
DVLVINSNGNLIAPRGYFKMRTGKSSIMRSDAPIDTCISECITPNGSIPNDKPFQNVNKITYGACPKYVKQNTLKLATGM
RNVPEKQTR
;
A,D,G
2 'polypeptide(L)'
;GLFGAIAGFIENGWEGMIDGWYGFRHQNSEGTGQAADLKSTQAAIDQINRKLNRVIEKTNEKFHQIEKEFSEVEGRIQDL
EKYVEDTKIDLWSYNAELLVALENQHTIDLADSEMNKLFEKTRRQLRENAEDMGNGCFKIYHKCDNACIESIRNGTYDHD
IYRDEALNNRFQIKGVELKSGYKDWILWISFAISCLLLCVVLLGFIMWACQRGNIRCNICI
;
B,E,H
#
# COMPACT_ATOMS: atom_id res chain seq x y z
N SER A 9 33.07 -2.23 60.55
CA SER A 9 34.05 -3.23 60.00
C SER A 9 33.85 -3.44 58.49
N THR A 10 32.61 -3.74 58.09
CA THR A 10 32.28 -3.94 56.67
C THR A 10 31.19 -2.95 56.27
N ALA A 11 31.03 -2.74 54.96
CA ALA A 11 30.02 -1.82 54.45
C ALA A 11 29.18 -2.55 53.40
N THR A 12 28.06 -1.95 53.04
CA THR A 12 27.18 -2.56 52.04
C THR A 12 26.74 -1.50 51.06
N LEU A 13 26.99 -1.73 49.78
CA LEU A 13 26.61 -0.78 48.74
C LEU A 13 25.65 -1.44 47.77
N CYS A 14 24.44 -0.91 47.67
CA CYS A 14 23.41 -1.45 46.78
C CYS A 14 23.13 -0.59 45.56
N LEU A 15 23.08 -1.23 44.40
CA LEU A 15 22.77 -0.53 43.15
C LEU A 15 21.30 -0.73 42.79
N GLY A 16 20.66 0.34 42.34
CA GLY A 16 19.26 0.20 41.99
C GLY A 16 18.83 1.19 40.92
N HIS A 17 17.53 1.21 40.69
CA HIS A 17 16.90 2.08 39.70
C HIS A 17 15.60 2.54 40.33
N HIS A 18 15.03 3.61 39.80
CA HIS A 18 13.79 4.12 40.36
C HIS A 18 12.52 3.40 39.85
N ALA A 19 11.40 3.79 40.43
CA ALA A 19 10.10 3.27 40.09
C ALA A 19 9.17 4.44 40.39
N VAL A 20 7.95 4.42 39.89
CA VAL A 20 7.02 5.51 40.14
C VAL A 20 5.74 4.97 40.77
N PRO A 21 4.95 5.85 41.43
CA PRO A 21 3.69 5.48 42.09
C PRO A 21 2.76 4.80 41.08
N ASN A 22 2.34 5.59 40.09
CA ASN A 22 1.47 5.14 39.02
C ASN A 22 2.25 5.17 37.70
N GLY A 23 2.51 3.99 37.13
CA GLY A 23 3.24 3.92 35.88
C GLY A 23 2.35 4.08 34.67
N THR A 24 2.78 3.50 33.54
CA THR A 24 2.04 3.55 32.27
C THR A 24 2.14 2.23 31.50
N ILE A 25 0.98 1.70 31.09
CA ILE A 25 0.98 0.44 30.34
C ILE A 25 1.37 0.67 28.89
N VAL A 26 2.22 -0.23 28.42
CA VAL A 26 2.71 -0.16 27.07
C VAL A 26 2.75 -1.57 26.47
N LYS A 27 2.87 -1.65 25.15
CA LYS A 27 2.90 -2.91 24.42
C LYS A 27 4.29 -3.17 23.83
N THR A 28 4.76 -4.41 23.93
CA THR A 28 6.07 -4.77 23.38
C THR A 28 5.94 -5.95 22.44
N ILE A 29 7.01 -6.70 22.28
CA ILE A 29 6.98 -7.86 21.40
C ILE A 29 6.58 -9.08 22.22
N THR A 30 6.84 -9.01 23.51
CA THR A 30 6.51 -10.13 24.38
C THR A 30 5.40 -9.83 25.37
N ASP A 31 4.75 -8.67 25.22
CA ASP A 31 3.65 -8.28 26.11
C ASP A 31 2.70 -7.35 25.39
N ASP A 32 1.40 -7.56 25.57
CA ASP A 32 0.47 -6.62 24.97
C ASP A 32 0.16 -5.65 26.09
N GLN A 33 0.65 -5.99 27.29
CA GLN A 33 0.47 -5.16 28.47
C GLN A 33 1.63 -5.25 29.42
N ILE A 34 2.39 -4.18 29.54
CA ILE A 34 3.50 -4.17 30.48
C ILE A 34 3.65 -2.72 30.92
N GLU A 35 3.94 -2.51 32.21
CA GLU A 35 4.03 -1.17 32.79
C GLU A 35 5.41 -0.58 32.83
N VAL A 36 5.54 0.64 32.32
CA VAL A 36 6.82 1.34 32.32
C VAL A 36 6.65 2.65 33.09
N THR A 37 7.73 3.20 33.60
CA THR A 37 7.66 4.44 34.37
C THR A 37 7.12 5.63 33.58
N ASN A 38 7.36 5.67 32.28
CA ASN A 38 6.85 6.80 31.49
C ASN A 38 6.71 6.45 30.01
N ALA A 39 5.80 7.14 29.33
CA ALA A 39 5.56 6.94 27.92
C ALA A 39 4.94 8.20 27.33
N THR A 40 4.84 8.23 26.00
CA THR A 40 4.26 9.37 25.28
C THR A 40 3.30 8.87 24.20
N GLU A 41 2.27 9.67 23.91
CA GLU A 41 1.25 9.30 22.92
C GLU A 41 1.69 9.57 21.50
N LEU A 42 1.53 8.58 20.62
CA LEU A 42 1.92 8.77 19.23
C LEU A 42 0.72 9.03 18.31
N VAL A 43 -0.49 8.86 18.84
CA VAL A 43 -1.70 9.04 18.04
C VAL A 43 -2.49 10.29 18.41
N GLN A 44 -2.44 11.29 17.53
CA GLN A 44 -3.21 12.49 17.72
C GLN A 44 -4.65 12.03 17.60
N SER A 45 -5.45 12.15 18.66
CA SER A 45 -6.84 11.71 18.57
C SER A 45 -7.89 12.80 18.81
N SER A 46 -7.44 14.02 19.06
CA SER A 46 -8.40 15.09 19.32
C SER A 46 -8.22 16.32 18.46
N SER A 47 -9.34 16.98 18.18
CA SER A 47 -9.37 18.19 17.35
C SER A 47 -9.99 19.34 18.13
N THR A 48 -9.58 20.55 17.79
CA THR A 48 -10.11 21.73 18.44
C THR A 48 -11.56 21.88 17.99
N GLY A 49 -11.85 21.36 16.80
CA GLY A 49 -13.19 21.44 16.25
C GLY A 49 -13.32 22.59 15.27
N LYS A 50 -12.21 23.28 15.00
CA LYS A 50 -12.23 24.42 14.08
C LYS A 50 -11.08 24.35 13.09
N ILE A 51 -11.25 25.01 11.96
CA ILE A 51 -10.25 25.03 10.91
C ILE A 51 -9.49 26.33 10.98
N CYS A 52 -8.22 26.27 11.35
CA CYS A 52 -7.41 27.48 11.44
C CYS A 52 -7.35 28.21 10.12
N ASN A 53 -7.73 29.47 10.13
CA ASN A 53 -7.67 30.25 8.92
C ASN A 53 -6.29 30.21 8.30
N ASN A 54 -5.27 29.66 8.97
CA ASN A 54 -4.01 29.64 8.28
C ASN A 54 -2.70 29.02 8.69
N PRO A 55 -1.83 29.02 7.68
CA PRO A 55 -0.82 29.02 6.54
C PRO A 55 -1.65 29.04 5.24
N HIS A 56 -2.61 28.12 5.13
CA HIS A 56 -3.43 27.91 3.95
C HIS A 56 -4.53 28.89 3.71
N ARG A 57 -4.53 29.43 2.49
CA ARG A 57 -5.56 30.35 2.09
C ARG A 57 -6.84 29.54 2.07
N ILE A 58 -7.71 29.79 3.03
CA ILE A 58 -8.97 29.06 3.09
C ILE A 58 -10.12 29.90 2.59
N LEU A 59 -11.08 29.24 1.92
CA LEU A 59 -12.25 29.89 1.33
C LEU A 59 -13.51 29.09 1.65
N ASP A 60 -14.41 29.69 2.42
CA ASP A 60 -15.65 29.05 2.82
C ASP A 60 -16.71 29.16 1.72
N GLY A 61 -17.16 28.01 1.20
CA GLY A 61 -18.16 28.02 0.16
C GLY A 61 -19.44 28.66 0.65
N ARG A 62 -19.64 28.55 1.96
CA ARG A 62 -20.79 29.13 2.63
C ARG A 62 -22.13 28.54 2.19
N ALA A 63 -22.40 28.54 0.91
CA ALA A 63 -23.65 28.00 0.43
C ALA A 63 -23.47 27.69 -1.04
N CYS A 64 -22.23 27.83 -1.48
CA CYS A 64 -21.92 27.57 -2.85
C CYS A 64 -20.94 26.43 -3.01
N THR A 65 -21.30 25.52 -3.91
CA THR A 65 -20.49 24.38 -4.25
C THR A 65 -19.44 25.00 -5.15
N LEU A 66 -18.23 24.42 -5.19
CA LEU A 66 -17.19 24.97 -6.06
C LEU A 66 -17.71 25.09 -7.49
N ILE A 67 -18.49 24.10 -7.92
CA ILE A 67 -19.07 24.07 -9.27
C ILE A 67 -20.01 25.27 -9.51
N ASP A 68 -21.02 25.43 -8.67
CA ASP A 68 -21.96 26.54 -8.80
C ASP A 68 -21.23 27.86 -8.87
N ALA A 69 -20.13 27.96 -8.13
CA ALA A 69 -19.31 29.17 -8.14
C ALA A 69 -18.63 29.29 -9.50
N LEU A 70 -18.16 28.16 -10.01
CA LEU A 70 -17.51 28.14 -11.31
C LEU A 70 -18.46 28.54 -12.42
N LEU A 71 -19.67 27.97 -12.37
CA LEU A 71 -20.70 28.23 -13.38
C LEU A 71 -21.22 29.65 -13.30
N GLY A 72 -21.35 30.14 -12.06
CA GLY A 72 -21.83 31.49 -11.86
C GLY A 72 -23.25 31.58 -11.37
N ASP A 73 -23.66 30.63 -10.52
CA ASP A 73 -25.01 30.63 -9.96
C ASP A 73 -25.08 31.99 -9.28
N PRO A 74 -26.15 32.76 -9.53
CA PRO A 74 -26.33 34.08 -8.93
C PRO A 74 -25.83 34.30 -7.50
N HIS A 75 -26.34 33.54 -6.53
CA HIS A 75 -25.90 33.75 -5.15
C HIS A 75 -24.45 33.37 -4.93
N CYS A 76 -23.80 32.94 -6.00
CA CYS A 76 -22.41 32.53 -5.93
C CYS A 76 -21.49 33.48 -6.68
N ASP A 77 -22.03 34.60 -7.16
CA ASP A 77 -21.19 35.53 -7.90
C ASP A 77 -20.14 36.20 -7.02
N VAL A 78 -20.34 36.12 -5.71
CA VAL A 78 -19.39 36.69 -4.77
C VAL A 78 -18.04 35.97 -4.86
N PHE A 79 -18.08 34.74 -5.38
CA PHE A 79 -16.85 33.97 -5.50
C PHE A 79 -16.10 34.23 -6.80
N GLN A 80 -16.63 35.14 -7.62
CA GLN A 80 -16.00 35.44 -8.90
C GLN A 80 -14.52 35.75 -8.78
N ASN A 81 -13.72 34.90 -9.42
CA ASN A 81 -12.27 35.06 -9.44
C ASN A 81 -11.58 34.80 -8.13
N GLU A 82 -12.27 34.15 -7.21
CA GLU A 82 -11.68 33.86 -5.92
C GLU A 82 -10.56 32.83 -6.12
N THR A 83 -9.66 32.72 -5.14
CA THR A 83 -8.58 31.74 -5.22
C THR A 83 -8.63 30.99 -3.91
N TRP A 84 -7.83 29.95 -3.77
CA TRP A 84 -7.86 29.20 -2.51
C TRP A 84 -6.78 28.13 -2.41
N ASP A 85 -6.32 27.89 -1.19
CA ASP A 85 -5.36 26.83 -0.98
C ASP A 85 -6.26 25.65 -0.70
N LEU A 86 -7.36 25.95 0.01
CA LEU A 86 -8.35 24.94 0.36
C LEU A 86 -9.80 25.44 0.38
N PHE A 87 -10.58 24.98 -0.59
CA PHE A 87 -11.99 25.35 -0.69
C PHE A 87 -12.74 24.44 0.30
N VAL A 88 -13.69 25.01 1.01
CA VAL A 88 -14.46 24.25 2.00
C VAL A 88 -15.94 24.23 1.65
N GLU A 89 -16.45 23.11 1.14
CA GLU A 89 -17.87 23.02 0.79
C GLU A 89 -18.74 22.64 1.99
N ARG A 90 -19.79 23.42 2.23
CA ARG A 90 -20.68 23.15 3.36
C ARG A 90 -21.82 22.22 2.97
N SER A 91 -22.28 21.42 3.92
CA SER A 91 -23.34 20.48 3.64
C SER A 91 -24.71 21.10 3.35
N ASN A 92 -24.87 22.37 3.70
CA ASN A 92 -26.14 23.03 3.48
C ASN A 92 -26.12 23.92 2.25
N ALA A 93 -25.07 23.80 1.45
CA ALA A 93 -24.98 24.59 0.23
C ALA A 93 -26.13 24.12 -0.66
N PHE A 94 -26.60 25.00 -1.54
CA PHE A 94 -27.71 24.68 -2.43
C PHE A 94 -27.50 25.34 -3.79
N SER A 95 -28.25 24.86 -4.78
CA SER A 95 -28.17 25.42 -6.12
C SER A 95 -29.53 26.08 -6.38
N ASN A 96 -29.55 27.28 -6.94
CA ASN A 96 -30.84 27.89 -7.20
C ASN A 96 -30.92 28.52 -8.57
N CYS A 97 -30.08 28.05 -9.47
CA CYS A 97 -30.09 28.55 -10.85
C CYS A 97 -30.79 27.50 -11.72
N TYR A 98 -30.59 27.56 -13.05
CA TYR A 98 -31.22 26.61 -13.97
C TYR A 98 -30.78 25.16 -13.78
N PRO A 99 -31.73 24.21 -13.77
CA PRO A 99 -31.45 22.78 -13.59
C PRO A 99 -30.32 22.32 -14.52
N TYR A 100 -29.22 21.84 -13.95
CA TYR A 100 -28.11 21.36 -14.77
C TYR A 100 -27.65 19.96 -14.39
N ASP A 101 -26.82 19.40 -15.24
CA ASP A 101 -26.30 18.06 -15.06
C ASP A 101 -24.90 18.02 -15.68
N ILE A 102 -23.91 17.51 -14.95
CA ILE A 102 -22.55 17.44 -15.48
C ILE A 102 -21.99 16.01 -15.60
N PRO A 103 -21.77 15.53 -16.83
CA PRO A 103 -21.22 14.18 -16.97
C PRO A 103 -19.80 14.26 -16.45
N ASP A 104 -19.47 13.41 -15.48
CA ASP A 104 -18.16 13.40 -14.85
C ASP A 104 -17.94 14.64 -13.95
N TYR A 105 -18.98 14.98 -13.21
CA TYR A 105 -19.02 16.10 -12.26
C TYR A 105 -17.78 16.03 -11.34
N ALA A 106 -17.55 14.83 -10.81
CA ALA A 106 -16.43 14.58 -9.93
C ALA A 106 -15.12 15.09 -10.52
N SER A 107 -14.84 14.70 -11.76
CA SER A 107 -13.60 15.12 -12.40
C SER A 107 -13.45 16.64 -12.53
N LEU A 108 -14.52 17.32 -12.91
CA LEU A 108 -14.45 18.76 -13.06
C LEU A 108 -14.23 19.44 -11.70
N ARG A 109 -14.99 19.01 -10.70
CA ARG A 109 -14.84 19.57 -9.35
C ARG A 109 -13.40 19.38 -8.91
N SER A 110 -12.81 18.26 -9.33
CA SER A 110 -11.44 17.93 -8.94
C SER A 110 -10.36 18.78 -9.61
N LEU A 111 -10.40 18.87 -10.94
CA LEU A 111 -9.38 19.64 -11.65
C LEU A 111 -9.47 21.14 -11.34
N VAL A 112 -10.66 21.62 -11.04
CA VAL A 112 -10.78 23.03 -10.71
C VAL A 112 -10.21 23.22 -9.29
N ALA A 113 -10.67 22.38 -8.37
CA ALA A 113 -10.21 22.45 -6.99
C ALA A 113 -8.69 22.42 -6.94
N SER A 114 -8.11 21.55 -7.75
CA SER A 114 -6.66 21.41 -7.78
C SER A 114 -6.01 22.68 -8.34
N SER A 115 -6.70 23.32 -9.29
CA SER A 115 -6.19 24.56 -9.93
C SER A 115 -6.15 25.69 -8.90
N GLY A 116 -7.13 25.69 -8.00
CA GLY A 116 -7.18 26.69 -6.95
C GLY A 116 -7.48 28.11 -7.34
N THR A 117 -8.16 28.32 -8.45
CA THR A 117 -8.48 29.67 -8.88
C THR A 117 -9.72 29.71 -9.77
N LEU A 118 -10.44 30.82 -9.74
CA LEU A 118 -11.61 30.97 -10.59
C LEU A 118 -11.40 32.12 -11.57
N GLU A 119 -10.16 32.59 -11.67
CA GLU A 119 -9.84 33.69 -12.58
C GLU A 119 -10.51 33.46 -13.94
N PHE A 120 -11.50 34.31 -14.26
CA PHE A 120 -12.21 34.20 -15.53
C PHE A 120 -11.87 35.35 -16.48
N ILE A 121 -11.53 35.02 -17.70
CA ILE A 121 -11.16 36.02 -18.68
C ILE A 121 -12.13 36.04 -19.85
N THR A 122 -13.04 37.00 -19.84
CA THR A 122 -14.02 37.11 -20.90
C THR A 122 -13.34 37.32 -22.26
N GLU A 123 -13.84 36.60 -23.26
CA GLU A 123 -13.30 36.72 -24.61
C GLU A 123 -14.36 37.20 -25.59
N GLY A 124 -13.87 37.75 -26.70
CA GLY A 124 -14.76 38.27 -27.72
C GLY A 124 -15.74 37.28 -28.31
N PHE A 125 -17.01 37.46 -27.96
CA PHE A 125 -18.06 36.60 -28.49
C PHE A 125 -17.98 36.81 -30.00
N THR A 126 -18.84 36.13 -30.75
CA THR A 126 -18.88 36.26 -32.21
C THR A 126 -20.16 35.54 -32.62
N TRP A 127 -21.20 35.74 -31.83
CA TRP A 127 -22.49 35.09 -32.08
C TRP A 127 -23.37 35.86 -33.05
N THR A 128 -23.08 35.74 -34.33
CA THR A 128 -23.85 36.46 -35.35
C THR A 128 -25.07 35.68 -35.83
N GLY A 129 -26.26 36.21 -35.58
CA GLY A 129 -27.45 35.51 -36.04
C GLY A 129 -28.33 34.96 -34.93
N VAL A 130 -27.88 35.08 -33.69
CA VAL A 130 -28.66 34.58 -32.57
C VAL A 130 -28.89 35.60 -31.47
N THR A 131 -29.83 35.28 -30.59
CA THR A 131 -30.14 36.15 -29.46
C THR A 131 -29.33 35.63 -28.27
N GLN A 132 -28.63 36.53 -27.58
CA GLN A 132 -27.80 36.10 -26.46
C GLN A 132 -28.43 36.38 -25.11
N ASN A 133 -27.69 36.01 -24.07
CA ASN A 133 -28.11 36.22 -22.69
C ASN A 133 -29.50 35.70 -22.41
N GLY A 134 -29.74 34.44 -22.74
CA GLY A 134 -31.03 33.85 -22.48
C GLY A 134 -31.14 33.67 -20.98
N GLY A 135 -32.34 33.67 -20.44
CA GLY A 135 -32.45 33.53 -19.01
C GLY A 135 -33.63 32.70 -18.59
N SER A 136 -33.74 32.44 -17.29
CA SER A 136 -34.82 31.65 -16.74
C SER A 136 -35.29 32.17 -15.38
N SER A 137 -36.56 31.90 -15.08
CA SER A 137 -37.13 32.31 -13.82
C SER A 137 -36.55 31.38 -12.76
N ALA A 138 -36.04 30.23 -13.20
CA ALA A 138 -35.45 29.28 -12.29
C ALA A 138 -34.08 29.77 -11.82
N CYS A 139 -33.57 30.82 -12.46
CA CYS A 139 -32.28 31.37 -12.11
C CYS A 139 -32.37 32.88 -11.91
N LYS A 140 -33.43 33.30 -11.23
CA LYS A 140 -33.69 34.71 -10.95
C LYS A 140 -32.43 35.49 -10.58
N ARG A 141 -32.23 36.60 -11.28
CA ARG A 141 -31.09 37.47 -11.03
C ARG A 141 -31.71 38.80 -10.58
N GLY A 142 -32.09 38.83 -9.31
CA GLY A 142 -32.74 39.99 -8.76
C GLY A 142 -34.21 39.76 -9.03
N PRO A 143 -34.86 40.69 -9.74
CA PRO A 143 -36.29 40.49 -10.02
C PRO A 143 -36.40 39.72 -11.35
N ALA A 144 -35.43 40.00 -12.22
CA ALA A 144 -35.33 39.43 -13.55
C ALA A 144 -35.02 37.93 -13.61
N ASN A 145 -35.06 37.39 -14.83
CA ASN A 145 -34.76 35.99 -15.10
C ASN A 145 -33.29 35.97 -15.49
N GLY A 146 -32.48 35.24 -14.73
CA GLY A 146 -31.06 35.19 -15.03
C GLY A 146 -30.56 33.83 -15.48
N PHE A 147 -29.24 33.70 -15.50
CA PHE A 147 -28.57 32.48 -15.92
C PHE A 147 -27.15 32.51 -15.38
N PHE A 148 -26.46 31.37 -15.45
CA PHE A 148 -25.09 31.30 -14.97
C PHE A 148 -24.30 32.46 -15.56
N SER A 149 -23.61 33.20 -14.70
CA SER A 149 -22.81 34.34 -15.10
C SER A 149 -21.80 34.03 -16.21
N ARG A 150 -21.17 32.86 -16.13
CA ARG A 150 -20.17 32.50 -17.13
C ARG A 150 -20.68 31.82 -18.40
N LEU A 151 -21.99 31.68 -18.54
CA LEU A 151 -22.53 31.02 -19.72
C LEU A 151 -23.46 31.94 -20.51
N ASN A 152 -23.53 31.73 -21.82
CA ASN A 152 -24.36 32.54 -22.70
C ASN A 152 -25.46 31.70 -23.38
N TRP A 153 -26.70 31.82 -22.91
CA TRP A 153 -27.78 31.04 -23.52
C TRP A 153 -28.17 31.63 -24.86
N LEU A 154 -27.83 30.94 -25.95
CA LEU A 154 -28.20 31.42 -27.27
C LEU A 154 -29.56 30.88 -27.76
N THR A 155 -30.30 31.74 -28.48
CA THR A 155 -31.62 31.41 -29.06
C THR A 155 -31.73 31.99 -30.47
N LYS A 156 -32.78 31.59 -31.18
CA LYS A 156 -33.01 32.05 -32.56
C LYS A 156 -33.12 33.57 -32.64
N SER A 157 -32.78 34.11 -33.82
CA SER A 157 -32.85 35.54 -34.07
C SER A 157 -33.56 35.70 -35.42
N GLU A 158 -34.67 36.42 -35.41
CA GLU A 158 -35.43 36.64 -36.62
C GLU A 158 -35.70 35.32 -37.33
N SER A 159 -36.52 34.49 -36.70
CA SER A 159 -36.91 33.18 -37.25
C SER A 159 -35.79 32.31 -37.83
N ALA A 160 -34.64 32.25 -37.17
CA ALA A 160 -33.56 31.42 -37.69
C ALA A 160 -32.41 31.25 -36.71
N TYR A 161 -31.85 30.04 -36.67
CA TYR A 161 -30.72 29.76 -35.80
C TYR A 161 -29.59 29.34 -36.73
N PRO A 162 -28.64 30.24 -36.97
CA PRO A 162 -27.49 30.02 -37.85
C PRO A 162 -26.73 28.73 -37.56
N VAL A 163 -25.85 28.37 -38.49
CA VAL A 163 -25.00 27.21 -38.30
C VAL A 163 -23.73 27.84 -37.73
N LEU A 164 -23.76 28.07 -36.41
CA LEU A 164 -22.67 28.70 -35.68
C LEU A 164 -21.32 28.07 -35.94
N ASN A 165 -20.30 28.92 -36.07
CA ASN A 165 -18.95 28.48 -36.35
C ASN A 165 -17.95 29.54 -35.93
N VAL A 166 -17.62 29.55 -34.63
CA VAL A 166 -16.67 30.52 -34.08
C VAL A 166 -15.35 29.89 -33.67
N THR A 167 -14.28 30.67 -33.85
CA THR A 167 -12.93 30.25 -33.52
C THR A 167 -12.30 31.17 -32.49
N MET A 168 -11.61 30.57 -31.52
CA MET A 168 -10.94 31.33 -30.47
C MET A 168 -9.57 30.73 -30.25
N PRO A 169 -8.52 31.41 -30.72
CA PRO A 169 -7.13 30.96 -30.62
C PRO A 169 -6.57 31.12 -29.22
N ASN A 170 -5.62 30.25 -28.87
CA ASN A 170 -4.96 30.32 -27.58
C ASN A 170 -3.55 30.85 -27.85
N ASN A 171 -3.42 32.17 -27.83
CA ASN A 171 -2.15 32.84 -28.10
C ASN A 171 -1.32 33.12 -26.86
N ASP A 172 -1.87 32.77 -25.70
CA ASP A 172 -1.17 32.98 -24.44
C ASP A 172 -0.17 31.85 -24.19
N ASN A 173 0.46 31.86 -23.02
CA ASN A 173 1.45 30.84 -22.66
C ASN A 173 0.95 29.84 -21.61
N PHE A 174 -0.35 29.87 -21.33
CA PHE A 174 -0.93 28.97 -20.34
C PHE A 174 -2.16 28.26 -20.90
N ASP A 175 -2.59 27.18 -20.26
CA ASP A 175 -3.76 26.46 -20.75
C ASP A 175 -5.05 27.19 -20.38
N LYS A 176 -6.04 27.16 -21.27
CA LYS A 176 -7.33 27.80 -21.00
C LYS A 176 -8.40 26.75 -20.70
N LEU A 177 -9.22 27.00 -19.69
CA LEU A 177 -10.29 26.06 -19.35
C LEU A 177 -11.65 26.61 -19.81
N TYR A 178 -12.13 26.09 -20.94
CA TYR A 178 -13.42 26.53 -21.43
C TYR A 178 -14.50 25.59 -20.94
N ILE A 179 -15.57 26.16 -20.41
CA ILE A 179 -16.66 25.34 -19.98
C ILE A 179 -17.93 25.84 -20.62
N TRP A 180 -18.51 24.97 -21.44
CA TRP A 180 -19.73 25.29 -22.16
C TRP A 180 -20.78 24.25 -21.82
N GLY A 181 -21.90 24.28 -22.57
CA GLY A 181 -22.99 23.36 -22.39
C GLY A 181 -23.94 23.20 -23.58
N VAL A 182 -24.95 22.34 -23.43
CA VAL A 182 -25.94 22.13 -24.48
C VAL A 182 -27.25 22.03 -23.70
N HIS A 183 -28.34 22.56 -24.28
CA HIS A 183 -29.67 22.57 -23.65
C HIS A 183 -30.64 21.50 -24.14
N HIS A 184 -31.29 20.84 -23.21
CA HIS A 184 -32.25 19.79 -23.51
C HIS A 184 -33.68 20.26 -23.38
N PRO A 185 -34.30 20.70 -24.49
CA PRO A 185 -35.68 21.16 -24.42
C PRO A 185 -36.62 20.11 -23.80
N SER A 186 -37.76 20.55 -23.31
CA SER A 186 -38.72 19.64 -22.69
C SER A 186 -39.67 19.00 -23.73
N THR A 187 -39.82 19.67 -24.88
CA THR A 187 -40.68 19.18 -25.95
C THR A 187 -40.20 19.62 -27.33
N ASN A 188 -40.75 18.99 -28.37
CA ASN A 188 -40.36 19.36 -29.73
C ASN A 188 -40.73 20.79 -30.01
N GLN A 189 -41.92 21.19 -29.57
CA GLN A 189 -42.42 22.55 -29.76
C GLN A 189 -41.41 23.56 -29.24
N GLU A 190 -40.85 23.23 -28.06
CA GLU A 190 -39.86 24.10 -27.45
C GLU A 190 -38.63 24.14 -28.34
N GLN A 191 -38.22 22.95 -28.78
CA GLN A 191 -37.04 22.81 -29.64
C GLN A 191 -37.09 23.75 -30.82
N THR A 192 -38.07 23.53 -31.69
CA THR A 192 -38.22 24.33 -32.89
C THR A 192 -38.48 25.78 -32.54
N ASN A 193 -39.30 25.99 -31.51
CA ASN A 193 -39.63 27.33 -31.10
C ASN A 193 -38.39 28.12 -30.68
N LEU A 194 -37.47 27.45 -29.98
CA LEU A 194 -36.26 28.10 -29.51
C LEU A 194 -35.10 28.09 -30.47
N TYR A 195 -34.93 26.99 -31.22
CA TYR A 195 -33.79 26.88 -32.15
C TYR A 195 -34.17 26.65 -33.61
N VAL A 196 -35.46 26.58 -33.89
CA VAL A 196 -35.94 26.38 -35.26
C VAL A 196 -35.61 25.00 -35.82
N GLN A 197 -34.34 24.60 -35.81
CA GLN A 197 -34.00 23.26 -36.30
C GLN A 197 -34.66 22.29 -35.34
N ALA A 198 -35.21 21.19 -35.88
CA ALA A 198 -35.88 20.18 -35.05
C ALA A 198 -34.89 19.32 -34.27
N SER A 199 -33.61 19.42 -34.60
CA SER A 199 -32.55 18.68 -33.91
C SER A 199 -31.31 19.58 -33.82
N GLY A 200 -30.90 19.89 -32.59
CA GLY A 200 -29.74 20.74 -32.38
C GLY A 200 -28.47 19.92 -32.38
N ARG A 201 -27.32 20.58 -32.25
CA ARG A 201 -26.02 19.92 -32.26
C ARG A 201 -24.92 20.88 -31.82
N VAL A 202 -24.04 20.41 -30.92
CA VAL A 202 -22.93 21.21 -30.42
C VAL A 202 -21.63 20.45 -30.54
N THR A 203 -20.67 21.06 -31.26
CA THR A 203 -19.38 20.44 -31.48
C THR A 203 -18.25 21.40 -31.11
N VAL A 204 -17.54 21.09 -30.03
CA VAL A 204 -16.44 21.92 -29.59
C VAL A 204 -15.16 21.12 -29.77
N SER A 205 -14.24 21.66 -30.56
CA SER A 205 -13.01 20.95 -30.83
C SER A 205 -11.74 21.79 -30.84
N THR A 206 -10.61 21.10 -30.94
CA THR A 206 -9.31 21.72 -30.99
C THR A 206 -8.51 20.85 -31.93
N ARG A 207 -7.22 21.11 -32.08
CA ARG A 207 -6.46 20.29 -32.99
C ARG A 207 -6.17 18.96 -32.34
N ARG A 208 -6.40 18.92 -31.03
CA ARG A 208 -6.12 17.76 -30.21
C ARG A 208 -7.34 16.96 -29.74
N SER A 209 -8.48 17.62 -29.62
CA SER A 209 -9.67 16.95 -29.16
C SER A 209 -10.89 17.38 -29.95
N GLN A 210 -12.01 16.74 -29.65
CA GLN A 210 -13.26 17.04 -30.34
C GLN A 210 -14.38 16.29 -29.67
N GLN A 211 -15.35 17.03 -29.14
CA GLN A 211 -16.47 16.41 -28.48
C GLN A 211 -17.76 17.01 -29.05
N THR A 212 -18.56 16.15 -29.65
CA THR A 212 -19.83 16.57 -30.25
C THR A 212 -20.98 15.98 -29.44
N ILE A 213 -21.84 16.85 -28.90
CA ILE A 213 -22.99 16.46 -28.09
C ILE A 213 -24.29 16.73 -28.82
N ILE A 214 -25.24 15.81 -28.68
CA ILE A 214 -26.53 15.99 -29.33
C ILE A 214 -27.61 16.22 -28.28
N PRO A 215 -28.45 17.23 -28.48
CA PRO A 215 -29.50 17.51 -27.51
C PRO A 215 -30.48 16.35 -27.50
N ASN A 216 -31.25 16.23 -26.43
CA ASN A 216 -32.24 15.15 -26.34
C ASN A 216 -33.53 15.69 -25.74
N ILE A 217 -34.59 15.68 -26.53
CA ILE A 217 -35.90 16.19 -26.11
C ILE A 217 -36.72 15.22 -25.27
N GLY A 218 -37.34 15.76 -24.23
CA GLY A 218 -38.16 14.96 -23.35
C GLY A 218 -38.49 15.70 -22.07
N SER A 219 -39.46 15.19 -21.33
CA SER A 219 -39.90 15.80 -20.08
C SER A 219 -39.15 15.23 -18.86
N ARG A 220 -38.69 16.11 -17.99
CA ARG A 220 -37.97 15.68 -16.79
C ARG A 220 -38.62 16.35 -15.58
N PRO A 221 -38.43 15.78 -14.39
CA PRO A 221 -39.04 16.39 -13.19
C PRO A 221 -38.75 17.89 -13.11
N TRP A 222 -39.78 18.67 -12.80
CA TRP A 222 -39.66 20.13 -12.66
C TRP A 222 -38.68 20.50 -11.57
N VAL A 223 -37.79 21.44 -11.86
CA VAL A 223 -36.84 21.92 -10.88
C VAL A 223 -36.88 23.43 -10.95
N ARG A 224 -37.51 24.04 -9.93
CA ARG A 224 -37.66 25.50 -9.91
C ARG A 224 -38.48 25.84 -11.14
N GLY A 225 -39.44 24.98 -11.44
CA GLY A 225 -40.34 25.18 -12.56
C GLY A 225 -39.88 24.78 -13.95
N GLN A 226 -38.67 24.27 -14.09
CA GLN A 226 -38.20 23.88 -15.42
C GLN A 226 -38.08 22.38 -15.63
N PRO A 227 -38.63 21.86 -16.75
CA PRO A 227 -38.61 20.44 -17.13
C PRO A 227 -37.35 20.18 -17.97
N GLY A 228 -36.83 21.23 -18.60
CA GLY A 228 -35.63 21.11 -19.40
C GLY A 228 -34.37 21.07 -18.55
N ARG A 229 -33.21 20.96 -19.19
CA ARG A 229 -31.94 20.88 -18.46
C ARG A 229 -30.77 21.34 -19.32
N ILE A 230 -29.61 21.42 -18.69
CA ILE A 230 -28.39 21.81 -19.37
C ILE A 230 -27.33 20.78 -18.97
N SER A 231 -26.70 20.16 -19.95
CA SER A 231 -25.63 19.20 -19.67
C SER A 231 -24.37 20.04 -19.86
N ILE A 232 -23.45 19.97 -18.91
CA ILE A 232 -22.23 20.78 -19.01
C ILE A 232 -20.96 20.02 -19.31
N TYR A 233 -20.18 20.58 -20.23
CA TYR A 233 -18.94 20.00 -20.66
C TYR A 233 -17.84 21.03 -20.56
N TRP A 234 -16.60 20.59 -20.72
CA TRP A 234 -15.44 21.47 -20.65
C TRP A 234 -14.36 21.06 -21.65
N THR A 235 -13.47 22.01 -21.94
CA THR A 235 -12.38 21.78 -22.87
C THR A 235 -11.14 22.56 -22.46
N ILE A 236 -9.98 21.93 -22.58
CA ILE A 236 -8.74 22.61 -22.25
C ILE A 236 -8.03 22.90 -23.55
N VAL A 237 -7.68 24.16 -23.77
CA VAL A 237 -7.00 24.52 -24.99
C VAL A 237 -5.57 24.86 -24.63
N LYS A 238 -4.64 24.09 -25.20
CA LYS A 238 -3.22 24.26 -24.96
C LYS A 238 -2.65 25.42 -25.78
N PRO A 239 -1.55 26.02 -25.31
CA PRO A 239 -0.94 27.12 -26.03
C PRO A 239 -0.55 26.71 -27.45
N GLY A 240 -0.90 27.55 -28.43
CA GLY A 240 -0.60 27.25 -29.81
C GLY A 240 -1.81 26.64 -30.51
N ASP A 241 -2.74 26.13 -29.71
CA ASP A 241 -3.95 25.52 -30.26
C ASP A 241 -5.03 26.59 -30.35
N VAL A 242 -6.22 26.17 -30.80
CA VAL A 242 -7.35 27.07 -30.97
C VAL A 242 -8.67 26.34 -30.73
N LEU A 243 -9.65 27.08 -30.25
CA LEU A 243 -10.97 26.55 -29.98
C LEU A 243 -11.95 26.84 -31.11
N VAL A 244 -12.75 25.83 -31.46
CA VAL A 244 -13.75 26.01 -32.50
C VAL A 244 -15.06 25.40 -32.01
N ILE A 245 -16.08 26.25 -31.98
CA ILE A 245 -17.42 25.88 -31.54
C ILE A 245 -18.31 25.93 -32.78
N ASN A 246 -18.90 24.79 -33.13
CA ASN A 246 -19.76 24.70 -34.29
C ASN A 246 -21.11 24.10 -33.87
N SER A 247 -22.18 24.89 -34.01
CA SER A 247 -23.51 24.45 -33.62
C SER A 247 -24.60 25.11 -34.43
N ASN A 248 -25.71 24.39 -34.62
CA ASN A 248 -26.84 24.96 -35.34
C ASN A 248 -28.04 24.87 -34.39
N GLY A 249 -27.77 24.93 -33.08
CA GLY A 249 -28.85 24.89 -32.11
C GLY A 249 -28.57 24.21 -30.78
N ASN A 250 -29.13 24.76 -29.71
CA ASN A 250 -28.99 24.19 -28.37
C ASN A 250 -27.65 24.46 -27.65
N LEU A 251 -26.80 25.33 -28.21
CA LEU A 251 -25.53 25.59 -27.56
C LEU A 251 -25.70 26.62 -26.45
N ILE A 252 -24.99 26.40 -25.34
CA ILE A 252 -24.95 27.33 -24.22
C ILE A 252 -23.49 27.73 -24.33
N ALA A 253 -23.27 28.92 -24.86
CA ALA A 253 -21.94 29.45 -25.12
C ALA A 253 -21.07 29.88 -23.95
N PRO A 254 -19.74 29.76 -24.11
CA PRO A 254 -18.77 30.15 -23.09
C PRO A 254 -18.68 31.66 -23.25
N ARG A 255 -18.21 32.34 -22.22
CA ARG A 255 -18.08 33.79 -22.32
C ARG A 255 -16.60 34.14 -22.29
N GLY A 256 -15.77 33.13 -22.10
CA GLY A 256 -14.33 33.34 -22.02
C GLY A 256 -13.71 32.08 -21.45
N TYR A 257 -12.71 32.20 -20.58
CA TYR A 257 -12.06 31.02 -20.02
C TYR A 257 -11.56 31.21 -18.60
N PHE A 258 -11.11 30.12 -17.99
CA PHE A 258 -10.56 30.15 -16.64
C PHE A 258 -9.07 29.86 -16.73
N LYS A 259 -8.27 30.62 -15.99
CA LYS A 259 -6.83 30.41 -16.03
C LYS A 259 -6.55 29.13 -15.26
N MET A 260 -5.66 28.29 -15.80
CA MET A 260 -5.35 27.03 -15.12
C MET A 260 -3.93 26.96 -14.56
N ARG A 261 -3.85 26.95 -13.23
CA ARG A 261 -2.56 26.88 -12.55
C ARG A 261 -2.45 25.58 -11.79
N THR A 262 -1.22 25.22 -11.47
CA THR A 262 -0.93 24.01 -10.71
C THR A 262 -0.34 24.42 -9.37
N GLY A 263 -0.63 23.65 -8.32
CA GLY A 263 -0.10 24.02 -7.03
C GLY A 263 -0.52 23.05 -5.95
N LYS A 264 -0.86 23.58 -4.78
CA LYS A 264 -1.28 22.74 -3.68
C LYS A 264 -2.74 22.99 -3.32
N SER A 265 -3.50 23.57 -4.24
CA SER A 265 -4.89 23.84 -3.95
C SER A 265 -5.67 22.54 -3.87
N SER A 266 -6.80 22.58 -3.17
CA SER A 266 -7.64 21.40 -3.04
C SER A 266 -8.98 21.79 -2.43
N ILE A 267 -9.87 20.82 -2.28
CA ILE A 267 -11.19 21.10 -1.76
C ILE A 267 -11.51 20.11 -0.65
N MET A 268 -12.41 20.49 0.25
CA MET A 268 -12.79 19.63 1.35
C MET A 268 -14.23 19.92 1.77
N ARG A 269 -14.92 18.87 2.19
CA ARG A 269 -16.31 18.96 2.64
C ARG A 269 -16.28 18.94 4.16
N SER A 270 -16.69 20.04 4.78
CA SER A 270 -16.66 20.12 6.23
C SER A 270 -17.53 21.26 6.74
N ASP A 271 -18.16 21.03 7.89
CA ASP A 271 -19.00 22.04 8.49
C ASP A 271 -18.25 22.71 9.62
N ALA A 272 -16.96 22.43 9.76
CA ALA A 272 -16.16 23.02 10.84
C ALA A 272 -16.01 24.53 10.65
N PRO A 273 -16.18 25.30 11.74
CA PRO A 273 -16.08 26.76 11.73
C PRO A 273 -14.64 27.12 11.43
N ILE A 274 -14.42 28.23 10.75
CA ILE A 274 -13.05 28.63 10.44
C ILE A 274 -12.59 29.74 11.39
N ASP A 275 -11.91 29.32 12.45
CA ASP A 275 -11.41 30.22 13.48
C ASP A 275 -10.09 30.86 13.05
N THR A 276 -9.61 31.79 13.89
CA THR A 276 -8.34 32.47 13.61
C THR A 276 -7.24 31.87 14.45
N CYS A 277 -6.39 31.07 13.81
CA CYS A 277 -5.27 30.42 14.49
C CYS A 277 -4.28 29.93 13.46
N ILE A 278 -3.34 29.09 13.88
CA ILE A 278 -2.34 28.59 12.96
C ILE A 278 -2.16 27.09 13.12
N SER A 279 -2.55 26.33 12.09
CA SER A 279 -2.42 24.87 12.13
C SER A 279 -2.11 24.30 10.75
N GLU A 280 -0.92 23.72 10.64
CA GLU A 280 -0.43 23.11 9.42
C GLU A 280 -1.39 22.07 8.85
N CYS A 281 -1.91 21.20 9.70
CA CYS A 281 -2.80 20.13 9.30
C CYS A 281 -4.30 20.42 9.47
N ILE A 282 -5.07 20.22 8.39
CA ILE A 282 -6.52 20.45 8.38
C ILE A 282 -7.30 19.17 8.08
N THR A 283 -8.38 18.92 8.82
CA THR A 283 -9.22 17.75 8.58
C THR A 283 -10.66 18.25 8.65
N PRO A 284 -11.60 17.45 8.13
CA PRO A 284 -13.00 17.89 8.17
C PRO A 284 -13.50 18.07 9.60
N ASN A 285 -12.78 17.51 10.57
CA ASN A 285 -13.21 17.62 11.96
C ASN A 285 -12.61 18.90 12.55
N GLY A 286 -11.74 19.54 11.78
CA GLY A 286 -11.08 20.76 12.22
C GLY A 286 -9.58 20.60 12.06
N SER A 287 -8.81 21.53 12.59
CA SER A 287 -7.36 21.41 12.49
C SER A 287 -6.88 20.50 13.59
N ILE A 288 -5.64 20.03 13.46
CA ILE A 288 -5.03 19.17 14.46
C ILE A 288 -3.51 19.36 14.46
N PRO A 289 -2.87 19.19 15.63
CA PRO A 289 -1.42 19.33 15.77
C PRO A 289 -0.73 18.21 15.02
N ASN A 290 0.43 18.52 14.44
CA ASN A 290 1.15 17.51 13.69
C ASN A 290 2.45 17.10 14.39
N ASP A 291 2.46 17.16 15.71
CA ASP A 291 3.65 16.78 16.46
C ASP A 291 3.69 15.27 16.68
N LYS A 292 2.55 14.59 16.53
CA LYS A 292 2.52 13.14 16.69
C LYS A 292 2.66 12.48 15.30
N PRO A 293 3.18 11.25 15.25
CA PRO A 293 3.37 10.51 13.98
C PRO A 293 2.09 10.00 13.36
N PHE A 294 1.11 9.72 14.21
CA PHE A 294 -0.15 9.19 13.72
C PHE A 294 -1.34 9.96 14.29
N GLN A 295 -2.48 9.85 13.63
CA GLN A 295 -3.69 10.53 14.05
C GLN A 295 -4.92 9.65 13.80
N ASN A 296 -5.95 9.82 14.61
CA ASN A 296 -7.15 9.01 14.49
C ASN A 296 -8.40 9.88 14.32
N VAL A 297 -8.19 11.13 13.92
CA VAL A 297 -9.31 12.05 13.72
C VAL A 297 -10.13 11.74 12.47
N ASN A 298 -9.48 11.79 11.31
CA ASN A 298 -10.15 11.53 10.04
C ASN A 298 -9.13 11.13 8.98
N LYS A 299 -9.53 10.29 8.04
CA LYS A 299 -8.61 9.86 6.98
C LYS A 299 -8.47 10.95 5.93
N ILE A 300 -9.44 11.86 5.92
CA ILE A 300 -9.42 12.98 5.01
C ILE A 300 -8.52 14.03 5.68
N THR A 301 -7.51 14.52 4.96
CA THR A 301 -6.62 15.50 5.54
C THR A 301 -5.99 16.36 4.48
N TYR A 302 -5.58 17.56 4.85
CA TYR A 302 -4.94 18.49 3.93
C TYR A 302 -3.80 19.22 4.64
N GLY A 303 -2.59 19.10 4.09
CA GLY A 303 -1.42 19.75 4.69
C GLY A 303 -0.42 18.77 5.27
N ALA A 304 0.43 19.23 6.18
CA ALA A 304 1.41 18.35 6.82
C ALA A 304 0.63 17.65 7.91
N CYS A 305 0.31 16.37 7.71
CA CYS A 305 -0.47 15.65 8.69
C CYS A 305 0.06 14.28 9.06
N PRO A 306 -0.24 13.83 10.27
CA PRO A 306 0.22 12.51 10.69
C PRO A 306 -0.56 11.49 9.84
N LYS A 307 -0.04 10.28 9.65
CA LYS A 307 -0.79 9.30 8.87
C LYS A 307 -2.00 8.89 9.71
N TYR A 308 -3.10 8.53 9.05
CA TYR A 308 -4.26 8.10 9.77
C TYR A 308 -4.07 6.63 10.11
N VAL A 309 -4.52 6.22 11.29
CA VAL A 309 -4.41 4.82 11.67
C VAL A 309 -5.65 4.48 12.45
N LYS A 310 -6.03 3.20 12.43
CA LYS A 310 -7.22 2.72 13.12
C LYS A 310 -7.13 2.83 14.63
N GLN A 311 -5.95 2.53 15.17
CA GLN A 311 -5.67 2.61 16.60
C GLN A 311 -5.94 4.01 17.15
N ASN A 312 -6.64 4.09 18.28
CA ASN A 312 -6.96 5.37 18.90
C ASN A 312 -5.91 5.77 19.93
N THR A 313 -4.92 4.90 20.14
CA THR A 313 -3.84 5.19 21.07
C THR A 313 -2.64 4.27 20.93
N LEU A 314 -1.46 4.86 20.80
CA LEU A 314 -0.22 4.09 20.72
C LEU A 314 0.79 4.80 21.58
N LYS A 315 1.21 4.11 22.64
CA LYS A 315 2.16 4.61 23.62
C LYS A 315 3.59 4.24 23.28
N LEU A 316 4.48 5.21 23.20
CA LEU A 316 5.88 4.94 22.94
C LEU A 316 6.54 5.03 24.31
N ALA A 317 7.16 3.94 24.76
CA ALA A 317 7.82 3.93 26.06
C ALA A 317 8.93 4.97 26.13
N THR A 318 9.05 5.64 27.28
CA THR A 318 10.11 6.63 27.43
C THR A 318 10.85 6.48 28.77
N GLY A 319 10.72 5.32 29.40
CA GLY A 319 11.39 5.09 30.66
C GLY A 319 11.48 3.61 30.87
N MET A 320 12.21 3.18 31.88
CA MET A 320 12.39 1.75 32.14
C MET A 320 11.13 1.06 32.59
N ARG A 321 11.23 -0.25 32.83
CA ARG A 321 10.09 -0.96 33.31
C ARG A 321 9.86 -0.50 34.74
N ASN A 322 8.59 -0.37 35.12
CA ASN A 322 8.26 0.08 36.47
C ASN A 322 8.05 -1.10 37.40
N VAL A 323 8.96 -1.30 38.35
CA VAL A 323 8.83 -2.39 39.30
C VAL A 323 8.65 -1.73 40.66
N PRO A 324 7.41 -1.79 41.20
CA PRO A 324 6.89 -1.27 42.47
C PRO A 324 7.70 -1.54 43.72
N GLU A 325 7.17 -2.38 44.61
CA GLU A 325 7.85 -2.72 45.85
C GLU A 325 6.82 -3.35 46.75
N LYS A 326 6.50 -4.61 46.50
CA LYS A 326 5.53 -5.32 47.31
C LYS A 326 4.15 -4.68 47.16
N GLY B 1 13.56 -8.51 30.88
CA GLY B 1 14.65 -7.80 30.14
C GLY B 1 15.76 -8.77 29.86
N LEU B 2 16.45 -8.59 28.74
CA LEU B 2 17.53 -9.49 28.38
C LEU B 2 18.68 -9.53 29.39
N PHE B 3 18.86 -8.45 30.15
CA PHE B 3 19.98 -8.43 31.09
C PHE B 3 19.69 -8.86 32.52
N GLY B 4 18.42 -9.13 32.81
CA GLY B 4 18.03 -9.61 34.12
C GLY B 4 18.41 -8.75 35.31
N ALA B 5 18.63 -7.46 35.09
CA ALA B 5 18.95 -6.57 36.21
C ALA B 5 17.60 -6.09 36.77
N ILE B 6 16.97 -5.17 36.04
CA ILE B 6 15.68 -4.62 36.42
C ILE B 6 14.65 -5.73 36.37
N ALA B 7 13.76 -5.78 37.36
CA ALA B 7 12.73 -6.82 37.41
C ALA B 7 13.45 -8.15 37.27
N GLY B 8 14.65 -8.23 37.84
CA GLY B 8 15.46 -9.43 37.78
C GLY B 8 16.23 -9.62 39.06
N PHE B 9 17.55 -9.73 38.99
CA PHE B 9 18.32 -9.93 40.22
C PHE B 9 18.24 -8.75 41.17
N ILE B 10 17.53 -7.70 40.74
CA ILE B 10 17.33 -6.52 41.57
C ILE B 10 15.84 -6.52 41.87
N GLU B 11 15.48 -7.13 42.99
CA GLU B 11 14.09 -7.26 43.43
C GLU B 11 13.13 -6.21 42.92
N ASN B 12 13.38 -4.95 43.26
CA ASN B 12 12.48 -3.90 42.83
C ASN B 12 13.13 -2.53 42.72
N GLY B 13 12.32 -1.57 42.29
CA GLY B 13 12.81 -0.21 42.13
C GLY B 13 12.69 0.62 43.39
N TRP B 14 13.20 1.84 43.34
CA TRP B 14 13.15 2.72 44.48
C TRP B 14 12.29 3.93 44.19
N GLU B 15 11.14 4.02 44.86
CA GLU B 15 10.25 5.15 44.68
C GLU B 15 10.80 6.37 45.41
N GLY B 16 11.77 6.14 46.30
CA GLY B 16 12.38 7.24 47.03
C GLY B 16 13.35 7.98 46.12
N MET B 17 13.80 7.31 45.07
CA MET B 17 14.71 7.93 44.14
C MET B 17 13.86 8.78 43.21
N ILE B 18 13.99 10.09 43.28
CA ILE B 18 13.20 10.96 42.43
C ILE B 18 14.05 11.90 41.59
N ASP B 19 15.37 11.80 41.76
CA ASP B 19 16.30 12.66 41.06
C ASP B 19 17.15 11.86 40.09
N GLY B 20 16.80 10.58 39.92
CA GLY B 20 17.55 9.75 39.01
C GLY B 20 16.84 8.47 38.59
N TRP B 21 17.45 7.80 37.60
CA TRP B 21 16.93 6.54 37.08
C TRP B 21 17.66 5.42 37.82
N TYR B 22 18.97 5.58 37.96
CA TYR B 22 19.81 4.60 38.63
C TYR B 22 20.61 5.31 39.72
N GLY B 23 20.90 4.57 40.79
CA GLY B 23 21.66 5.11 41.90
C GLY B 23 22.13 4.05 42.88
N PHE B 24 22.79 4.48 43.94
CA PHE B 24 23.29 3.57 44.95
C PHE B 24 22.57 3.83 46.25
N ARG B 25 22.69 2.86 47.15
CA ARG B 25 22.10 2.93 48.47
C ARG B 25 23.06 2.18 49.34
N HIS B 26 23.50 2.80 50.43
CA HIS B 26 24.43 2.16 51.34
C HIS B 26 23.96 2.09 52.78
N GLN B 27 24.81 1.49 53.61
CA GLN B 27 24.60 1.30 55.03
C GLN B 27 25.98 1.04 55.62
N ASN B 28 26.70 2.11 55.89
CA ASN B 28 28.04 2.03 56.46
C ASN B 28 28.02 2.38 57.93
N SER B 29 29.20 2.51 58.51
CA SER B 29 29.31 2.85 59.92
C SER B 29 28.50 4.11 60.25
N GLU B 30 28.54 5.08 59.35
CA GLU B 30 27.82 6.34 59.54
C GLU B 30 26.32 6.28 59.33
N GLY B 31 25.78 5.08 59.14
CA GLY B 31 24.34 4.92 58.91
C GLY B 31 24.02 4.48 57.49
N THR B 32 22.97 5.06 56.90
CA THR B 32 22.57 4.71 55.53
C THR B 32 22.28 5.93 54.66
N GLY B 33 22.49 5.80 53.36
CA GLY B 33 22.25 6.90 52.44
C GLY B 33 21.76 6.49 51.07
N GLN B 34 21.55 7.47 50.21
CA GLN B 34 21.07 7.23 48.85
C GLN B 34 21.44 8.39 47.91
N ALA B 35 22.03 8.05 46.76
CA ALA B 35 22.42 9.05 45.79
C ALA B 35 22.22 8.51 44.36
N ALA B 36 21.72 9.37 43.48
CA ALA B 36 21.47 8.97 42.11
C ALA B 36 22.72 9.11 41.27
N ASP B 37 22.91 8.17 40.34
CA ASP B 37 24.07 8.19 39.44
C ASP B 37 23.71 9.02 38.21
N LEU B 38 24.23 10.24 38.14
CA LEU B 38 23.93 11.12 37.02
C LEU B 38 24.41 10.52 35.71
N LYS B 39 25.69 10.16 35.66
CA LYS B 39 26.29 9.58 34.46
C LYS B 39 25.39 8.52 33.84
N SER B 40 25.11 7.48 34.62
CA SER B 40 24.26 6.38 34.19
C SER B 40 22.88 6.82 33.73
N THR B 41 22.19 7.56 34.60
CA THR B 41 20.87 8.04 34.30
C THR B 41 20.84 8.82 32.98
N GLN B 42 21.71 9.81 32.86
CA GLN B 42 21.77 10.62 31.64
C GLN B 42 21.95 9.76 30.36
N ALA B 43 22.83 8.77 30.42
CA ALA B 43 23.10 7.88 29.27
C ALA B 43 21.81 7.22 28.76
N ALA B 44 20.98 6.74 29.69
CA ALA B 44 19.71 6.13 29.32
C ALA B 44 18.83 7.24 28.74
N ILE B 45 18.65 8.31 29.49
CA ILE B 45 17.81 9.41 29.04
C ILE B 45 18.22 9.96 27.68
N ASP B 46 19.51 10.12 27.46
CA ASP B 46 19.95 10.64 26.17
C ASP B 46 19.58 9.71 25.01
N GLN B 47 19.74 8.41 25.23
CA GLN B 47 19.42 7.44 24.18
C GLN B 47 17.95 7.38 23.89
N ILE B 48 17.13 7.31 24.94
CA ILE B 48 15.69 7.24 24.75
C ILE B 48 15.15 8.50 24.11
N ASN B 49 15.79 9.63 24.40
CA ASN B 49 15.33 10.88 23.81
C ASN B 49 15.62 10.88 22.30
N ARG B 50 16.80 10.41 21.90
CA ARG B 50 17.11 10.34 20.48
C ARG B 50 16.08 9.43 19.83
N LYS B 51 15.85 8.27 20.46
CA LYS B 51 14.89 7.26 19.99
C LYS B 51 13.54 7.90 19.70
N LEU B 52 13.10 8.72 20.65
CA LEU B 52 11.85 9.41 20.54
C LEU B 52 11.85 10.37 19.36
N ASN B 53 12.85 11.25 19.28
CA ASN B 53 12.94 12.26 18.21
C ASN B 53 12.93 11.76 16.76
N ARG B 54 13.38 10.52 16.58
CA ARG B 54 13.38 9.90 15.25
C ARG B 54 11.92 9.59 14.88
N VAL B 55 11.01 9.64 15.85
CA VAL B 55 9.61 9.33 15.59
C VAL B 55 8.62 10.51 15.69
N ILE B 56 9.03 11.62 16.30
CA ILE B 56 8.12 12.75 16.47
C ILE B 56 8.22 13.97 15.53
N GLU B 57 9.42 14.44 15.26
CA GLU B 57 9.61 15.61 14.40
C GLU B 57 9.30 15.29 12.94
N LYS B 58 8.60 14.18 12.67
CA LYS B 58 8.41 13.81 11.28
C LYS B 58 7.01 13.49 10.73
N THR B 59 6.62 14.25 9.70
CA THR B 59 5.33 14.10 9.01
C THR B 59 5.46 14.72 7.62
N ASN B 60 4.89 14.10 6.60
CA ASN B 60 4.96 14.65 5.24
C ASN B 60 3.68 15.37 4.79
N GLU B 61 3.79 16.21 3.76
CA GLU B 61 2.64 16.93 3.24
C GLU B 61 1.97 16.28 2.05
N LYS B 62 0.64 16.34 2.06
CA LYS B 62 -0.18 15.80 1.01
C LYS B 62 -1.32 16.79 0.88
N PHE B 63 -1.57 17.30 -0.32
CA PHE B 63 -2.64 18.26 -0.51
C PHE B 63 -3.84 17.66 -1.25
N HIS B 64 -3.85 17.84 -2.57
CA HIS B 64 -4.88 17.31 -3.44
C HIS B 64 -4.68 15.80 -3.55
N GLN B 65 -5.68 15.04 -3.11
CA GLN B 65 -5.58 13.59 -3.13
C GLN B 65 -6.82 12.99 -3.79
N ILE B 66 -7.38 11.93 -3.21
CA ILE B 66 -8.59 11.34 -3.75
C ILE B 66 -9.72 11.49 -2.74
N GLU B 67 -10.96 11.54 -3.21
CA GLU B 67 -12.09 11.64 -2.29
C GLU B 67 -12.11 10.36 -1.46
N LYS B 68 -12.77 10.39 -0.31
CA LYS B 68 -12.81 9.21 0.55
C LYS B 68 -14.19 8.95 1.18
N GLU B 69 -15.14 9.82 0.88
CA GLU B 69 -16.51 9.69 1.36
C GLU B 69 -17.39 9.90 0.12
N PHE B 70 -18.50 9.18 0.05
CA PHE B 70 -19.37 9.30 -1.10
C PHE B 70 -20.81 9.35 -0.71
N SER B 71 -21.54 10.21 -1.41
CA SER B 71 -22.97 10.42 -1.18
C SER B 71 -23.84 9.50 -2.03
N GLU B 72 -23.30 8.99 -3.14
CA GLU B 72 -24.08 8.11 -4.00
C GLU B 72 -23.35 6.80 -4.33
N VAL B 73 -24.12 5.79 -4.71
CA VAL B 73 -23.59 4.51 -5.09
C VAL B 73 -23.12 4.67 -6.53
N GLU B 74 -21.94 4.15 -6.88
CA GLU B 74 -21.42 4.27 -8.25
C GLU B 74 -20.89 2.94 -8.85
N GLY B 75 -20.21 2.15 -8.03
CA GLY B 75 -19.69 0.89 -8.52
C GLY B 75 -18.18 0.69 -8.61
N ARG B 76 -17.78 0.16 -9.77
CA ARG B 76 -16.39 -0.16 -10.02
C ARG B 76 -15.39 0.89 -9.57
N ILE B 77 -15.45 2.06 -10.18
CA ILE B 77 -14.51 3.11 -9.85
C ILE B 77 -14.48 3.44 -8.34
N GLN B 78 -15.64 3.61 -7.74
CA GLN B 78 -15.66 3.92 -6.32
C GLN B 78 -15.08 2.79 -5.50
N ASP B 79 -15.41 1.55 -5.84
CA ASP B 79 -14.87 0.44 -5.07
C ASP B 79 -13.36 0.58 -4.99
N LEU B 80 -12.74 0.84 -6.13
CA LEU B 80 -11.31 0.96 -6.17
C LEU B 80 -10.83 2.09 -5.28
N GLU B 81 -11.52 3.22 -5.29
CA GLU B 81 -11.10 4.34 -4.45
C GLU B 81 -11.09 3.93 -2.98
N LYS B 82 -12.13 3.19 -2.56
CA LYS B 82 -12.20 2.76 -1.17
C LYS B 82 -11.16 1.69 -0.88
N TYR B 83 -11.05 0.69 -1.76
CA TYR B 83 -10.07 -0.38 -1.52
C TYR B 83 -8.70 0.26 -1.31
N VAL B 84 -8.30 1.13 -2.23
CA VAL B 84 -7.02 1.81 -2.11
C VAL B 84 -6.84 2.48 -0.75
N GLU B 85 -7.77 3.35 -0.36
CA GLU B 85 -7.62 4.01 0.93
C GLU B 85 -7.60 3.01 2.08
N ASP B 86 -8.50 2.05 2.07
CA ASP B 86 -8.56 1.05 3.14
C ASP B 86 -7.24 0.28 3.19
N THR B 87 -6.72 -0.11 2.03
CA THR B 87 -5.47 -0.87 1.97
C THR B 87 -4.36 -0.02 2.60
N LYS B 88 -4.32 1.26 2.22
CA LYS B 88 -3.34 2.20 2.76
C LYS B 88 -3.44 2.26 4.28
N ILE B 89 -4.66 2.47 4.77
CA ILE B 89 -4.88 2.56 6.18
C ILE B 89 -4.43 1.33 6.97
N ASP B 90 -4.71 0.12 6.47
CA ASP B 90 -4.28 -1.04 7.24
C ASP B 90 -2.76 -1.17 7.30
N LEU B 91 -2.10 -0.87 6.18
CA LEU B 91 -0.64 -0.96 6.09
C LEU B 91 0.02 -0.05 7.09
N TRP B 92 -0.50 1.16 7.23
CA TRP B 92 0.07 2.08 8.20
C TRP B 92 -0.26 1.68 9.62
N SER B 93 -1.51 1.27 9.83
CA SER B 93 -1.92 0.83 11.14
C SER B 93 -0.96 -0.30 11.55
N TYR B 94 -0.66 -1.17 10.61
CA TYR B 94 0.24 -2.27 10.92
C TYR B 94 1.60 -1.69 11.30
N ASN B 95 2.13 -0.79 10.47
CA ASN B 95 3.41 -0.14 10.74
C ASN B 95 3.46 0.48 12.14
N ALA B 96 2.44 1.27 12.48
CA ALA B 96 2.44 1.89 13.82
C ALA B 96 2.50 0.84 14.91
N GLU B 97 1.58 -0.13 14.86
CA GLU B 97 1.55 -1.18 15.84
C GLU B 97 2.94 -1.79 16.02
N LEU B 98 3.56 -2.20 14.91
CA LEU B 98 4.89 -2.81 14.96
C LEU B 98 6.03 -1.90 15.44
N LEU B 99 5.95 -0.61 15.11
CA LEU B 99 6.94 0.36 15.55
C LEU B 99 7.00 0.41 17.10
N VAL B 100 5.90 0.77 17.75
CA VAL B 100 5.91 0.83 19.21
C VAL B 100 6.31 -0.53 19.81
N ALA B 101 5.78 -1.61 19.26
CA ALA B 101 6.11 -2.94 19.79
C ALA B 101 7.63 -3.15 19.82
N LEU B 102 8.25 -2.99 18.67
CA LEU B 102 9.69 -3.13 18.57
C LEU B 102 10.41 -2.11 19.45
N GLU B 103 10.06 -0.83 19.28
CA GLU B 103 10.66 0.27 20.04
C GLU B 103 10.60 0.01 21.54
N ASN B 104 9.39 -0.22 22.02
CA ASN B 104 9.21 -0.47 23.44
C ASN B 104 10.05 -1.65 23.90
N GLN B 105 9.94 -2.78 23.23
CA GLN B 105 10.72 -3.95 23.65
C GLN B 105 12.19 -3.56 23.77
N HIS B 106 12.70 -2.81 22.80
CA HIS B 106 14.10 -2.35 22.80
C HIS B 106 14.33 -1.35 23.92
N THR B 107 13.37 -0.46 24.18
CA THR B 107 13.52 0.52 25.26
C THR B 107 13.62 -0.16 26.64
N ILE B 108 12.85 -1.21 26.85
CA ILE B 108 12.90 -1.92 28.11
C ILE B 108 14.25 -2.62 28.25
N ASP B 109 14.72 -3.30 27.20
CA ASP B 109 16.04 -3.97 27.28
C ASP B 109 17.20 -3.00 27.46
N LEU B 110 17.13 -1.84 26.81
CA LEU B 110 18.18 -0.81 26.91
C LEU B 110 18.31 -0.26 28.33
N ALA B 111 17.18 0.08 28.93
CA ALA B 111 17.19 0.62 30.29
C ALA B 111 17.77 -0.42 31.23
N ASP B 112 17.48 -1.68 30.92
CA ASP B 112 17.93 -2.82 31.71
C ASP B 112 19.44 -3.01 31.55
N SER B 113 19.89 -2.76 30.33
CA SER B 113 21.30 -2.89 30.01
C SER B 113 22.05 -1.78 30.73
N GLU B 114 21.54 -0.55 30.66
CA GLU B 114 22.24 0.53 31.33
C GLU B 114 22.38 0.25 32.85
N MET B 115 21.38 -0.38 33.46
CA MET B 115 21.44 -0.70 34.88
C MET B 115 22.59 -1.66 35.11
N ASN B 116 22.63 -2.72 34.31
CA ASN B 116 23.66 -3.74 34.42
C ASN B 116 25.04 -3.13 34.20
N LYS B 117 25.15 -2.22 33.22
CA LYS B 117 26.44 -1.57 32.97
C LYS B 117 26.94 -0.91 34.25
N LEU B 118 26.05 -0.22 34.96
CA LEU B 118 26.44 0.46 36.18
C LEU B 118 26.96 -0.54 37.22
N PHE B 119 26.25 -1.66 37.34
CA PHE B 119 26.61 -2.71 38.28
C PHE B 119 27.99 -3.24 38.00
N GLU B 120 28.26 -3.48 36.72
CA GLU B 120 29.54 -4.00 36.28
C GLU B 120 30.64 -2.98 36.48
N LYS B 121 30.33 -1.72 36.18
CA LYS B 121 31.29 -0.64 36.34
C LYS B 121 31.71 -0.58 37.80
N THR B 122 30.77 -0.87 38.69
CA THR B 122 31.01 -0.83 40.13
C THR B 122 31.84 -2.01 40.59
N ARG B 123 31.41 -3.22 40.20
CA ARG B 123 32.11 -4.46 40.55
C ARG B 123 33.58 -4.41 40.19
N ARG B 124 33.87 -3.90 39.01
CA ARG B 124 35.23 -3.81 38.56
C ARG B 124 36.04 -2.82 39.37
N GLN B 125 35.38 -1.76 39.86
CA GLN B 125 36.05 -0.74 40.65
C GLN B 125 36.49 -1.36 41.97
N LEU B 126 35.55 -1.98 42.65
CA LEU B 126 35.81 -2.62 43.93
C LEU B 126 36.85 -3.75 43.92
N ARG B 127 37.13 -4.31 42.75
CA ARG B 127 38.11 -5.40 42.64
C ARG B 127 37.93 -6.55 43.63
N GLU B 128 38.93 -6.80 44.47
CA GLU B 128 38.88 -7.89 45.43
C GLU B 128 38.44 -7.48 46.83
N ASN B 129 38.02 -6.22 46.98
CA ASN B 129 37.59 -5.67 48.27
C ASN B 129 36.11 -5.91 48.62
N ALA B 130 35.32 -6.31 47.62
CA ALA B 130 33.89 -6.56 47.82
C ALA B 130 33.43 -7.89 47.20
N GLU B 131 32.20 -8.28 47.52
CA GLU B 131 31.61 -9.51 47.00
C GLU B 131 30.15 -9.27 46.59
N ASP B 132 29.75 -9.82 45.46
CA ASP B 132 28.39 -9.64 44.98
C ASP B 132 27.45 -10.57 45.75
N MET B 133 26.56 -9.96 46.52
CA MET B 133 25.62 -10.72 47.33
C MET B 133 24.47 -11.32 46.54
N GLY B 134 24.39 -11.01 45.25
CA GLY B 134 23.33 -11.54 44.40
C GLY B 134 22.03 -10.76 44.28
N ASN B 135 21.96 -9.61 44.93
CA ASN B 135 20.74 -8.80 44.91
C ASN B 135 21.01 -7.37 44.44
N GLY B 136 22.13 -7.18 43.76
CA GLY B 136 22.45 -5.84 43.29
C GLY B 136 23.28 -5.07 44.31
N CYS B 137 23.58 -5.70 45.44
CA CYS B 137 24.37 -5.07 46.48
C CYS B 137 25.74 -5.72 46.63
N PHE B 138 26.75 -4.91 46.91
CA PHE B 138 28.10 -5.38 47.11
C PHE B 138 28.43 -5.27 48.58
N LYS B 139 29.02 -6.32 49.12
CA LYS B 139 29.43 -6.33 50.51
C LYS B 139 30.90 -5.94 50.50
N ILE B 140 31.17 -4.70 50.89
CA ILE B 140 32.53 -4.19 50.94
C ILE B 140 33.17 -4.70 52.23
N TYR B 141 34.22 -5.50 52.11
CA TYR B 141 34.86 -6.06 53.29
C TYR B 141 35.83 -5.17 54.03
N HIS B 142 35.51 -3.89 54.15
CA HIS B 142 36.40 -2.96 54.84
C HIS B 142 35.66 -1.70 55.27
N LYS B 143 36.08 -1.11 56.40
CA LYS B 143 35.44 0.10 56.88
C LYS B 143 35.45 1.11 55.76
N CYS B 144 34.24 1.50 55.36
CA CYS B 144 34.01 2.44 54.28
C CYS B 144 33.06 3.55 54.72
N ASP B 145 33.61 4.65 55.21
CA ASP B 145 32.76 5.77 55.64
C ASP B 145 32.19 6.52 54.44
N ASN B 146 31.39 7.55 54.71
CA ASN B 146 30.77 8.33 53.65
C ASN B 146 31.75 8.76 52.56
N ALA B 147 32.95 9.16 52.95
CA ALA B 147 33.95 9.59 51.97
C ALA B 147 34.30 8.41 51.08
N CYS B 148 34.65 7.29 51.71
CA CYS B 148 34.99 6.07 50.99
C CYS B 148 33.90 5.70 49.97
N ILE B 149 32.65 5.72 50.40
CA ILE B 149 31.54 5.43 49.49
C ILE B 149 31.48 6.47 48.37
N GLU B 150 31.61 7.75 48.73
CA GLU B 150 31.55 8.79 47.72
C GLU B 150 32.59 8.58 46.63
N SER B 151 33.79 8.20 47.01
CA SER B 151 34.84 7.99 46.03
C SER B 151 34.38 6.90 45.04
N ILE B 152 33.63 5.93 45.53
CA ILE B 152 33.14 4.85 44.67
C ILE B 152 32.15 5.42 43.65
N ARG B 153 31.14 6.13 44.14
CA ARG B 153 30.14 6.73 43.28
C ARG B 153 30.73 7.70 42.28
N ASN B 154 31.76 8.46 42.68
CA ASN B 154 32.36 9.38 41.73
C ASN B 154 33.48 8.71 40.95
N GLY B 155 33.64 7.42 41.17
CA GLY B 155 34.66 6.64 40.46
C GLY B 155 36.14 6.89 40.71
N THR B 156 36.51 7.39 41.89
CA THR B 156 37.91 7.65 42.21
C THR B 156 38.45 6.69 43.26
N TYR B 157 37.61 5.72 43.64
CA TYR B 157 37.95 4.69 44.63
C TYR B 157 39.26 3.99 44.29
N ASP B 158 40.19 3.97 45.25
CA ASP B 158 41.52 3.36 45.09
C ASP B 158 41.54 2.00 45.80
N HIS B 159 41.29 0.93 45.07
CA HIS B 159 41.25 -0.40 45.66
C HIS B 159 42.44 -0.88 46.48
N ASP B 160 43.66 -0.43 46.13
CA ASP B 160 44.87 -0.84 46.86
C ASP B 160 44.83 -0.44 48.33
N ILE B 161 44.43 0.81 48.56
CA ILE B 161 44.33 1.37 49.91
C ILE B 161 43.60 0.46 50.89
N TYR B 162 42.67 -0.36 50.39
CA TYR B 162 41.91 -1.23 51.28
C TYR B 162 42.11 -2.71 51.03
N ARG B 163 42.82 -3.06 49.96
CA ARG B 163 43.01 -4.48 49.61
C ARG B 163 43.39 -5.37 50.79
N ASP B 164 44.47 -5.02 51.49
CA ASP B 164 44.92 -5.81 52.62
C ASP B 164 43.82 -5.99 53.66
N GLU B 165 43.31 -4.87 54.16
CA GLU B 165 42.25 -4.90 55.16
C GLU B 165 41.12 -5.81 54.70
N ALA B 166 40.73 -5.62 53.44
CA ALA B 166 39.66 -6.38 52.80
C ALA B 166 39.95 -7.86 52.66
N LEU B 167 41.10 -8.20 52.10
CA LEU B 167 41.49 -9.59 51.90
C LEU B 167 41.48 -10.35 53.22
N ASN B 168 41.88 -9.66 54.29
CA ASN B 168 41.90 -10.30 55.60
C ASN B 168 40.50 -10.71 56.03
N ASN B 169 39.54 -9.78 55.90
CA ASN B 169 38.13 -10.03 56.26
C ASN B 169 37.50 -11.11 55.39
N ARG B 170 37.78 -11.04 54.10
CA ARG B 170 37.24 -11.99 53.16
C ARG B 170 37.71 -13.41 53.43
N PHE B 171 39.02 -13.59 53.58
CA PHE B 171 39.56 -14.93 53.80
C PHE B 171 40.14 -15.25 55.18
N GLN B 172 39.32 -15.08 56.22
CA GLN B 172 39.74 -15.37 57.59
C GLN B 172 38.65 -16.17 58.32
N SER C 9 35.45 -35.03 47.80
CA SER C 9 36.05 -33.76 48.30
C SER C 9 35.37 -32.51 47.73
N THR C 10 35.33 -32.38 46.41
CA THR C 10 34.68 -31.25 45.74
C THR C 10 33.51 -31.85 44.96
N ALA C 11 32.55 -31.02 44.58
CA ALA C 11 31.40 -31.49 43.78
C ALA C 11 31.39 -30.73 42.48
N THR C 12 30.73 -31.27 41.46
CA THR C 12 30.71 -30.60 40.16
C THR C 12 29.29 -30.40 39.61
N LEU C 13 28.84 -29.15 39.56
CA LEU C 13 27.49 -28.83 39.09
C LEU C 13 27.50 -28.13 37.75
N CYS C 14 26.80 -28.69 36.77
CA CYS C 14 26.76 -28.10 35.41
C CYS C 14 25.40 -27.57 34.97
N LEU C 15 25.39 -26.43 34.32
CA LEU C 15 24.13 -25.88 33.83
C LEU C 15 23.98 -26.16 32.36
N GLY C 16 22.74 -26.31 31.91
CA GLY C 16 22.53 -26.58 30.50
C GLY C 16 21.13 -26.30 30.04
N HIS C 17 20.91 -26.54 28.75
CA HIS C 17 19.62 -26.34 28.12
C HIS C 17 19.36 -27.57 27.27
N HIS C 18 18.12 -27.79 26.86
CA HIS C 18 17.81 -28.96 26.08
C HIS C 18 18.09 -28.81 24.60
N ALA C 19 17.77 -29.87 23.89
CA ALA C 19 17.97 -29.94 22.45
C ALA C 19 17.12 -31.07 21.94
N VAL C 20 16.81 -31.03 20.65
CA VAL C 20 15.98 -32.07 20.05
C VAL C 20 16.71 -32.80 18.93
N PRO C 21 16.34 -34.09 18.75
CA PRO C 21 16.89 -35.00 17.72
C PRO C 21 16.83 -34.37 16.36
N ASN C 22 15.61 -34.09 15.92
CA ASN C 22 15.39 -33.42 14.64
C ASN C 22 14.70 -32.10 14.96
N GLY C 23 15.37 -30.97 14.74
CA GLY C 23 14.77 -29.68 15.04
C GLY C 23 13.98 -29.08 13.89
N THR C 24 13.84 -27.76 13.91
CA THR C 24 13.11 -27.05 12.85
C THR C 24 13.93 -25.89 12.28
N ILE C 25 13.99 -25.76 10.95
CA ILE C 25 14.74 -24.67 10.33
C ILE C 25 13.94 -23.39 10.16
N VAL C 26 14.58 -22.28 10.52
CA VAL C 26 13.93 -20.96 10.48
C VAL C 26 14.80 -19.84 9.89
N LYS C 27 14.23 -18.66 9.63
CA LYS C 27 15.02 -17.54 9.10
C LYS C 27 15.11 -16.39 10.10
N THR C 28 16.32 -15.85 10.27
CA THR C 28 16.55 -14.72 11.17
C THR C 28 17.10 -13.51 10.42
N ILE C 29 17.73 -12.61 11.15
CA ILE C 29 18.31 -11.43 10.54
C ILE C 29 19.73 -11.75 10.13
N THR C 30 20.25 -12.87 10.62
CA THR C 30 21.62 -13.29 10.29
C THR C 30 21.71 -14.73 9.80
N ASP C 31 20.57 -15.31 9.41
CA ASP C 31 20.53 -16.69 8.92
C ASP C 31 19.25 -16.92 8.15
N ASP C 32 19.37 -17.17 6.86
CA ASP C 32 18.16 -17.47 6.08
C ASP C 32 17.88 -18.94 6.41
N GLN C 33 18.79 -19.52 7.21
CA GLN C 33 18.70 -20.91 7.64
C GLN C 33 19.44 -21.22 8.95
N ILE C 34 18.68 -21.31 10.02
CA ILE C 34 19.28 -21.66 11.30
C ILE C 34 18.25 -22.63 11.90
N GLU C 35 18.63 -23.40 12.90
CA GLU C 35 17.73 -24.42 13.44
C GLU C 35 17.26 -24.22 14.88
N VAL C 36 15.93 -24.27 15.10
CA VAL C 36 15.37 -24.12 16.43
C VAL C 36 14.69 -25.42 16.89
N THR C 37 14.45 -25.50 18.19
CA THR C 37 13.82 -26.69 18.78
C THR C 37 12.34 -26.85 18.38
N ASN C 38 11.66 -25.74 18.12
CA ASN C 38 10.25 -25.77 17.79
C ASN C 38 9.83 -24.43 17.15
N ALA C 39 8.94 -24.50 16.17
CA ALA C 39 8.46 -23.33 15.42
C ALA C 39 7.00 -23.60 15.07
N THR C 40 6.28 -22.55 14.67
CA THR C 40 4.88 -22.67 14.33
C THR C 40 4.72 -22.00 12.97
N GLU C 41 3.77 -22.49 12.18
CA GLU C 41 3.53 -21.99 10.83
C GLU C 41 2.70 -20.72 10.75
N LEU C 42 3.26 -19.67 10.15
CA LEU C 42 2.51 -18.42 10.02
C LEU C 42 1.69 -18.31 8.74
N VAL C 43 1.88 -19.21 7.79
CA VAL C 43 1.14 -19.13 6.54
C VAL C 43 0.19 -20.29 6.29
N GLN C 44 -1.11 -20.00 6.20
CA GLN C 44 -2.11 -21.02 5.91
C GLN C 44 -1.91 -21.37 4.44
N SER C 45 -1.42 -22.56 4.16
CA SER C 45 -1.20 -22.96 2.79
C SER C 45 -2.37 -23.82 2.30
N SER C 46 -3.09 -24.49 3.18
CA SER C 46 -4.15 -25.35 2.68
C SER C 46 -5.61 -25.03 2.94
N SER C 47 -6.43 -25.36 1.94
CA SER C 47 -7.87 -25.15 1.99
C SER C 47 -8.62 -26.48 2.04
N THR C 48 -9.84 -26.45 2.57
CA THR C 48 -10.65 -27.65 2.66
C THR C 48 -11.20 -28.04 1.28
N GLY C 49 -11.30 -27.08 0.36
CA GLY C 49 -11.83 -27.36 -0.96
C GLY C 49 -13.32 -27.09 -0.99
N LYS C 50 -13.89 -26.78 0.16
CA LYS C 50 -15.32 -26.53 0.26
C LYS C 50 -15.66 -25.25 1.00
N ILE C 51 -16.83 -24.69 0.70
CA ILE C 51 -17.26 -23.46 1.31
C ILE C 51 -18.24 -23.72 2.45
N CYS C 52 -17.85 -23.35 3.67
CA CYS C 52 -18.74 -23.60 4.76
C CYS C 52 -20.03 -22.89 4.57
N ASN C 53 -21.06 -23.49 5.11
CA ASN C 53 -22.37 -22.90 5.01
C ASN C 53 -22.63 -21.74 5.94
N ASN C 54 -21.87 -21.44 7.00
CA ASN C 54 -22.49 -20.34 7.70
C ASN C 54 -22.18 -19.23 8.67
N PRO C 55 -20.93 -18.60 8.68
CA PRO C 55 -21.34 -17.66 9.69
C PRO C 55 -22.20 -16.75 8.77
N HIS C 56 -21.78 -16.77 7.48
CA HIS C 56 -22.35 -16.04 6.35
C HIS C 56 -23.46 -16.69 5.54
N ARG C 57 -24.46 -15.87 5.20
CA ARG C 57 -25.57 -16.32 4.38
C ARG C 57 -25.06 -16.51 2.95
N ILE C 58 -24.84 -17.76 2.56
CA ILE C 58 -24.33 -18.06 1.22
C ILE C 58 -25.41 -18.45 0.21
N LEU C 59 -25.35 -17.82 -0.95
CA LEU C 59 -26.31 -18.05 -2.04
C LEU C 59 -25.54 -18.53 -3.27
N ASP C 60 -25.89 -19.73 -3.72
CA ASP C 60 -25.26 -20.34 -4.86
C ASP C 60 -26.03 -19.96 -6.10
N GLY C 61 -25.40 -19.20 -6.99
CA GLY C 61 -26.07 -18.80 -8.21
C GLY C 61 -26.54 -19.99 -9.02
N ARG C 62 -25.80 -21.09 -8.92
CA ARG C 62 -26.11 -22.31 -9.66
C ARG C 62 -25.89 -22.12 -11.15
N ALA C 63 -26.91 -21.81 -11.93
CA ALA C 63 -26.63 -21.68 -13.34
C ALA C 63 -26.92 -20.25 -13.73
N CYS C 64 -27.11 -19.41 -12.72
CA CYS C 64 -27.42 -18.00 -12.94
C CYS C 64 -26.34 -17.05 -12.46
N THR C 65 -26.10 -16.00 -13.23
CA THR C 65 -25.16 -14.99 -12.78
C THR C 65 -26.07 -14.07 -11.96
N LEU C 66 -25.48 -13.22 -11.13
CA LEU C 66 -26.27 -12.30 -10.32
C LEU C 66 -27.16 -11.43 -11.24
N ILE C 67 -26.58 -10.88 -12.31
CA ILE C 67 -27.35 -10.05 -13.23
C ILE C 67 -28.62 -10.72 -13.76
N ASP C 68 -28.45 -11.85 -14.44
CA ASP C 68 -29.59 -12.60 -14.97
C ASP C 68 -30.66 -12.86 -13.92
N ALA C 69 -30.24 -12.98 -12.67
CA ALA C 69 -31.20 -13.19 -11.60
C ALA C 69 -31.90 -11.87 -11.36
N LEU C 70 -31.14 -10.79 -11.46
CA LEU C 70 -31.64 -9.43 -11.28
C LEU C 70 -32.62 -9.05 -12.38
N LEU C 71 -32.27 -9.42 -13.61
CA LEU C 71 -33.13 -9.11 -14.76
C LEU C 71 -34.34 -10.02 -14.81
N GLY C 72 -34.17 -11.25 -14.39
CA GLY C 72 -35.29 -12.17 -14.39
C GLY C 72 -35.27 -13.18 -15.53
N ASP C 73 -34.09 -13.65 -15.87
CA ASP C 73 -33.97 -14.67 -16.90
C ASP C 73 -34.83 -15.84 -16.42
N PRO C 74 -35.75 -16.32 -17.27
CA PRO C 74 -36.62 -17.44 -16.84
C PRO C 74 -36.06 -18.50 -15.89
N HIS C 75 -34.90 -19.09 -16.19
CA HIS C 75 -34.40 -20.11 -15.29
C HIS C 75 -33.83 -19.55 -14.01
N CYS C 76 -33.64 -18.23 -13.99
CA CYS C 76 -33.11 -17.56 -12.82
C CYS C 76 -34.26 -17.02 -12.01
N ASP C 77 -35.44 -17.55 -12.24
CA ASP C 77 -36.59 -17.05 -11.52
C ASP C 77 -36.63 -17.52 -10.09
N VAL C 78 -35.92 -18.59 -9.78
CA VAL C 78 -35.90 -19.07 -8.42
C VAL C 78 -35.22 -18.09 -7.49
N PHE C 79 -34.27 -17.31 -8.02
CA PHE C 79 -33.56 -16.35 -7.19
C PHE C 79 -34.38 -15.11 -6.93
N GLN C 80 -35.65 -15.16 -7.31
CA GLN C 80 -36.54 -14.03 -7.07
C GLN C 80 -36.65 -13.65 -5.62
N ASN C 81 -36.28 -12.39 -5.33
CA ASN C 81 -36.32 -11.78 -3.99
C ASN C 81 -35.37 -12.35 -2.96
N GLU C 82 -34.44 -13.14 -3.46
CA GLU C 82 -33.45 -13.79 -2.64
C GLU C 82 -32.49 -12.79 -2.03
N THR C 83 -31.81 -13.18 -0.94
CA THR C 83 -30.85 -12.32 -0.26
C THR C 83 -29.56 -13.10 -0.10
N TRP C 84 -28.51 -12.45 0.37
CA TRP C 84 -27.24 -13.15 0.49
C TRP C 84 -26.18 -12.29 1.13
N ASP C 85 -25.30 -12.92 1.89
CA ASP C 85 -24.19 -12.21 2.49
C ASP C 85 -23.12 -12.35 1.42
N LEU C 86 -23.14 -13.47 0.72
CA LEU C 86 -22.15 -13.71 -0.32
C LEU C 86 -22.78 -14.49 -1.44
N PHE C 87 -22.88 -13.90 -2.61
CA PHE C 87 -23.45 -14.60 -3.76
C PHE C 87 -22.32 -15.35 -4.44
N VAL C 88 -22.59 -16.57 -4.92
CA VAL C 88 -21.55 -17.38 -5.57
C VAL C 88 -21.79 -17.68 -7.05
N GLU C 89 -21.14 -16.92 -7.94
CA GLU C 89 -21.31 -17.14 -9.38
C GLU C 89 -20.44 -18.29 -9.90
N ARG C 90 -21.08 -19.24 -10.57
CA ARG C 90 -20.40 -20.41 -11.11
C ARG C 90 -19.86 -20.21 -12.53
N SER C 91 -18.78 -20.91 -12.83
CA SER C 91 -18.15 -20.84 -14.13
C SER C 91 -19.06 -21.34 -15.26
N ASN C 92 -19.94 -22.29 -14.97
CA ASN C 92 -20.82 -22.82 -16.00
C ASN C 92 -22.22 -22.26 -16.03
N ALA C 93 -22.37 -21.01 -15.58
CA ALA C 93 -23.68 -20.38 -15.60
C ALA C 93 -23.91 -19.95 -17.06
N PHE C 94 -25.17 -19.83 -17.49
CA PHE C 94 -25.50 -19.45 -18.86
C PHE C 94 -26.75 -18.59 -18.87
N SER C 95 -27.00 -17.96 -20.02
CA SER C 95 -28.15 -17.11 -20.22
C SER C 95 -29.08 -17.75 -21.27
N ASN C 96 -30.38 -17.80 -20.97
CA ASN C 96 -31.32 -18.41 -21.89
C ASN C 96 -32.46 -17.46 -22.24
N CYS C 97 -32.17 -16.17 -22.17
CA CYS C 97 -33.17 -15.16 -22.45
C CYS C 97 -32.83 -14.28 -23.64
N TYR C 98 -33.46 -13.11 -23.78
CA TYR C 98 -33.16 -12.23 -24.93
C TYR C 98 -31.74 -11.62 -24.86
N PRO C 99 -31.03 -11.57 -26.02
CA PRO C 99 -29.66 -11.00 -26.16
C PRO C 99 -29.56 -9.61 -25.58
N TYR C 100 -28.78 -9.43 -24.53
CA TYR C 100 -28.66 -8.11 -23.91
C TYR C 100 -27.22 -7.64 -23.76
N ASP C 101 -27.07 -6.36 -23.41
CA ASP C 101 -25.77 -5.72 -23.28
C ASP C 101 -25.88 -4.64 -22.18
N ILE C 102 -24.98 -4.64 -21.20
CA ILE C 102 -25.06 -3.64 -20.13
C ILE C 102 -23.84 -2.73 -20.02
N PRO C 103 -24.00 -1.47 -20.43
CA PRO C 103 -22.85 -0.56 -20.32
C PRO C 103 -22.49 -0.46 -18.85
N ASP C 104 -21.24 -0.77 -18.52
CA ASP C 104 -20.77 -0.71 -17.13
C ASP C 104 -21.37 -1.85 -16.29
N TYR C 105 -21.48 -3.00 -16.94
CA TYR C 105 -21.99 -4.24 -16.37
C TYR C 105 -21.36 -4.46 -15.01
N ALA C 106 -20.04 -4.35 -14.95
CA ALA C 106 -19.30 -4.56 -13.73
C ALA C 106 -19.82 -3.73 -12.57
N SER C 107 -20.12 -2.46 -12.81
CA SER C 107 -20.58 -1.62 -11.74
C SER C 107 -21.94 -2.06 -11.23
N LEU C 108 -22.83 -2.48 -12.13
CA LEU C 108 -24.16 -2.92 -11.72
C LEU C 108 -24.06 -4.18 -10.88
N ARG C 109 -23.28 -5.13 -11.36
CA ARG C 109 -23.04 -6.40 -10.69
C ARG C 109 -22.46 -6.08 -9.33
N SER C 110 -21.63 -5.06 -9.27
CA SER C 110 -21.01 -4.68 -8.01
C SER C 110 -21.94 -4.05 -7.00
N LEU C 111 -22.73 -3.08 -7.43
CA LEU C 111 -23.63 -2.41 -6.50
C LEU C 111 -24.78 -3.31 -6.03
N VAL C 112 -25.20 -4.25 -6.87
CA VAL C 112 -26.26 -5.14 -6.44
C VAL C 112 -25.69 -6.17 -5.47
N ALA C 113 -24.49 -6.66 -5.80
CA ALA C 113 -23.80 -7.63 -4.97
C ALA C 113 -23.59 -7.05 -3.60
N SER C 114 -23.19 -5.79 -3.56
CA SER C 114 -22.92 -5.11 -2.31
C SER C 114 -24.21 -4.87 -1.53
N SER C 115 -25.30 -4.64 -2.25
CA SER C 115 -26.61 -4.42 -1.64
C SER C 115 -27.12 -5.72 -0.99
N GLY C 116 -26.82 -6.84 -1.64
CA GLY C 116 -27.17 -8.17 -1.15
C GLY C 116 -28.63 -8.53 -1.01
N THR C 117 -29.44 -7.97 -1.91
CA THR C 117 -30.87 -8.22 -1.90
C THR C 117 -31.48 -8.05 -3.28
N LEU C 118 -32.42 -8.94 -3.61
CA LEU C 118 -33.11 -8.89 -4.89
C LEU C 118 -34.59 -8.62 -4.68
N GLU C 119 -34.93 -8.03 -3.54
CA GLU C 119 -36.33 -7.71 -3.26
C GLU C 119 -36.85 -6.69 -4.26
N PHE C 120 -37.62 -7.20 -5.23
CA PHE C 120 -38.22 -6.40 -6.28
C PHE C 120 -39.62 -5.99 -5.85
N ILE C 121 -39.88 -4.70 -5.74
CA ILE C 121 -41.21 -4.26 -5.37
C ILE C 121 -41.85 -3.74 -6.67
N THR C 122 -42.98 -4.34 -7.06
CA THR C 122 -43.70 -3.99 -8.28
C THR C 122 -44.55 -2.75 -8.11
N GLU C 123 -44.38 -1.78 -8.99
CA GLU C 123 -45.18 -0.57 -8.86
C GLU C 123 -46.28 -0.52 -9.91
N GLY C 124 -47.17 0.45 -9.79
CA GLY C 124 -48.27 0.51 -10.73
C GLY C 124 -48.06 1.37 -11.94
N PHE C 125 -47.18 0.97 -12.86
CA PHE C 125 -46.96 1.78 -14.04
C PHE C 125 -48.11 1.92 -15.01
N THR C 126 -48.17 3.13 -15.56
CA THR C 126 -49.22 3.65 -16.44
C THR C 126 -48.91 3.70 -17.94
N TRP C 127 -48.85 2.54 -18.61
CA TRP C 127 -48.52 2.55 -20.03
C TRP C 127 -49.71 2.66 -20.97
N THR C 128 -50.19 3.88 -21.18
CA THR C 128 -51.34 4.13 -22.04
C THR C 128 -51.01 4.35 -23.52
N GLY C 129 -51.53 3.47 -24.37
CA GLY C 129 -51.31 3.59 -25.80
C GLY C 129 -50.44 2.51 -26.42
N VAL C 130 -49.97 1.58 -25.59
CA VAL C 130 -49.11 0.52 -26.11
C VAL C 130 -49.47 -0.90 -25.70
N THR C 131 -48.72 -1.83 -26.26
CA THR C 131 -48.89 -3.24 -26.00
C THR C 131 -47.78 -3.66 -25.04
N GLN C 132 -48.14 -4.19 -23.88
CA GLN C 132 -47.16 -4.59 -22.89
C GLN C 132 -46.81 -6.06 -22.89
N ASN C 133 -45.96 -6.43 -21.95
CA ASN C 133 -45.54 -7.79 -21.83
C ASN C 133 -45.06 -8.32 -23.18
N GLY C 134 -43.96 -7.76 -23.65
CA GLY C 134 -43.42 -8.20 -24.92
C GLY C 134 -42.54 -9.39 -24.64
N GLY C 135 -42.26 -10.22 -25.64
CA GLY C 135 -41.43 -11.38 -25.42
C GLY C 135 -40.80 -11.86 -26.69
N SER C 136 -40.08 -12.97 -26.61
CA SER C 136 -39.37 -13.50 -27.77
C SER C 136 -39.20 -15.01 -27.69
N SER C 137 -38.76 -15.62 -28.77
CA SER C 137 -38.57 -17.06 -28.72
C SER C 137 -37.19 -17.32 -28.15
N ALA C 138 -36.48 -16.25 -27.84
CA ALA C 138 -35.15 -16.40 -27.30
C ALA C 138 -35.20 -16.48 -25.78
N CYS C 139 -36.38 -16.31 -25.21
CA CYS C 139 -36.55 -16.35 -23.77
C CYS C 139 -37.82 -17.13 -23.39
N LYS C 140 -37.92 -18.35 -23.87
CA LYS C 140 -39.09 -19.18 -23.58
C LYS C 140 -39.34 -19.36 -22.09
N ARG C 141 -40.59 -19.21 -21.70
CA ARG C 141 -41.01 -19.39 -20.31
C ARG C 141 -42.04 -20.51 -20.55
N GLY C 142 -41.55 -21.74 -20.42
CA GLY C 142 -42.37 -22.91 -20.71
C GLY C 142 -42.44 -22.87 -22.24
N PRO C 143 -43.50 -23.42 -22.87
CA PRO C 143 -43.64 -23.42 -24.33
C PRO C 143 -43.70 -22.03 -24.97
N ALA C 144 -44.23 -21.04 -24.25
CA ALA C 144 -44.38 -19.71 -24.82
C ALA C 144 -43.17 -18.76 -24.89
N ASN C 145 -43.33 -17.69 -25.65
CA ASN C 145 -42.30 -16.68 -25.80
C ASN C 145 -42.35 -15.74 -24.59
N GLY C 146 -41.23 -15.60 -23.89
CA GLY C 146 -41.22 -14.75 -22.72
C GLY C 146 -40.18 -13.67 -22.78
N PHE C 147 -39.92 -13.05 -21.64
CA PHE C 147 -38.96 -11.97 -21.54
C PHE C 147 -38.52 -11.92 -20.10
N PHE C 148 -37.60 -11.02 -19.80
CA PHE C 148 -37.11 -10.84 -18.44
C PHE C 148 -38.30 -10.56 -17.51
N SER C 149 -38.27 -11.11 -16.29
CA SER C 149 -39.36 -10.91 -15.35
C SER C 149 -39.53 -9.47 -14.83
N ARG C 150 -38.45 -8.79 -14.53
CA ARG C 150 -38.59 -7.42 -14.01
C ARG C 150 -38.66 -6.33 -15.08
N LEU C 151 -38.79 -6.76 -16.35
CA LEU C 151 -38.87 -5.83 -17.48
C LEU C 151 -40.16 -5.91 -18.30
N ASN C 152 -40.49 -4.83 -18.98
CA ASN C 152 -41.75 -4.76 -19.71
C ASN C 152 -41.50 -4.31 -21.16
N TRP C 153 -41.40 -5.26 -22.09
CA TRP C 153 -41.18 -4.87 -23.48
C TRP C 153 -42.47 -4.25 -24.04
N LEU C 154 -42.45 -2.95 -24.30
CA LEU C 154 -43.61 -2.22 -24.86
C LEU C 154 -43.53 -2.13 -26.37
N THR C 155 -44.65 -2.21 -27.06
CA THR C 155 -44.66 -2.12 -28.51
C THR C 155 -45.87 -1.32 -28.93
N LYS C 156 -46.05 -1.12 -30.22
CA LYS C 156 -47.18 -0.36 -30.73
C LYS C 156 -48.55 -0.95 -30.44
N SER C 157 -49.53 -0.08 -30.28
CA SER C 157 -50.90 -0.53 -30.10
C SER C 157 -51.81 0.32 -30.98
N GLU C 158 -52.80 -0.33 -31.59
CA GLU C 158 -53.72 0.31 -32.52
C GLU C 158 -53.10 1.37 -33.41
N SER C 159 -52.08 0.87 -34.10
CA SER C 159 -51.28 1.59 -35.08
C SER C 159 -50.61 2.91 -34.69
N ALA C 160 -50.09 2.98 -33.47
CA ALA C 160 -49.41 4.18 -33.00
C ALA C 160 -48.53 3.90 -31.79
N TYR C 161 -47.59 4.78 -31.50
CA TYR C 161 -46.80 4.59 -30.30
C TYR C 161 -46.74 5.97 -29.71
N PRO C 162 -47.45 6.16 -28.57
CA PRO C 162 -47.60 7.38 -27.75
C PRO C 162 -46.32 8.00 -27.28
N VAL C 163 -46.29 9.31 -27.08
CA VAL C 163 -45.09 9.92 -26.52
C VAL C 163 -45.31 9.65 -25.02
N LEU C 164 -44.78 8.53 -24.55
CA LEU C 164 -44.98 8.14 -23.16
C LEU C 164 -44.32 9.12 -22.20
N ASN C 165 -44.99 9.33 -21.08
CA ASN C 165 -44.52 10.26 -20.08
C ASN C 165 -45.22 9.77 -18.84
N VAL C 166 -44.42 9.11 -17.99
CA VAL C 166 -44.86 8.45 -16.76
C VAL C 166 -44.03 8.88 -15.56
N THR C 167 -44.71 9.17 -14.44
CA THR C 167 -44.00 9.61 -13.24
C THR C 167 -44.16 8.63 -12.09
N MET C 168 -43.06 8.35 -11.42
CA MET C 168 -43.11 7.43 -10.30
C MET C 168 -42.24 7.87 -9.10
N PRO C 169 -42.91 8.50 -8.10
CA PRO C 169 -42.48 9.03 -6.78
C PRO C 169 -41.85 8.10 -5.78
N ASN C 170 -40.84 8.56 -5.05
CA ASN C 170 -40.28 7.72 -4.02
C ASN C 170 -40.73 8.39 -2.75
N ASN C 171 -41.88 7.96 -2.26
CA ASN C 171 -42.46 8.51 -1.05
C ASN C 171 -42.13 7.59 0.09
N ASP C 172 -40.91 7.08 0.04
CA ASP C 172 -40.45 6.16 1.05
C ASP C 172 -39.22 6.82 1.63
N ASN C 173 -38.69 6.22 2.70
CA ASN C 173 -37.49 6.73 3.34
C ASN C 173 -36.23 6.03 2.81
N PHE C 174 -36.39 5.11 1.87
CA PHE C 174 -35.22 4.42 1.33
C PHE C 174 -35.05 4.61 -0.17
N ASP C 175 -33.87 4.22 -0.68
CA ASP C 175 -33.58 4.39 -2.09
C ASP C 175 -34.11 3.28 -2.97
N LYS C 176 -34.55 3.65 -4.18
CA LYS C 176 -35.09 2.69 -5.14
C LYS C 176 -34.14 2.49 -6.29
N LEU C 177 -33.88 1.24 -6.65
CA LEU C 177 -33.00 0.94 -7.77
C LEU C 177 -33.86 0.55 -8.95
N TYR C 178 -34.03 1.47 -9.90
CA TYR C 178 -34.84 1.22 -11.09
C TYR C 178 -33.92 0.74 -12.19
N ILE C 179 -34.32 -0.33 -12.86
CA ILE C 179 -33.53 -0.95 -13.92
C ILE C 179 -34.40 -1.11 -15.15
N TRP C 180 -34.05 -0.38 -16.20
CA TRP C 180 -34.82 -0.37 -17.44
C TRP C 180 -33.87 -0.55 -18.60
N GLY C 181 -34.30 -0.18 -19.80
CA GLY C 181 -33.44 -0.29 -20.97
C GLY C 181 -34.13 0.15 -22.25
N VAL C 182 -33.38 0.07 -23.34
CA VAL C 182 -33.88 0.42 -24.68
C VAL C 182 -33.57 -0.74 -25.64
N HIS C 183 -34.41 -0.90 -26.66
CA HIS C 183 -34.29 -1.98 -27.64
C HIS C 183 -33.72 -1.56 -28.98
N HIS C 184 -32.78 -2.36 -29.48
CA HIS C 184 -32.13 -2.08 -30.75
C HIS C 184 -32.60 -2.98 -31.88
N PRO C 185 -33.59 -2.50 -32.67
CA PRO C 185 -34.09 -3.29 -33.79
C PRO C 185 -32.99 -3.67 -34.75
N SER C 186 -33.19 -4.76 -35.47
CA SER C 186 -32.22 -5.24 -36.44
C SER C 186 -32.30 -4.50 -37.78
N THR C 187 -33.46 -3.92 -38.10
CA THR C 187 -33.64 -3.19 -39.36
C THR C 187 -34.66 -2.08 -39.19
N ASN C 188 -34.70 -1.14 -40.13
CA ASN C 188 -35.65 -0.03 -40.09
C ASN C 188 -37.07 -0.55 -40.15
N GLN C 189 -37.30 -1.54 -41.02
CA GLN C 189 -38.62 -2.14 -41.16
C GLN C 189 -39.09 -2.55 -39.77
N GLU C 190 -38.22 -3.24 -39.02
CA GLU C 190 -38.53 -3.68 -37.66
C GLU C 190 -38.84 -2.46 -36.77
N GLN C 191 -38.02 -1.42 -36.89
CA GLN C 191 -38.21 -0.20 -36.11
C GLN C 191 -39.63 0.35 -36.26
N THR C 192 -39.98 0.72 -37.48
CA THR C 192 -41.29 1.28 -37.78
C THR C 192 -42.38 0.27 -37.53
N ASN C 193 -42.06 -0.98 -37.74
CA ASN C 193 -43.03 -2.02 -37.57
C ASN C 193 -43.41 -2.23 -36.11
N LEU C 194 -42.45 -2.04 -35.21
CA LEU C 194 -42.69 -2.20 -33.79
C LEU C 194 -43.06 -0.92 -33.03
N TYR C 195 -42.43 0.19 -33.36
CA TYR C 195 -42.67 1.44 -32.65
C TYR C 195 -43.28 2.56 -33.46
N VAL C 196 -43.49 2.31 -34.75
CA VAL C 196 -44.07 3.29 -35.65
C VAL C 196 -43.13 4.43 -36.02
N GLN C 197 -42.44 4.98 -35.02
CA GLN C 197 -41.50 6.06 -35.29
C GLN C 197 -40.19 5.52 -35.85
N ALA C 198 -39.66 6.17 -36.90
CA ALA C 198 -38.41 5.71 -37.55
C ALA C 198 -37.23 5.75 -36.61
N SER C 199 -37.36 6.58 -35.57
CA SER C 199 -36.31 6.76 -34.59
C SER C 199 -36.88 6.83 -33.17
N GLY C 200 -36.52 5.88 -32.32
CA GLY C 200 -37.02 5.86 -30.96
C GLY C 200 -36.27 6.75 -29.98
N ARG C 201 -36.52 6.58 -28.68
CA ARG C 201 -35.85 7.43 -27.67
C ARG C 201 -36.32 7.12 -26.25
N VAL C 202 -35.40 7.08 -25.29
CA VAL C 202 -35.75 6.83 -23.89
C VAL C 202 -35.03 7.87 -23.02
N THR C 203 -35.79 8.54 -22.16
CA THR C 203 -35.20 9.54 -21.27
C THR C 203 -35.69 9.24 -19.87
N VAL C 204 -34.79 8.83 -18.98
CA VAL C 204 -35.17 8.50 -17.61
C VAL C 204 -34.45 9.45 -16.66
N SER C 205 -35.20 10.36 -16.06
CA SER C 205 -34.61 11.36 -15.18
C SER C 205 -35.29 11.57 -13.85
N THR C 206 -34.52 12.19 -12.96
CA THR C 206 -34.94 12.56 -11.62
C THR C 206 -34.54 14.02 -11.49
N ARG C 207 -34.80 14.62 -10.34
CA ARG C 207 -34.40 16.02 -10.15
C ARG C 207 -32.88 16.05 -10.04
N ARG C 208 -32.26 14.89 -9.86
CA ARG C 208 -30.80 14.75 -9.71
C ARG C 208 -30.03 14.31 -10.94
N SER C 209 -30.70 13.66 -11.89
CA SER C 209 -30.02 13.16 -13.08
C SER C 209 -30.96 12.94 -14.24
N GLN C 210 -30.38 12.46 -15.34
CA GLN C 210 -31.09 12.14 -16.56
C GLN C 210 -30.20 11.25 -17.41
N GLN C 211 -30.82 10.37 -18.18
CA GLN C 211 -30.07 9.54 -19.09
C GLN C 211 -30.92 9.30 -20.31
N THR C 212 -30.65 10.13 -21.30
CA THR C 212 -31.37 10.12 -22.55
C THR C 212 -30.62 9.28 -23.59
N ILE C 213 -31.10 8.04 -23.78
CA ILE C 213 -30.49 7.06 -24.67
C ILE C 213 -31.19 6.82 -26.02
N ILE C 214 -30.44 6.85 -27.10
CA ILE C 214 -31.02 6.66 -28.44
C ILE C 214 -30.80 5.30 -29.10
N PRO C 215 -31.93 4.62 -29.44
CA PRO C 215 -31.81 3.31 -30.12
C PRO C 215 -30.87 3.28 -31.28
N ASN C 216 -30.29 2.11 -31.47
CA ASN C 216 -29.34 1.94 -32.54
C ASN C 216 -29.77 0.80 -33.41
N ILE C 217 -29.90 1.08 -34.70
CA ILE C 217 -30.41 0.09 -35.64
C ILE C 217 -29.39 -0.58 -36.53
N GLY C 218 -29.48 -1.90 -36.69
CA GLY C 218 -28.53 -2.59 -37.53
C GLY C 218 -28.49 -4.08 -37.23
N SER C 219 -27.82 -4.85 -38.08
CA SER C 219 -27.75 -6.30 -37.86
C SER C 219 -26.63 -6.74 -36.93
N ARG C 220 -26.98 -7.62 -36.00
CA ARG C 220 -25.96 -8.14 -35.08
C ARG C 220 -26.08 -9.65 -35.16
N PRO C 221 -24.99 -10.36 -34.83
CA PRO C 221 -24.93 -11.84 -34.84
C PRO C 221 -26.10 -12.47 -34.14
N TRP C 222 -26.77 -13.40 -34.79
CA TRP C 222 -27.90 -14.09 -34.16
C TRP C 222 -27.56 -14.78 -32.86
N VAL C 223 -28.24 -14.38 -31.78
CA VAL C 223 -28.06 -15.02 -30.49
C VAL C 223 -29.42 -15.60 -30.17
N ARG C 224 -29.48 -16.93 -30.11
CA ARG C 224 -30.74 -17.59 -29.85
C ARG C 224 -31.76 -17.15 -30.91
N GLY C 225 -31.28 -16.86 -32.11
CA GLY C 225 -32.18 -16.48 -33.19
C GLY C 225 -32.50 -15.01 -33.31
N GLN C 226 -31.81 -14.20 -32.53
CA GLN C 226 -32.07 -12.76 -32.55
C GLN C 226 -30.94 -11.83 -32.89
N PRO C 227 -31.12 -11.09 -34.02
CA PRO C 227 -30.17 -10.06 -34.53
C PRO C 227 -30.18 -8.89 -33.61
N GLY C 228 -31.38 -8.50 -33.18
CA GLY C 228 -31.54 -7.38 -32.27
C GLY C 228 -30.88 -7.60 -30.93
N ARG C 229 -30.96 -6.59 -30.05
CA ARG C 229 -30.40 -6.64 -28.68
C ARG C 229 -31.11 -5.61 -27.77
N ILE C 230 -30.96 -5.77 -26.45
CA ILE C 230 -31.56 -4.88 -25.45
C ILE C 230 -30.36 -4.31 -24.69
N SER C 231 -30.25 -2.99 -24.60
CA SER C 231 -29.14 -2.40 -23.85
C SER C 231 -29.80 -2.23 -22.48
N ILE C 232 -29.04 -2.24 -21.39
CA ILE C 232 -29.66 -2.11 -20.05
C ILE C 232 -29.06 -0.99 -19.17
N TYR C 233 -29.91 -0.17 -18.57
CA TYR C 233 -29.45 0.97 -17.77
C TYR C 233 -30.10 0.96 -16.39
N TRP C 234 -29.55 1.74 -15.45
CA TRP C 234 -30.12 1.80 -14.10
C TRP C 234 -30.25 3.21 -13.55
N THR C 235 -31.14 3.37 -12.59
CA THR C 235 -31.41 4.68 -12.00
C THR C 235 -31.74 4.58 -10.53
N ILE C 236 -31.11 5.42 -9.70
CA ILE C 236 -31.37 5.43 -8.26
C ILE C 236 -32.19 6.67 -7.97
N VAL C 237 -33.30 6.48 -7.26
CA VAL C 237 -34.21 7.56 -6.89
C VAL C 237 -34.20 7.65 -5.38
N LYS C 238 -33.72 8.80 -4.90
CA LYS C 238 -33.59 9.08 -3.47
C LYS C 238 -34.91 9.56 -2.89
N PRO C 239 -35.17 9.24 -1.61
CA PRO C 239 -36.39 9.64 -0.92
C PRO C 239 -36.68 11.12 -1.05
N GLY C 240 -37.79 11.43 -1.69
CA GLY C 240 -38.19 12.81 -1.90
C GLY C 240 -38.08 13.18 -3.36
N ASP C 241 -37.67 12.21 -4.18
CA ASP C 241 -37.50 12.41 -5.61
C ASP C 241 -38.51 11.59 -6.41
N VAL C 242 -38.68 11.93 -7.68
CA VAL C 242 -39.63 11.20 -8.45
C VAL C 242 -38.95 10.81 -9.75
N LEU C 243 -39.33 9.65 -10.28
CA LEU C 243 -38.79 9.13 -11.53
C LEU C 243 -39.70 9.54 -12.68
N VAL C 244 -39.12 10.07 -13.77
CA VAL C 244 -39.88 10.47 -14.96
C VAL C 244 -39.30 9.71 -16.17
N ILE C 245 -40.11 8.88 -16.81
CA ILE C 245 -39.67 8.10 -17.97
C ILE C 245 -40.38 8.64 -19.21
N ASN C 246 -39.63 9.22 -20.14
CA ASN C 246 -40.23 9.81 -21.33
C ASN C 246 -39.66 9.19 -22.60
N SER C 247 -40.47 8.35 -23.24
CA SER C 247 -40.05 7.65 -24.46
C SER C 247 -41.12 7.49 -25.54
N ASN C 248 -40.77 7.79 -26.78
CA ASN C 248 -41.75 7.63 -27.84
C ASN C 248 -41.38 6.43 -28.70
N GLY C 249 -40.69 5.45 -28.12
CA GLY C 249 -40.32 4.27 -28.88
C GLY C 249 -39.06 3.60 -28.38
N ASN C 250 -39.06 2.26 -28.46
CA ASN C 250 -37.92 1.43 -28.06
C ASN C 250 -37.62 1.29 -26.55
N LEU C 251 -38.55 1.68 -25.69
CA LEU C 251 -38.33 1.56 -24.23
C LEU C 251 -38.66 0.17 -23.71
N ILE C 252 -37.81 -0.34 -22.82
CA ILE C 252 -38.05 -1.62 -22.18
C ILE C 252 -38.33 -1.15 -20.77
N ALA C 253 -39.60 -1.11 -20.44
CA ALA C 253 -40.08 -0.61 -19.15
C ALA C 253 -39.82 -1.36 -17.87
N PRO C 254 -39.62 -0.58 -16.76
CA PRO C 254 -39.42 -1.17 -15.42
C PRO C 254 -40.74 -1.69 -14.99
N ARG C 255 -40.75 -2.54 -13.98
CA ARG C 255 -42.01 -3.06 -13.45
C ARG C 255 -42.09 -2.66 -12.01
N GLY C 256 -41.01 -2.04 -11.52
CA GLY C 256 -40.95 -1.61 -10.14
C GLY C 256 -39.54 -1.25 -9.75
N TYR C 257 -39.18 -1.57 -8.51
CA TYR C 257 -37.83 -1.26 -8.06
C TYR C 257 -37.28 -2.30 -7.12
N PHE C 258 -35.97 -2.26 -6.97
CA PHE C 258 -35.27 -3.15 -6.06
C PHE C 258 -34.95 -2.26 -4.86
N LYS C 259 -35.12 -2.78 -3.66
CA LYS C 259 -34.84 -2.01 -2.46
C LYS C 259 -33.36 -2.10 -2.18
N MET C 260 -32.69 -0.97 -2.11
CA MET C 260 -31.24 -0.99 -1.86
C MET C 260 -30.89 -0.99 -0.37
N ARG C 261 -29.88 -1.76 0.01
CA ARG C 261 -29.46 -1.81 1.41
C ARG C 261 -27.95 -1.92 1.52
N THR C 262 -27.44 -1.51 2.68
CA THR C 262 -26.02 -1.52 2.96
C THR C 262 -25.66 -2.60 3.98
N GLY C 263 -24.54 -3.27 3.79
CA GLY C 263 -24.18 -4.31 4.73
C GLY C 263 -22.83 -4.85 4.39
N LYS C 264 -22.67 -6.15 4.55
CA LYS C 264 -21.42 -6.82 4.26
C LYS C 264 -21.59 -7.79 3.08
N SER C 265 -22.65 -7.62 2.31
CA SER C 265 -22.88 -8.54 1.20
C SER C 265 -21.90 -8.35 0.06
N SER C 266 -21.59 -9.46 -0.61
CA SER C 266 -20.67 -9.42 -1.72
C SER C 266 -20.86 -10.56 -2.70
N ILE C 267 -19.95 -10.64 -3.66
CA ILE C 267 -20.04 -11.66 -4.69
C ILE C 267 -18.67 -12.29 -4.99
N MET C 268 -18.67 -13.59 -5.28
CA MET C 268 -17.44 -14.30 -5.55
C MET C 268 -17.68 -15.33 -6.65
N ARG C 269 -16.66 -15.55 -7.47
CA ARG C 269 -16.75 -16.50 -8.57
C ARG C 269 -15.98 -17.72 -8.10
N SER C 270 -16.67 -18.85 -7.95
CA SER C 270 -16.03 -20.07 -7.48
C SER C 270 -16.86 -21.28 -7.82
N ASP C 271 -16.18 -22.41 -8.06
CA ASP C 271 -16.86 -23.67 -8.39
C ASP C 271 -16.82 -24.60 -7.19
N ALA C 272 -16.40 -24.04 -6.07
CA ALA C 272 -16.28 -24.81 -4.84
C ALA C 272 -17.58 -25.22 -4.20
N PRO C 273 -17.76 -26.54 -3.99
CA PRO C 273 -18.99 -27.04 -3.35
C PRO C 273 -19.31 -26.29 -2.08
N ILE C 274 -20.57 -26.31 -1.68
CA ILE C 274 -21.00 -25.66 -0.46
C ILE C 274 -21.28 -26.75 0.57
N ASP C 275 -20.54 -26.71 1.67
CA ASP C 275 -20.71 -27.72 2.71
C ASP C 275 -21.20 -27.17 4.03
N THR C 276 -21.69 -28.07 4.87
CA THR C 276 -22.22 -27.69 6.16
C THR C 276 -21.11 -27.77 7.21
N CYS C 277 -20.49 -26.64 7.46
CA CYS C 277 -19.45 -26.50 8.47
C CYS C 277 -19.55 -25.08 9.00
N ILE C 278 -18.50 -24.59 9.63
CA ILE C 278 -18.52 -23.23 10.14
C ILE C 278 -17.15 -22.61 9.95
N SER C 279 -17.04 -21.72 8.99
CA SER C 279 -15.76 -21.06 8.73
C SER C 279 -15.89 -19.60 8.37
N GLU C 280 -15.23 -18.76 9.15
CA GLU C 280 -15.21 -17.31 8.94
C GLU C 280 -14.68 -16.86 7.57
N CYS C 281 -13.56 -17.44 7.15
CA CYS C 281 -12.94 -17.05 5.89
C CYS C 281 -13.35 -17.83 4.64
N ILE C 282 -13.60 -17.11 3.54
CA ILE C 282 -14.02 -17.75 2.31
C ILE C 282 -13.13 -17.39 1.14
N THR C 283 -12.63 -18.39 0.44
CA THR C 283 -11.82 -18.12 -0.76
C THR C 283 -12.42 -18.96 -1.88
N PRO C 284 -12.16 -18.53 -3.13
CA PRO C 284 -12.66 -19.29 -4.29
C PRO C 284 -12.21 -20.75 -4.30
N ASN C 285 -11.19 -21.04 -3.50
CA ASN C 285 -10.65 -22.39 -3.40
C ASN C 285 -11.25 -23.13 -2.25
N GLY C 286 -12.22 -22.51 -1.58
CA GLY C 286 -12.86 -23.13 -0.45
C GLY C 286 -12.70 -22.28 0.79
N SER C 287 -13.22 -22.78 1.90
CA SER C 287 -13.11 -22.06 3.16
C SER C 287 -11.77 -22.39 3.79
N ILE C 288 -11.25 -21.50 4.63
CA ILE C 288 -9.96 -21.73 5.29
C ILE C 288 -9.87 -21.13 6.70
N PRO C 289 -9.08 -21.80 7.59
CA PRO C 289 -8.84 -21.35 8.98
C PRO C 289 -8.25 -19.96 9.08
N ASN C 290 -8.66 -19.17 10.06
CA ASN C 290 -8.11 -17.80 10.20
C ASN C 290 -7.33 -17.66 11.50
N ASP C 291 -6.67 -18.75 11.90
CA ASP C 291 -5.89 -18.77 13.14
C ASP C 291 -4.46 -18.36 12.85
N LYS C 292 -4.11 -18.34 11.58
CA LYS C 292 -2.77 -17.93 11.18
C LYS C 292 -2.88 -16.51 10.64
N PRO C 293 -1.81 -15.72 10.84
CA PRO C 293 -1.67 -14.31 10.40
C PRO C 293 -1.77 -14.16 8.91
N PHE C 294 -1.04 -15.02 8.18
CA PHE C 294 -1.03 -14.98 6.70
C PHE C 294 -1.59 -16.21 5.96
N GLN C 295 -1.74 -16.07 4.65
CA GLN C 295 -2.29 -17.15 3.83
C GLN C 295 -1.75 -17.08 2.39
N ASN C 296 -1.66 -18.25 1.77
CA ASN C 296 -1.14 -18.31 0.42
C ASN C 296 -2.08 -19.14 -0.45
N VAL C 297 -3.36 -19.10 -0.11
CA VAL C 297 -4.39 -19.84 -0.83
C VAL C 297 -4.97 -19.08 -2.03
N ASN C 298 -5.48 -17.88 -1.81
CA ASN C 298 -6.01 -17.08 -2.92
C ASN C 298 -6.08 -15.61 -2.47
N LYS C 299 -5.76 -14.67 -3.33
CA LYS C 299 -5.86 -13.27 -2.91
C LYS C 299 -7.29 -12.76 -2.75
N ILE C 300 -8.24 -13.52 -3.26
CA ILE C 300 -9.67 -13.20 -3.16
C ILE C 300 -10.21 -13.78 -1.86
N THR C 301 -10.71 -12.93 -0.97
CA THR C 301 -11.20 -13.44 0.30
C THR C 301 -12.47 -12.77 0.76
N TYR C 302 -13.10 -13.31 1.79
CA TYR C 302 -14.30 -12.70 2.29
C TYR C 302 -14.54 -13.12 3.73
N GLY C 303 -14.74 -12.15 4.62
CA GLY C 303 -14.98 -12.51 6.01
C GLY C 303 -13.75 -12.19 6.82
N ALA C 304 -13.57 -12.88 7.94
CA ALA C 304 -12.41 -12.67 8.80
C ALA C 304 -11.29 -13.47 8.13
N CYS C 305 -10.45 -12.85 7.31
CA CYS C 305 -9.36 -13.56 6.58
C CYS C 305 -7.95 -13.04 6.71
N PRO C 306 -6.99 -13.99 6.68
CA PRO C 306 -5.53 -13.77 6.70
C PRO C 306 -5.10 -12.95 5.53
N LYS C 307 -4.12 -12.07 5.73
CA LYS C 307 -3.60 -11.22 4.66
C LYS C 307 -2.86 -12.17 3.71
N TYR C 308 -3.15 -12.07 2.42
CA TYR C 308 -2.51 -12.92 1.43
C TYR C 308 -1.11 -12.38 1.19
N VAL C 309 -0.12 -13.27 1.14
CA VAL C 309 1.26 -12.89 0.89
C VAL C 309 1.77 -13.98 -0.04
N LYS C 310 2.88 -13.72 -0.75
CA LYS C 310 3.43 -14.66 -1.71
C LYS C 310 4.11 -15.90 -1.17
N GLN C 311 4.74 -15.79 -0.01
CA GLN C 311 5.46 -16.90 0.61
C GLN C 311 4.52 -18.05 0.98
N ASN C 312 4.99 -19.30 0.79
CA ASN C 312 4.15 -20.45 1.12
C ASN C 312 4.39 -21.00 2.52
N THR C 313 5.55 -20.74 3.11
CA THR C 313 5.83 -21.19 4.47
C THR C 313 6.54 -20.06 5.22
N LEU C 314 6.08 -19.78 6.43
CA LEU C 314 6.73 -18.77 7.26
C LEU C 314 6.71 -19.28 8.67
N LYS C 315 7.89 -19.63 9.15
CA LYS C 315 8.06 -20.19 10.47
C LYS C 315 8.39 -19.17 11.55
N LEU C 316 7.62 -19.23 12.63
CA LEU C 316 7.87 -18.36 13.77
C LEU C 316 8.53 -19.28 14.77
N ALA C 317 9.69 -18.88 15.25
CA ALA C 317 10.41 -19.68 16.22
C ALA C 317 9.64 -19.66 17.54
N THR C 318 9.60 -20.80 18.21
CA THR C 318 8.92 -20.93 19.48
C THR C 318 9.78 -21.73 20.47
N GLY C 319 11.07 -21.82 20.18
CA GLY C 319 11.99 -22.54 21.03
C GLY C 319 13.41 -22.03 20.81
N MET C 320 14.34 -22.32 21.71
CA MET C 320 15.71 -21.85 21.54
C MET C 320 16.32 -22.49 20.31
N ARG C 321 17.63 -22.27 20.16
CA ARG C 321 18.33 -22.85 19.03
C ARG C 321 18.63 -24.30 19.33
N ASN C 322 18.65 -25.12 18.29
CA ASN C 322 18.91 -26.50 18.52
C ASN C 322 20.36 -26.83 18.31
N VAL C 323 20.98 -27.31 19.38
CA VAL C 323 22.39 -27.69 19.34
C VAL C 323 22.41 -29.17 19.78
N PRO C 324 22.59 -30.11 18.82
CA PRO C 324 22.63 -31.57 18.85
C PRO C 324 22.85 -32.35 20.14
N GLU C 325 24.10 -32.55 20.47
CA GLU C 325 24.54 -33.26 21.68
C GLU C 325 25.57 -34.30 21.35
N LYS C 326 26.79 -33.85 21.03
CA LYS C 326 27.89 -34.75 20.69
C LYS C 326 27.57 -35.47 19.37
N GLY D 1 23.83 -16.24 19.34
CA GLY D 1 23.15 -15.35 20.31
C GLY D 1 24.04 -14.29 20.97
N LEU D 2 23.44 -13.14 21.27
CA LEU D 2 24.14 -12.03 21.91
C LEU D 2 24.81 -12.38 23.24
N PHE D 3 24.29 -13.40 23.93
CA PHE D 3 24.84 -13.79 25.23
C PHE D 3 25.91 -14.89 25.24
N GLY D 4 26.12 -15.53 24.09
CA GLY D 4 27.14 -16.56 24.01
C GLY D 4 27.02 -17.75 24.94
N ALA D 5 25.82 -17.99 25.47
CA ALA D 5 25.60 -19.12 26.37
C ALA D 5 25.24 -20.34 25.52
N ILE D 6 24.04 -20.33 24.95
CA ILE D 6 23.59 -21.42 24.10
C ILE D 6 24.34 -21.33 22.77
N ALA D 7 24.93 -22.45 22.35
CA ALA D 7 25.70 -22.50 21.11
C ALA D 7 26.90 -21.56 21.26
N GLY D 8 27.49 -21.63 22.46
CA GLY D 8 28.64 -20.82 22.80
C GLY D 8 29.39 -21.46 23.95
N PHE D 9 29.58 -20.71 25.03
CA PHE D 9 30.32 -21.27 26.14
C PHE D 9 29.69 -22.52 26.75
N ILE D 10 28.58 -22.95 26.17
CA ILE D 10 27.95 -24.20 26.58
C ILE D 10 27.97 -25.01 25.29
N GLU D 11 29.02 -25.81 25.17
CA GLU D 11 29.27 -26.68 24.03
C GLU D 11 28.04 -27.28 23.37
N ASN D 12 27.33 -28.09 24.16
CA ASN D 12 26.18 -28.86 23.66
C ASN D 12 24.81 -28.61 24.28
N GLY D 13 23.87 -29.47 23.90
CA GLY D 13 22.53 -29.39 24.44
C GLY D 13 22.29 -30.74 25.07
N TRP D 14 21.23 -30.84 25.86
CA TRP D 14 20.92 -32.10 26.50
C TRP D 14 19.62 -32.65 25.95
N GLU D 15 19.72 -33.66 25.08
CA GLU D 15 18.52 -34.28 24.53
C GLU D 15 17.91 -35.17 25.61
N GLY D 16 18.68 -35.39 26.66
CA GLY D 16 18.21 -36.21 27.76
C GLY D 16 17.25 -35.42 28.61
N MET D 17 17.36 -34.10 28.51
CA MET D 17 16.48 -33.21 29.26
C MET D 17 15.11 -33.18 28.61
N ILE D 18 14.13 -33.70 29.32
CA ILE D 18 12.77 -33.79 28.81
C ILE D 18 11.72 -33.03 29.63
N ASP D 19 12.10 -32.57 30.81
CA ASP D 19 11.17 -31.86 31.67
C ASP D 19 11.30 -30.36 31.66
N GLY D 20 12.29 -29.83 30.94
CA GLY D 20 12.48 -28.40 30.91
C GLY D 20 13.47 -27.96 29.85
N TRP D 21 13.53 -26.65 29.62
CA TRP D 21 14.43 -26.06 28.63
C TRP D 21 15.81 -25.87 29.19
N TYR D 22 15.90 -25.69 30.50
CA TYR D 22 17.18 -25.50 31.21
C TYR D 22 17.25 -26.38 32.45
N GLY D 23 18.46 -26.63 32.92
CA GLY D 23 18.56 -27.47 34.10
C GLY D 23 19.98 -27.72 34.56
N PHE D 24 20.08 -28.46 35.66
CA PHE D 24 21.35 -28.78 36.25
C PHE D 24 21.63 -30.29 36.13
N ARG D 25 22.93 -30.62 36.09
CA ARG D 25 23.46 -31.99 36.04
C ARG D 25 24.66 -31.95 36.98
N HIS D 26 24.69 -32.89 37.93
CA HIS D 26 25.80 -32.93 38.88
C HIS D 26 26.57 -34.25 38.93
N GLN D 27 27.63 -34.21 39.74
CA GLN D 27 28.50 -35.32 40.06
C GLN D 27 29.04 -34.95 41.43
N ASN D 28 28.85 -35.86 42.39
CA ASN D 28 29.33 -35.63 43.75
C ASN D 28 29.52 -36.99 44.41
N SER D 29 30.06 -36.98 45.62
CA SER D 29 30.29 -38.20 46.38
C SER D 29 29.20 -39.27 46.18
N GLU D 30 27.96 -38.85 46.05
CA GLU D 30 26.84 -39.76 45.88
C GLU D 30 26.60 -40.24 44.44
N GLY D 31 27.11 -39.52 43.45
CA GLY D 31 26.90 -39.92 42.08
C GLY D 31 26.30 -38.80 41.25
N THR D 32 25.96 -39.08 40.00
CA THR D 32 25.40 -38.09 39.11
C THR D 32 23.88 -38.01 39.13
N GLY D 33 23.35 -36.89 38.65
CA GLY D 33 21.91 -36.68 38.60
C GLY D 33 21.55 -35.59 37.60
N GLN D 34 20.25 -35.43 37.33
CA GLN D 34 19.80 -34.41 36.39
C GLN D 34 18.43 -33.86 36.74
N ALA D 35 18.31 -32.54 36.75
CA ALA D 35 17.03 -31.94 37.06
C ALA D 35 16.86 -30.67 36.25
N ALA D 36 15.62 -30.44 35.81
CA ALA D 36 15.29 -29.26 35.02
C ALA D 36 14.92 -28.11 35.93
N ASP D 37 15.30 -26.90 35.54
CA ASP D 37 14.99 -25.72 36.32
C ASP D 37 13.63 -25.23 35.86
N LEU D 38 12.60 -25.46 36.66
CA LEU D 38 11.26 -25.02 36.28
C LEU D 38 11.17 -23.50 36.17
N LYS D 39 11.61 -22.78 37.19
CA LYS D 39 11.54 -21.33 37.13
C LYS D 39 12.07 -20.76 35.83
N SER D 40 13.30 -21.11 35.53
CA SER D 40 13.97 -20.64 34.33
C SER D 40 13.21 -20.95 33.05
N THR D 41 12.93 -22.24 32.85
CA THR D 41 12.20 -22.74 31.69
C THR D 41 10.87 -22.00 31.48
N GLN D 42 10.07 -21.92 32.54
CA GLN D 42 8.76 -21.26 32.46
C GLN D 42 8.87 -19.80 32.04
N ALA D 43 9.90 -19.11 32.50
CA ALA D 43 10.13 -17.71 32.18
C ALA D 43 10.30 -17.51 30.68
N ALA D 44 11.02 -18.43 30.05
CA ALA D 44 11.24 -18.34 28.62
C ALA D 44 9.96 -18.70 27.89
N ILE D 45 9.34 -19.81 28.30
CA ILE D 45 8.10 -20.27 27.69
C ILE D 45 7.01 -19.20 27.80
N ASP D 46 6.87 -18.62 28.99
CA ASP D 46 5.86 -17.58 29.17
C ASP D 46 6.10 -16.40 28.21
N GLN D 47 7.35 -15.96 28.08
CA GLN D 47 7.64 -14.83 27.20
C GLN D 47 7.37 -15.13 25.75
N ILE D 48 7.85 -16.28 25.28
CA ILE D 48 7.69 -16.71 23.91
C ILE D 48 6.23 -16.95 23.58
N ASN D 49 5.45 -17.39 24.55
CA ASN D 49 4.03 -17.63 24.31
C ASN D 49 3.27 -16.30 24.10
N ARG D 50 3.66 -15.27 24.85
CA ARG D 50 3.05 -13.96 24.71
C ARG D 50 3.44 -13.43 23.34
N LYS D 51 4.72 -13.57 23.01
CA LYS D 51 5.24 -13.14 21.71
C LYS D 51 4.40 -13.76 20.58
N LEU D 52 4.12 -15.05 20.71
CA LEU D 52 3.35 -15.75 19.70
C LEU D 52 1.92 -15.22 19.60
N ASN D 53 1.24 -15.15 20.74
CA ASN D 53 -0.14 -14.66 20.77
C ASN D 53 -0.36 -13.26 20.18
N ARG D 54 0.67 -12.42 20.18
CA ARG D 54 0.55 -11.09 19.62
C ARG D 54 0.39 -11.19 18.11
N VAL D 55 0.75 -12.35 17.58
CA VAL D 55 0.72 -12.60 16.15
C VAL D 55 -0.32 -13.60 15.64
N ILE D 56 -1.00 -14.34 16.51
CA ILE D 56 -1.96 -15.33 16.03
C ILE D 56 -3.46 -15.03 16.17
N GLU D 57 -3.87 -14.54 17.34
CA GLU D 57 -5.29 -14.21 17.60
C GLU D 57 -5.74 -12.99 16.80
N LYS D 58 -5.02 -12.62 15.75
CA LYS D 58 -5.38 -11.40 15.05
C LYS D 58 -5.54 -11.39 13.52
N THR D 59 -6.75 -11.01 13.06
CA THR D 59 -7.07 -10.91 11.63
C THR D 59 -8.26 -9.94 11.51
N ASN D 60 -8.31 -9.16 10.44
CA ASN D 60 -9.43 -8.24 10.27
C ASN D 60 -10.38 -8.65 9.14
N GLU D 61 -11.62 -8.18 9.23
CA GLU D 61 -12.62 -8.52 8.25
C GLU D 61 -12.70 -7.56 7.05
N LYS D 62 -12.89 -8.13 5.87
CA LYS D 62 -13.04 -7.39 4.64
C LYS D 62 -14.10 -8.14 3.85
N PHE D 63 -15.16 -7.44 3.45
CA PHE D 63 -16.22 -8.07 2.69
C PHE D 63 -16.17 -7.65 1.23
N HIS D 64 -17.06 -6.76 0.82
CA HIS D 64 -17.10 -6.23 -0.54
C HIS D 64 -15.78 -5.49 -0.75
N GLN D 65 -15.08 -5.81 -1.83
CA GLN D 65 -13.78 -5.20 -2.15
C GLN D 65 -13.74 -4.97 -3.66
N ILE D 66 -12.60 -5.19 -4.30
CA ILE D 66 -12.51 -5.04 -5.76
C ILE D 66 -12.27 -6.37 -6.45
N GLU D 67 -12.61 -6.45 -7.73
CA GLU D 67 -12.40 -7.67 -8.48
C GLU D 67 -10.91 -7.88 -8.59
N LYS D 68 -10.47 -9.10 -8.84
CA LYS D 68 -9.04 -9.35 -8.90
C LYS D 68 -8.64 -10.32 -9.99
N GLU D 69 -9.62 -10.79 -10.75
CA GLU D 69 -9.34 -11.70 -11.85
C GLU D 69 -10.21 -11.16 -12.97
N PHE D 70 -9.73 -11.24 -14.20
CA PHE D 70 -10.51 -10.71 -15.29
C PHE D 70 -10.57 -11.65 -16.47
N SER D 71 -11.74 -11.69 -17.09
CA SER D 71 -11.94 -12.56 -18.21
C SER D 71 -11.70 -11.84 -19.52
N GLU D 72 -11.75 -10.51 -19.51
CA GLU D 72 -11.50 -9.78 -20.74
C GLU D 72 -10.47 -8.68 -20.56
N VAL D 73 -9.90 -8.24 -21.68
CA VAL D 73 -8.90 -7.17 -21.67
C VAL D 73 -9.64 -5.85 -21.65
N GLU D 74 -9.25 -4.94 -20.76
CA GLU D 74 -9.95 -3.65 -20.71
C GLU D 74 -9.00 -2.46 -20.86
N GLY D 75 -7.87 -2.49 -20.17
CA GLY D 75 -6.94 -1.39 -20.28
C GLY D 75 -6.66 -0.60 -19.02
N ARG D 76 -6.70 0.72 -19.14
CA ARG D 76 -6.40 1.62 -18.04
C ARG D 76 -6.96 1.27 -16.65
N ILE D 77 -8.29 1.17 -16.54
CA ILE D 77 -8.94 0.88 -15.28
C ILE D 77 -8.54 -0.47 -14.69
N GLN D 78 -8.48 -1.50 -15.52
CA GLN D 78 -8.11 -2.81 -15.02
C GLN D 78 -6.65 -2.80 -14.57
N ASP D 79 -5.79 -2.10 -15.32
CA ASP D 79 -4.39 -2.02 -14.97
C ASP D 79 -4.25 -1.54 -13.54
N LEU D 80 -4.96 -0.45 -13.24
CA LEU D 80 -4.93 0.16 -11.91
C LEU D 80 -5.39 -0.85 -10.87
N GLU D 81 -6.50 -1.53 -11.14
CA GLU D 81 -7.04 -2.51 -10.20
C GLU D 81 -6.03 -3.61 -9.90
N LYS D 82 -5.23 -3.99 -10.90
CA LYS D 82 -4.23 -5.03 -10.71
C LYS D 82 -3.01 -4.49 -9.98
N TYR D 83 -2.57 -3.30 -10.40
CA TYR D 83 -1.42 -2.66 -9.79
C TYR D 83 -1.70 -2.51 -8.31
N VAL D 84 -2.89 -2.02 -7.98
CA VAL D 84 -3.27 -1.86 -6.59
C VAL D 84 -3.12 -3.18 -5.82
N GLU D 85 -3.84 -4.23 -6.21
CA GLU D 85 -3.73 -5.51 -5.49
C GLU D 85 -2.30 -6.06 -5.43
N ASP D 86 -1.58 -5.90 -6.53
CA ASP D 86 -0.19 -6.38 -6.57
C ASP D 86 0.65 -5.56 -5.60
N THR D 87 0.41 -4.26 -5.57
CA THR D 87 1.18 -3.40 -4.68
C THR D 87 0.89 -3.83 -3.26
N LYS D 88 -0.39 -4.01 -2.95
CA LYS D 88 -0.81 -4.44 -1.63
C LYS D 88 -0.10 -5.73 -1.27
N ILE D 89 -0.17 -6.71 -2.16
CA ILE D 89 0.45 -8.01 -1.91
C ILE D 89 1.95 -7.99 -1.60
N ASP D 90 2.71 -7.21 -2.34
CA ASP D 90 4.16 -7.15 -2.09
C ASP D 90 4.42 -6.53 -0.71
N LEU D 91 3.73 -5.44 -0.40
CA LEU D 91 3.92 -4.78 0.90
C LEU D 91 3.68 -5.76 2.04
N TRP D 92 2.60 -6.54 1.96
CA TRP D 92 2.34 -7.51 3.03
C TRP D 92 3.29 -8.67 3.05
N SER D 93 3.71 -9.12 1.87
CA SER D 93 4.65 -10.23 1.81
C SER D 93 5.96 -9.78 2.46
N TYR D 94 6.29 -8.50 2.28
CA TYR D 94 7.50 -7.95 2.88
C TYR D 94 7.30 -7.90 4.39
N ASN D 95 6.15 -7.44 4.85
CA ASN D 95 5.92 -7.36 6.29
C ASN D 95 6.06 -8.74 6.91
N ALA D 96 5.43 -9.75 6.31
CA ALA D 96 5.51 -11.10 6.85
C ALA D 96 6.95 -11.58 6.93
N GLU D 97 7.72 -11.36 5.86
CA GLU D 97 9.14 -11.74 5.79
C GLU D 97 9.98 -11.09 6.89
N LEU D 98 9.74 -9.80 7.14
CA LEU D 98 10.46 -9.05 8.16
C LEU D 98 10.04 -9.40 9.60
N LEU D 99 8.74 -9.58 9.81
CA LEU D 99 8.24 -9.94 11.13
C LEU D 99 8.92 -11.18 11.66
N VAL D 100 8.87 -12.28 10.91
CA VAL D 100 9.49 -13.51 11.42
C VAL D 100 10.98 -13.35 11.59
N ALA D 101 11.59 -12.66 10.64
CA ALA D 101 13.02 -12.41 10.67
C ALA D 101 13.33 -11.78 12.03
N LEU D 102 12.71 -10.63 12.28
CA LEU D 102 12.89 -9.91 13.53
C LEU D 102 12.52 -10.79 14.73
N GLU D 103 11.27 -11.27 14.74
CA GLU D 103 10.80 -12.13 15.82
C GLU D 103 11.77 -13.28 16.12
N ASN D 104 12.14 -14.06 15.10
CA ASN D 104 13.04 -15.17 15.27
C ASN D 104 14.42 -14.79 15.82
N GLN D 105 14.98 -13.68 15.33
CA GLN D 105 16.28 -13.21 15.80
C GLN D 105 16.16 -12.88 17.28
N HIS D 106 15.07 -12.19 17.64
CA HIS D 106 14.85 -11.83 19.05
C HIS D 106 14.49 -13.05 19.91
N THR D 107 13.87 -14.06 19.31
CA THR D 107 13.53 -15.26 20.08
C THR D 107 14.79 -16.05 20.40
N ILE D 108 15.76 -16.07 19.50
CA ILE D 108 16.98 -16.83 19.77
C ILE D 108 17.87 -16.16 20.83
N ASP D 109 17.89 -14.83 20.85
CA ASP D 109 18.69 -14.13 21.85
C ASP D 109 18.03 -14.20 23.22
N LEU D 110 16.71 -14.17 23.24
CA LEU D 110 15.96 -14.23 24.49
C LEU D 110 16.17 -15.57 25.21
N ALA D 111 16.13 -16.68 24.46
CA ALA D 111 16.32 -18.01 25.02
C ALA D 111 17.74 -18.13 25.55
N ASP D 112 18.66 -17.52 24.81
CA ASP D 112 20.08 -17.52 25.16
C ASP D 112 20.25 -16.71 26.44
N SER D 113 19.60 -15.55 26.49
CA SER D 113 19.69 -14.67 27.65
C SER D 113 19.16 -15.39 28.89
N GLU D 114 18.01 -16.03 28.77
CA GLU D 114 17.44 -16.74 29.89
C GLU D 114 18.38 -17.85 30.41
N MET D 115 19.21 -18.40 29.51
CA MET D 115 20.17 -19.42 29.91
C MET D 115 21.29 -18.76 30.70
N ASN D 116 21.72 -17.60 30.23
CA ASN D 116 22.77 -16.86 30.89
C ASN D 116 22.30 -16.38 32.26
N LYS D 117 21.05 -15.95 32.36
CA LYS D 117 20.50 -15.48 33.63
C LYS D 117 20.64 -16.57 34.70
N LEU D 118 20.28 -17.80 34.35
CA LEU D 118 20.34 -18.93 35.27
C LEU D 118 21.76 -19.22 35.72
N PHE D 119 22.71 -18.99 34.82
CA PHE D 119 24.11 -19.21 35.12
C PHE D 119 24.55 -18.21 36.14
N GLU D 120 24.22 -16.94 35.88
CA GLU D 120 24.58 -15.85 36.79
C GLU D 120 23.90 -16.00 38.15
N LYS D 121 22.64 -16.42 38.11
CA LYS D 121 21.83 -16.65 39.31
C LYS D 121 22.51 -17.75 40.16
N THR D 122 23.14 -18.71 39.49
CA THR D 122 23.84 -19.80 40.17
C THR D 122 25.20 -19.35 40.71
N ARG D 123 25.97 -18.65 39.88
CA ARG D 123 27.28 -18.13 40.27
C ARG D 123 27.19 -17.28 41.53
N ARG D 124 26.21 -16.39 41.56
CA ARG D 124 26.02 -15.49 42.68
C ARG D 124 25.63 -16.24 43.94
N GLN D 125 24.85 -17.30 43.77
CA GLN D 125 24.46 -18.10 44.91
C GLN D 125 25.70 -18.73 45.55
N LEU D 126 26.50 -19.43 44.75
CA LEU D 126 27.70 -20.11 45.25
C LEU D 126 28.80 -19.23 45.86
N ARG D 127 28.80 -17.93 45.54
CA ARG D 127 29.78 -16.97 46.06
C ARG D 127 31.24 -17.39 45.91
N GLU D 128 31.94 -17.56 47.03
CA GLU D 128 33.35 -17.95 47.01
C GLU D 128 33.61 -19.45 47.16
N ASN D 129 32.54 -20.23 47.14
CA ASN D 129 32.64 -21.67 47.29
C ASN D 129 32.84 -22.48 46.00
N ALA D 130 32.74 -21.84 44.83
CA ALA D 130 32.93 -22.55 43.57
C ALA D 130 33.69 -21.70 42.56
N GLU D 131 34.03 -22.31 41.43
CA GLU D 131 34.75 -21.61 40.37
C GLU D 131 34.19 -22.01 39.01
N ASP D 132 34.07 -21.02 38.12
CA ASP D 132 33.56 -21.25 36.78
C ASP D 132 34.66 -21.85 35.93
N MET D 133 34.43 -23.09 35.51
CA MET D 133 35.38 -23.83 34.70
C MET D 133 35.38 -23.43 33.24
N GLY D 134 34.43 -22.55 32.86
CA GLY D 134 34.36 -22.04 31.49
C GLY D 134 33.47 -22.78 30.50
N ASN D 135 32.79 -23.82 30.95
CA ASN D 135 31.93 -24.61 30.08
C ASN D 135 30.52 -24.71 30.63
N GLY D 136 30.13 -23.72 31.42
CA GLY D 136 28.80 -23.77 31.99
C GLY D 136 28.72 -24.59 33.26
N CYS D 137 29.85 -25.14 33.70
CA CYS D 137 29.86 -25.93 34.93
C CYS D 137 30.61 -25.18 36.00
N PHE D 138 30.21 -25.40 37.24
CA PHE D 138 30.89 -24.77 38.36
C PHE D 138 31.57 -25.89 39.12
N LYS D 139 32.78 -25.62 39.60
CA LYS D 139 33.50 -26.60 40.39
C LYS D 139 33.30 -26.15 41.84
N ILE D 140 32.45 -26.86 42.57
CA ILE D 140 32.17 -26.54 43.96
C ILE D 140 33.25 -27.18 44.81
N TYR D 141 34.08 -26.36 45.44
CA TYR D 141 35.21 -26.80 46.26
C TYR D 141 34.88 -27.29 47.66
N HIS D 142 33.85 -28.11 47.79
CA HIS D 142 33.49 -28.66 49.08
C HIS D 142 32.53 -29.80 48.90
N LYS D 143 32.60 -30.78 49.79
CA LYS D 143 31.73 -31.94 49.72
C LYS D 143 30.30 -31.43 49.63
N CYS D 144 29.62 -31.82 48.56
CA CYS D 144 28.26 -31.35 48.34
C CYS D 144 27.39 -32.53 47.89
N ASP D 145 26.72 -33.17 48.83
CA ASP D 145 25.88 -34.32 48.51
C ASP D 145 24.57 -33.92 47.84
N ASN D 146 23.73 -34.91 47.53
CA ASN D 146 22.48 -34.64 46.85
C ASN D 146 21.71 -33.50 47.49
N ALA D 147 21.62 -33.51 48.81
CA ALA D 147 20.89 -32.45 49.50
C ALA D 147 21.54 -31.10 49.21
N CYS D 148 22.86 -31.03 49.38
CA CYS D 148 23.58 -29.78 49.14
C CYS D 148 23.32 -29.24 47.73
N ILE D 149 23.32 -30.14 46.73
CA ILE D 149 23.05 -29.72 45.36
C ILE D 149 21.61 -29.24 45.24
N GLU D 150 20.69 -29.98 45.82
CA GLU D 150 19.28 -29.61 45.77
C GLU D 150 19.03 -28.21 46.32
N SER D 151 19.68 -27.86 47.42
CA SER D 151 19.50 -26.54 48.01
C SER D 151 19.92 -25.46 47.01
N ILE D 152 20.91 -25.78 46.18
CA ILE D 152 21.39 -24.83 45.19
C ILE D 152 20.31 -24.65 44.13
N ARG D 153 19.82 -25.78 43.61
CA ARG D 153 18.78 -25.76 42.59
C ARG D 153 17.48 -25.11 43.07
N ASN D 154 17.11 -25.30 44.32
CA ASN D 154 15.90 -24.68 44.81
C ASN D 154 16.20 -23.29 45.38
N GLY D 155 17.46 -22.88 45.24
CA GLY D 155 17.88 -21.57 45.71
C GLY D 155 17.91 -21.29 47.21
N THR D 156 18.17 -22.30 48.02
CA THR D 156 18.23 -22.10 49.47
C THR D 156 19.66 -22.34 49.96
N TYR D 157 20.58 -22.49 49.02
CA TYR D 157 21.99 -22.73 49.36
C TYR D 157 22.56 -21.65 50.29
N ASP D 158 23.14 -22.09 51.41
CA ASP D 158 23.74 -21.20 52.41
C ASP D 158 25.28 -21.20 52.29
N HIS D 159 25.82 -20.26 51.54
CA HIS D 159 27.27 -20.23 51.31
C HIS D 159 28.18 -20.21 52.53
N ASP D 160 27.73 -19.63 53.64
CA ASP D 160 28.57 -19.57 54.84
C ASP D 160 28.92 -20.94 55.40
N ILE D 161 27.94 -21.81 55.46
CA ILE D 161 28.14 -23.16 55.98
C ILE D 161 29.34 -23.85 55.35
N TYR D 162 29.65 -23.54 54.10
CA TYR D 162 30.76 -24.17 53.42
C TYR D 162 31.93 -23.26 53.06
N ARG D 163 31.80 -21.97 53.33
CA ARG D 163 32.87 -21.03 52.98
C ARG D 163 34.27 -21.47 53.43
N ASP D 164 34.42 -21.76 54.72
CA ASP D 164 35.73 -22.19 55.24
C ASP D 164 36.25 -23.43 54.52
N GLU D 165 35.47 -24.49 54.51
CA GLU D 165 35.87 -25.73 53.85
C GLU D 165 36.30 -25.44 52.42
N ALA D 166 35.51 -24.61 51.75
CA ALA D 166 35.78 -24.26 50.38
C ALA D 166 37.05 -23.42 50.24
N LEU D 167 37.14 -22.32 50.97
CA LEU D 167 38.31 -21.44 50.88
C LEU D 167 39.62 -22.20 51.04
N ASN D 168 39.63 -23.22 51.89
CA ASN D 168 40.81 -24.02 52.12
C ASN D 168 41.20 -24.74 50.84
N ASN D 169 40.26 -25.49 50.27
CA ASN D 169 40.50 -26.20 49.03
C ASN D 169 40.93 -25.24 47.90
N ARG D 170 40.22 -24.13 47.75
CA ARG D 170 40.53 -23.18 46.69
C ARG D 170 41.92 -22.58 46.78
N PHE D 171 42.33 -22.18 47.99
CA PHE D 171 43.64 -21.56 48.13
C PHE D 171 44.67 -22.34 48.95
N GLN D 172 44.90 -23.61 48.58
CA GLN D 172 45.89 -24.44 49.27
C GLN D 172 46.80 -25.11 48.25
N SER E 9 57.02 -10.01 38.67
CA SER E 9 56.65 -11.39 38.27
C SER E 9 55.63 -11.30 37.16
N THR E 10 54.56 -10.56 37.47
CA THR E 10 53.39 -10.34 36.62
C THR E 10 53.43 -10.21 35.09
N ALA E 11 52.25 -10.42 34.51
CA ALA E 11 51.99 -10.31 33.08
C ALA E 11 50.64 -9.57 32.95
N THR E 12 50.44 -8.88 31.84
CA THR E 12 49.24 -8.08 31.61
C THR E 12 48.72 -8.27 30.19
N LEU E 13 47.52 -8.82 30.04
CA LEU E 13 47.00 -9.04 28.71
C LEU E 13 45.75 -8.22 28.50
N CYS E 14 45.73 -7.26 27.60
CA CYS E 14 44.51 -6.48 27.36
C CYS E 14 43.75 -6.93 26.15
N LEU E 15 42.42 -6.89 26.18
CA LEU E 15 41.60 -7.26 25.03
C LEU E 15 41.13 -6.00 24.32
N GLY E 16 40.93 -6.07 23.01
CA GLY E 16 40.48 -4.90 22.29
C GLY E 16 39.83 -5.19 20.96
N HIS E 17 39.30 -4.14 20.35
CA HIS E 17 38.66 -4.23 19.05
C HIS E 17 39.36 -3.15 18.23
N HIS E 18 39.23 -3.21 16.92
CA HIS E 18 39.89 -2.23 16.05
C HIS E 18 39.07 -0.97 15.79
N ALA E 19 39.64 -0.05 15.01
CA ALA E 19 38.94 1.18 14.63
C ALA E 19 39.62 1.63 13.38
N VAL E 20 39.02 2.59 12.68
CA VAL E 20 39.62 3.09 11.45
C VAL E 20 39.57 4.62 11.36
N PRO E 21 40.50 5.21 10.59
CA PRO E 21 40.65 6.66 10.36
C PRO E 21 39.40 7.33 9.89
N ASN E 22 39.09 7.10 8.62
CA ASN E 22 37.89 7.66 8.03
C ASN E 22 36.78 6.65 8.21
N GLY E 23 35.96 6.86 9.25
CA GLY E 23 34.88 5.94 9.49
C GLY E 23 33.71 6.31 8.61
N THR E 24 32.58 5.65 8.87
CA THR E 24 31.39 5.83 8.05
C THR E 24 30.19 6.20 8.86
N ILE E 25 29.38 7.12 8.37
CA ILE E 25 28.19 7.45 9.11
C ILE E 25 26.94 6.67 8.68
N VAL E 26 26.27 6.14 9.70
CA VAL E 26 25.08 5.34 9.56
C VAL E 26 23.97 5.79 10.53
N LYS E 27 22.74 5.33 10.32
CA LYS E 27 21.61 5.70 11.18
C LYS E 27 21.09 4.50 11.95
N THR E 28 20.65 4.72 13.20
CA THR E 28 20.09 3.62 13.99
C THR E 28 18.74 3.97 14.60
N ILE E 29 18.37 3.23 15.62
CA ILE E 29 17.11 3.45 16.31
C ILE E 29 17.32 4.55 17.37
N THR E 30 18.52 4.60 17.94
CA THR E 30 18.89 5.54 19.01
C THR E 30 19.87 6.64 18.57
N ASP E 31 20.03 6.75 17.26
CA ASP E 31 20.93 7.71 16.63
C ASP E 31 20.58 7.83 15.17
N ASP E 32 20.51 9.06 14.70
CA ASP E 32 20.24 9.30 13.30
C ASP E 32 21.62 9.51 12.69
N GLN E 33 22.58 9.82 13.55
CA GLN E 33 23.93 10.04 13.10
C GLN E 33 24.91 9.34 14.03
N ILE E 34 25.54 8.27 13.60
CA ILE E 34 26.51 7.57 14.43
C ILE E 34 27.53 6.94 13.49
N GLU E 35 28.80 6.89 13.92
CA GLU E 35 29.86 6.39 13.06
C GLU E 35 30.30 4.92 13.23
N VAL E 36 30.32 4.20 12.12
CA VAL E 36 30.77 2.81 12.13
C VAL E 36 31.99 2.66 11.21
N THR E 37 32.74 1.60 11.41
CA THR E 37 33.94 1.38 10.61
C THR E 37 33.62 1.20 9.12
N ASN E 38 32.52 0.52 8.78
CA ASN E 38 32.14 0.26 7.37
C ASN E 38 30.63 0.03 7.16
N ALA E 39 30.17 0.36 5.97
CA ALA E 39 28.79 0.23 5.58
C ALA E 39 28.67 0.11 4.06
N THR E 40 27.52 -0.32 3.57
CA THR E 40 27.30 -0.46 2.12
C THR E 40 26.06 0.34 1.69
N GLU E 41 26.04 0.83 0.45
CA GLU E 41 24.89 1.61 -0.04
C GLU E 41 23.74 0.71 -0.46
N LEU E 42 22.52 1.07 -0.06
CA LEU E 42 21.34 0.29 -0.45
C LEU E 42 20.47 0.98 -1.50
N VAL E 43 20.70 2.26 -1.75
CA VAL E 43 19.90 3.00 -2.72
C VAL E 43 20.60 3.31 -4.06
N GLN E 44 20.32 2.46 -5.06
CA GLN E 44 20.83 2.64 -6.41
C GLN E 44 20.33 4.03 -6.80
N SER E 45 21.25 4.98 -6.85
CA SER E 45 20.89 6.35 -7.18
C SER E 45 21.40 6.81 -8.54
N SER E 46 22.23 6.01 -9.19
CA SER E 46 22.76 6.45 -10.46
C SER E 46 22.33 5.72 -11.72
N SER E 47 22.76 6.28 -12.85
CA SER E 47 22.42 5.81 -14.19
C SER E 47 23.68 5.50 -15.01
N THR E 48 23.47 5.07 -16.25
CA THR E 48 24.54 4.86 -17.23
C THR E 48 24.05 5.93 -18.22
N GLY E 49 22.76 6.24 -18.09
CA GLY E 49 22.11 7.22 -18.94
C GLY E 49 21.60 6.60 -20.23
N LYS E 50 21.85 5.30 -20.39
CA LYS E 50 21.45 4.58 -21.60
C LYS E 50 20.67 3.30 -21.31
N ILE E 51 19.79 2.93 -22.23
CA ILE E 51 18.97 1.72 -22.10
C ILE E 51 19.66 0.54 -22.81
N CYS E 52 19.99 -0.54 -22.09
CA CYS E 52 20.67 -1.68 -22.73
C CYS E 52 19.84 -2.46 -23.71
N ASN E 53 20.41 -2.71 -24.88
CA ASN E 53 19.71 -3.43 -25.93
C ASN E 53 19.30 -4.87 -25.61
N ASN E 54 19.65 -5.34 -24.41
CA ASN E 54 19.41 -6.71 -23.97
C ASN E 54 19.40 -6.70 -22.43
N PRO E 55 18.76 -7.75 -21.80
CA PRO E 55 17.98 -8.94 -22.19
C PRO E 55 16.66 -8.73 -22.94
N HIS E 56 15.94 -7.63 -22.65
CA HIS E 56 14.61 -7.40 -23.24
C HIS E 56 14.56 -6.91 -24.68
N ARG E 57 13.72 -7.56 -25.48
CA ARG E 57 13.58 -7.17 -26.87
C ARG E 57 13.07 -5.72 -26.83
N ILE E 58 13.93 -4.78 -27.20
CA ILE E 58 13.58 -3.38 -27.18
C ILE E 58 13.31 -2.86 -28.57
N LEU E 59 12.31 -2.00 -28.70
CA LEU E 59 11.93 -1.45 -29.99
C LEU E 59 11.78 0.05 -29.85
N ASP E 60 12.60 0.80 -30.57
CA ASP E 60 12.53 2.24 -30.51
C ASP E 60 11.43 2.73 -31.43
N GLY E 61 10.42 3.36 -30.86
CA GLY E 61 9.36 3.90 -31.68
C GLY E 61 9.92 4.87 -32.70
N ARG E 62 10.96 5.59 -32.29
CA ARG E 62 11.68 6.56 -33.13
C ARG E 62 10.98 7.90 -33.34
N ALA E 63 10.05 7.91 -34.30
CA ALA E 63 9.23 9.10 -34.62
C ALA E 63 7.78 8.66 -34.60
N CYS E 64 7.62 7.37 -34.42
CA CYS E 64 6.33 6.76 -34.40
C CYS E 64 5.88 6.40 -33.00
N THR E 65 4.59 6.63 -32.74
CA THR E 65 3.94 6.34 -31.48
C THR E 65 3.40 4.95 -31.72
N LEU E 66 3.28 4.17 -30.66
CA LEU E 66 2.78 2.81 -30.79
C LEU E 66 1.46 2.78 -31.53
N ILE E 67 0.61 3.77 -31.24
CA ILE E 67 -0.71 3.89 -31.86
C ILE E 67 -0.59 4.00 -33.39
N ASP E 68 0.01 5.12 -33.84
CA ASP E 68 0.25 5.36 -35.27
C ASP E 68 0.86 4.13 -35.94
N ALA E 69 1.69 3.41 -35.19
CA ALA E 69 2.29 2.22 -35.71
C ALA E 69 1.19 1.20 -35.93
N LEU E 70 0.27 1.14 -34.98
CA LEU E 70 -0.83 0.19 -35.06
C LEU E 70 -1.79 0.52 -36.18
N LEU E 71 -2.17 1.80 -36.26
CA LEU E 71 -3.10 2.30 -37.27
C LEU E 71 -2.51 2.17 -38.68
N GLY E 72 -1.22 2.47 -38.78
CA GLY E 72 -0.51 2.38 -40.05
C GLY E 72 -0.15 3.71 -40.69
N ASP E 73 0.16 4.71 -39.86
CA ASP E 73 0.57 6.02 -40.37
C ASP E 73 1.74 5.72 -41.30
N PRO E 74 1.72 6.28 -42.51
CA PRO E 74 2.79 6.05 -43.49
C PRO E 74 4.24 5.92 -43.02
N HIS E 75 4.75 6.91 -42.27
CA HIS E 75 6.14 6.81 -41.83
C HIS E 75 6.34 5.79 -40.74
N CYS E 76 5.25 5.12 -40.40
CA CYS E 76 5.29 4.09 -39.37
C CYS E 76 5.09 2.66 -39.96
N ASP E 77 5.21 2.51 -41.28
CA ASP E 77 5.04 1.19 -41.91
C ASP E 77 6.21 0.21 -41.71
N VAL E 78 7.33 0.72 -41.21
CA VAL E 78 8.48 -0.13 -40.96
C VAL E 78 8.12 -1.00 -39.75
N PHE E 79 7.24 -0.47 -38.89
CA PHE E 79 6.80 -1.16 -37.68
C PHE E 79 5.74 -2.22 -37.89
N GLN E 80 5.42 -2.51 -39.15
CA GLN E 80 4.42 -3.51 -39.46
C GLN E 80 4.76 -4.90 -38.93
N ASN E 81 3.83 -5.51 -38.20
CA ASN E 81 4.06 -6.84 -37.62
C ASN E 81 5.21 -6.85 -36.58
N GLU E 82 5.53 -5.70 -35.98
CA GLU E 82 6.63 -5.65 -34.99
C GLU E 82 6.29 -6.25 -33.62
N THR E 83 7.31 -6.67 -32.87
CA THR E 83 7.12 -7.23 -31.54
C THR E 83 8.05 -6.50 -30.58
N TRP E 84 7.82 -6.64 -29.29
CA TRP E 84 8.65 -5.94 -28.33
C TRP E 84 8.40 -6.40 -26.91
N ASP E 85 9.46 -6.50 -26.13
CA ASP E 85 9.30 -6.83 -24.74
C ASP E 85 9.00 -5.45 -24.18
N LEU E 86 9.71 -4.45 -24.70
CA LEU E 86 9.50 -3.08 -24.27
C LEU E 86 9.50 -2.08 -25.43
N PHE E 87 8.34 -1.51 -25.72
CA PHE E 87 8.24 -0.52 -26.80
C PHE E 87 8.70 0.80 -26.20
N VAL E 88 9.45 1.59 -26.97
CA VAL E 88 9.95 2.87 -26.47
C VAL E 88 9.50 4.09 -27.28
N GLU E 89 8.55 4.85 -26.72
CA GLU E 89 8.04 6.05 -27.38
C GLU E 89 8.92 7.27 -27.13
N ARG E 90 9.23 8.01 -28.19
CA ARG E 90 10.09 9.20 -28.07
C ARG E 90 9.32 10.49 -28.01
N SER E 91 9.92 11.51 -27.40
CA SER E 91 9.24 12.79 -27.24
C SER E 91 9.06 13.59 -28.51
N ASN E 92 9.83 13.31 -29.55
CA ASN E 92 9.66 14.07 -30.78
C ASN E 92 8.83 13.35 -31.83
N ALA E 93 8.15 12.29 -31.39
CA ALA E 93 7.30 11.51 -32.28
C ALA E 93 6.16 12.40 -32.72
N PHE E 94 5.79 12.27 -33.99
CA PHE E 94 4.75 13.08 -34.59
C PHE E 94 3.83 12.19 -35.41
N SER E 95 2.64 12.70 -35.68
CA SER E 95 1.65 11.99 -36.47
C SER E 95 1.60 12.72 -37.80
N ASN E 96 1.79 11.99 -38.89
CA ASN E 96 1.76 12.60 -40.21
C ASN E 96 0.63 12.06 -41.09
N CYS E 97 -0.51 11.78 -40.51
CA CYS E 97 -1.63 11.27 -41.30
C CYS E 97 -2.90 12.05 -41.00
N TYR E 98 -4.02 11.46 -41.41
CA TYR E 98 -5.35 12.05 -41.25
C TYR E 98 -5.78 12.25 -39.80
N PRO E 99 -6.30 13.46 -39.46
CA PRO E 99 -6.76 13.77 -38.10
C PRO E 99 -7.59 12.68 -37.50
N TYR E 100 -7.20 12.17 -36.34
CA TYR E 100 -7.96 11.10 -35.68
C TYR E 100 -8.16 11.32 -34.18
N ASP E 101 -9.22 10.72 -33.66
CA ASP E 101 -9.57 10.79 -32.24
C ASP E 101 -9.77 9.35 -31.77
N ILE E 102 -9.41 9.07 -30.52
CA ILE E 102 -9.62 7.72 -30.00
C ILE E 102 -10.16 7.82 -28.60
N PRO E 103 -11.52 7.64 -28.47
CA PRO E 103 -12.15 7.64 -27.14
C PRO E 103 -11.53 6.49 -26.42
N ASP E 104 -10.82 6.82 -25.37
CA ASP E 104 -10.09 5.87 -24.55
C ASP E 104 -8.76 5.43 -25.17
N TYR E 105 -8.00 6.43 -25.61
CA TYR E 105 -6.68 6.23 -26.22
C TYR E 105 -5.79 5.43 -25.27
N ALA E 106 -5.77 5.89 -24.02
CA ALA E 106 -4.94 5.28 -23.02
C ALA E 106 -5.18 3.79 -22.88
N SER E 107 -6.42 3.34 -22.97
CA SER E 107 -6.59 1.91 -22.80
C SER E 107 -6.14 1.13 -24.01
N LEU E 108 -6.31 1.69 -25.21
CA LEU E 108 -5.87 0.99 -26.41
C LEU E 108 -4.34 0.93 -26.37
N ARG E 109 -3.68 2.09 -26.24
CA ARG E 109 -2.22 2.10 -26.15
C ARG E 109 -1.75 1.04 -25.15
N SER E 110 -2.54 0.86 -24.10
CA SER E 110 -2.22 -0.09 -23.05
C SER E 110 -2.35 -1.57 -23.41
N LEU E 111 -3.54 -1.98 -23.82
CA LEU E 111 -3.71 -3.40 -24.15
C LEU E 111 -2.81 -3.83 -25.29
N VAL E 112 -2.63 -2.95 -26.27
CA VAL E 112 -1.75 -3.24 -27.39
C VAL E 112 -0.34 -3.42 -26.84
N ALA E 113 0.12 -2.45 -26.06
CA ALA E 113 1.46 -2.51 -25.48
C ALA E 113 1.67 -3.86 -24.78
N SER E 114 0.68 -4.27 -23.98
CA SER E 114 0.83 -5.51 -23.24
C SER E 114 0.83 -6.78 -24.09
N SER E 115 0.18 -6.72 -25.24
CA SER E 115 0.14 -7.85 -26.14
C SER E 115 1.55 -7.99 -26.73
N GLY E 116 2.21 -6.83 -26.89
CA GLY E 116 3.56 -6.74 -27.40
C GLY E 116 3.81 -7.23 -28.82
N THR E 117 2.77 -7.22 -29.64
CA THR E 117 2.88 -7.71 -31.02
C THR E 117 1.96 -6.89 -31.91
N LEU E 118 2.40 -6.64 -33.13
CA LEU E 118 1.60 -5.90 -34.10
C LEU E 118 1.21 -6.80 -35.25
N GLU E 119 1.41 -8.13 -35.10
CA GLU E 119 1.07 -9.09 -36.15
C GLU E 119 -0.35 -8.84 -36.65
N PHE E 120 -0.45 -8.42 -37.90
CA PHE E 120 -1.75 -8.14 -38.51
C PHE E 120 -2.04 -9.20 -39.57
N ILE E 121 -3.26 -9.72 -39.55
CA ILE E 121 -3.62 -10.73 -40.54
C ILE E 121 -4.71 -10.15 -41.40
N THR E 122 -4.45 -10.00 -42.69
CA THR E 122 -5.44 -9.41 -43.58
C THR E 122 -6.61 -10.35 -43.84
N GLU E 123 -7.82 -9.85 -43.63
CA GLU E 123 -8.99 -10.68 -43.84
C GLU E 123 -9.76 -10.31 -45.09
N GLY E 124 -10.39 -11.31 -45.72
CA GLY E 124 -11.13 -11.02 -46.94
C GLY E 124 -12.54 -10.48 -46.78
N PHE E 125 -12.70 -9.29 -46.21
CA PHE E 125 -14.02 -8.67 -46.06
C PHE E 125 -14.40 -8.33 -47.48
N THR E 126 -15.69 -8.28 -47.76
CA THR E 126 -16.14 -7.97 -49.11
C THR E 126 -17.11 -6.80 -49.06
N TRP E 127 -16.63 -5.64 -49.49
CA TRP E 127 -17.39 -4.39 -49.49
C TRP E 127 -18.09 -4.13 -50.82
N THR E 128 -19.25 -4.75 -50.98
CA THR E 128 -20.03 -4.62 -52.21
C THR E 128 -20.89 -3.39 -52.28
N GLY E 129 -20.68 -2.59 -53.30
CA GLY E 129 -21.48 -1.40 -53.39
C GLY E 129 -20.69 -0.15 -53.06
N VAL E 130 -19.46 -0.29 -52.59
CA VAL E 130 -18.67 0.89 -52.29
C VAL E 130 -17.29 0.97 -52.94
N THR E 131 -16.74 2.16 -52.86
CA THR E 131 -15.43 2.47 -53.40
C THR E 131 -14.51 2.36 -52.19
N GLN E 132 -13.40 1.65 -52.32
CA GLN E 132 -12.47 1.47 -51.19
C GLN E 132 -11.15 2.21 -51.31
N ASN E 133 -10.20 1.78 -50.48
CA ASN E 133 -8.86 2.35 -50.44
C ASN E 133 -8.86 3.84 -50.67
N GLY E 134 -9.69 4.56 -49.93
CA GLY E 134 -9.76 6.01 -50.08
C GLY E 134 -8.62 6.71 -49.36
N GLY E 135 -8.23 7.90 -49.81
CA GLY E 135 -7.14 8.57 -49.15
C GLY E 135 -7.25 10.07 -48.94
N SER E 136 -6.18 10.65 -48.42
CA SER E 136 -6.14 12.09 -48.15
C SER E 136 -4.80 12.78 -48.44
N SER E 137 -4.85 14.09 -48.63
CA SER E 137 -3.66 14.89 -48.87
C SER E 137 -2.93 14.92 -47.54
N ALA E 138 -3.68 14.63 -46.47
CA ALA E 138 -3.11 14.60 -45.13
C ALA E 138 -2.64 13.19 -44.83
N CYS E 139 -2.50 12.43 -45.89
CA CYS E 139 -2.00 11.11 -45.72
C CYS E 139 -1.22 10.83 -46.95
N LYS E 140 -0.15 11.59 -47.08
CA LYS E 140 0.73 11.43 -48.21
C LYS E 140 1.62 10.23 -48.01
N ARG E 141 1.16 9.09 -48.51
CA ARG E 141 1.96 7.85 -48.47
C ARG E 141 2.76 8.11 -49.72
N GLY E 142 4.01 8.54 -49.56
CA GLY E 142 4.76 8.91 -50.73
C GLY E 142 4.07 10.21 -51.17
N PRO E 143 4.45 10.75 -52.33
CA PRO E 143 3.83 11.99 -52.84
C PRO E 143 2.31 12.04 -53.00
N ALA E 144 1.70 10.91 -53.35
CA ALA E 144 0.25 10.86 -53.56
C ALA E 144 -0.54 10.78 -52.27
N ASN E 145 -1.87 10.84 -52.38
CA ASN E 145 -2.74 10.74 -51.21
C ASN E 145 -2.74 9.30 -50.68
N GLY E 146 -3.21 9.12 -49.45
CA GLY E 146 -3.22 7.78 -48.88
C GLY E 146 -4.02 7.69 -47.61
N PHE E 147 -3.76 6.66 -46.81
CA PHE E 147 -4.51 6.48 -45.58
C PHE E 147 -3.80 5.48 -44.66
N PHE E 148 -4.29 5.32 -43.43
CA PHE E 148 -3.69 4.37 -42.50
C PHE E 148 -3.64 3.00 -43.18
N SER E 149 -2.47 2.37 -43.22
CA SER E 149 -2.32 1.07 -43.88
C SER E 149 -3.31 -0.01 -43.44
N ARG E 150 -3.72 0.01 -42.18
CA ARG E 150 -4.63 -1.01 -41.69
C ARG E 150 -6.10 -0.63 -41.79
N LEU E 151 -6.41 0.53 -42.34
CA LEU E 151 -7.81 0.95 -42.44
C LEU E 151 -8.24 1.06 -43.90
N ASN E 152 -9.55 1.00 -44.13
CA ASN E 152 -10.09 1.04 -45.49
C ASN E 152 -11.18 2.12 -45.59
N TRP E 153 -10.81 3.32 -46.05
CA TRP E 153 -11.82 4.38 -46.16
C TRP E 153 -12.84 3.98 -47.23
N LEU E 154 -14.11 3.87 -46.86
CA LEU E 154 -15.17 3.49 -47.81
C LEU E 154 -16.02 4.69 -48.29
N THR E 155 -16.32 4.71 -49.58
CA THR E 155 -17.08 5.79 -50.19
C THR E 155 -18.11 5.26 -51.16
N LYS E 156 -19.08 6.11 -51.48
CA LYS E 156 -20.15 5.74 -52.40
C LYS E 156 -19.60 5.23 -53.73
N SER E 157 -20.42 4.46 -54.44
CA SER E 157 -20.06 3.93 -55.73
C SER E 157 -21.29 3.96 -56.60
N GLU E 158 -21.15 4.64 -57.74
CA GLU E 158 -22.23 4.80 -58.69
C GLU E 158 -23.45 5.38 -57.99
N SER E 159 -23.25 6.55 -57.39
CA SER E 159 -24.26 7.33 -56.69
C SER E 159 -25.16 6.60 -55.68
N ALA E 160 -24.54 5.95 -54.70
CA ALA E 160 -25.24 5.19 -53.68
C ALA E 160 -24.24 4.74 -52.62
N TYR E 161 -24.74 4.22 -51.51
CA TYR E 161 -23.87 3.70 -50.45
C TYR E 161 -24.79 2.74 -49.69
N PRO E 162 -24.63 1.42 -49.92
CA PRO E 162 -25.40 0.34 -49.32
C PRO E 162 -25.49 0.27 -47.83
N VAL E 163 -26.49 -0.46 -47.36
CA VAL E 163 -26.63 -0.72 -45.95
C VAL E 163 -25.65 -1.90 -45.92
N LEU E 164 -24.38 -1.61 -45.60
CA LEU E 164 -23.37 -2.66 -45.58
C LEU E 164 -23.65 -3.59 -44.43
N ASN E 165 -23.34 -4.86 -44.64
CA ASN E 165 -23.61 -5.88 -43.64
C ASN E 165 -22.65 -7.04 -43.90
N VAL E 166 -21.46 -6.96 -43.32
CA VAL E 166 -20.44 -7.98 -43.51
C VAL E 166 -20.06 -8.75 -42.25
N THR E 167 -19.96 -10.07 -42.40
CA THR E 167 -19.66 -10.95 -41.30
C THR E 167 -18.30 -11.56 -41.42
N MET E 168 -17.64 -11.73 -40.28
CA MET E 168 -16.32 -12.34 -40.28
C MET E 168 -16.10 -13.18 -39.04
N PRO E 169 -16.32 -14.50 -39.16
CA PRO E 169 -16.15 -15.51 -38.09
C PRO E 169 -14.77 -15.63 -37.45
N ASN E 170 -14.71 -15.96 -36.17
CA ASN E 170 -13.41 -16.17 -35.52
C ASN E 170 -13.32 -17.69 -35.29
N ASN E 171 -12.85 -18.38 -36.32
CA ASN E 171 -12.72 -19.83 -36.31
C ASN E 171 -11.36 -20.26 -35.81
N ASP E 172 -10.57 -19.32 -35.30
CA ASP E 172 -9.27 -19.66 -34.79
C ASP E 172 -9.43 -19.99 -33.30
N ASN E 173 -8.34 -20.38 -32.66
CA ASN E 173 -8.34 -20.73 -31.23
C ASN E 173 -7.89 -19.54 -30.36
N PHE E 174 -7.64 -18.40 -30.99
CA PHE E 174 -7.19 -17.20 -30.29
C PHE E 174 -8.09 -15.98 -30.46
N ASP E 175 -7.82 -14.94 -29.67
CA ASP E 175 -8.57 -13.67 -29.71
C ASP E 175 -8.07 -12.73 -30.79
N LYS E 176 -9.00 -12.12 -31.51
CA LYS E 176 -8.69 -11.18 -32.57
C LYS E 176 -8.98 -9.75 -32.11
N LEU E 177 -8.08 -8.82 -32.42
CA LEU E 177 -8.32 -7.44 -32.05
C LEU E 177 -8.62 -6.65 -33.32
N TYR E 178 -9.88 -6.34 -33.58
CA TYR E 178 -10.22 -5.57 -34.78
C TYR E 178 -10.26 -4.11 -34.42
N ILE E 179 -9.64 -3.27 -35.23
CA ILE E 179 -9.70 -1.84 -34.95
C ILE E 179 -10.29 -1.17 -36.20
N TRP E 180 -11.42 -0.50 -36.00
CA TRP E 180 -12.16 0.16 -37.06
C TRP E 180 -12.42 1.57 -36.59
N GLY E 181 -13.21 2.34 -37.35
CA GLY E 181 -13.52 3.70 -36.96
C GLY E 181 -14.65 4.31 -37.78
N VAL E 182 -15.01 5.56 -37.47
CA VAL E 182 -16.06 6.27 -38.22
C VAL E 182 -15.61 7.67 -38.61
N HIS E 183 -16.09 8.15 -39.76
CA HIS E 183 -15.68 9.45 -40.25
C HIS E 183 -16.65 10.57 -39.94
N HIS E 184 -16.10 11.69 -39.45
CA HIS E 184 -16.92 12.85 -39.12
C HIS E 184 -16.72 13.99 -40.12
N PRO E 185 -17.56 14.04 -41.17
CA PRO E 185 -17.43 15.11 -42.17
C PRO E 185 -17.49 16.54 -41.67
N SER E 186 -16.80 17.45 -42.35
CA SER E 186 -16.79 18.85 -41.95
C SER E 186 -18.12 19.57 -42.19
N THR E 187 -18.86 19.15 -43.21
CA THR E 187 -20.15 19.77 -43.55
C THR E 187 -21.14 18.76 -44.10
N ASN E 188 -22.41 19.17 -44.23
CA ASN E 188 -23.47 18.31 -44.75
C ASN E 188 -23.20 17.99 -46.22
N GLN E 189 -22.76 19.00 -46.97
CA GLN E 189 -22.47 18.80 -48.38
C GLN E 189 -21.47 17.65 -48.48
N GLU E 190 -20.48 17.65 -47.59
CA GLU E 190 -19.47 16.60 -47.57
C GLU E 190 -20.09 15.24 -47.26
N GLN E 191 -20.96 15.21 -46.26
CA GLN E 191 -21.63 13.99 -45.87
C GLN E 191 -22.37 13.35 -47.04
N THR E 192 -23.33 14.09 -47.61
CA THR E 192 -24.14 13.61 -48.73
C THR E 192 -23.36 13.37 -50.00
N ASN E 193 -22.27 14.11 -50.13
CA ASN E 193 -21.41 14.01 -51.29
C ASN E 193 -20.58 12.73 -51.29
N LEU E 194 -20.11 12.34 -50.10
CA LEU E 194 -19.29 11.14 -49.94
C LEU E 194 -20.09 9.88 -49.66
N TYR E 195 -21.10 10.00 -48.81
CA TYR E 195 -21.88 8.85 -48.42
C TYR E 195 -23.36 8.88 -48.80
N VAL E 196 -23.74 9.85 -49.64
CA VAL E 196 -25.12 9.96 -50.12
C VAL E 196 -26.14 10.19 -49.01
N GLN E 197 -26.24 9.25 -48.08
CA GLN E 197 -27.16 9.38 -46.96
C GLN E 197 -26.82 10.67 -46.20
N ALA E 198 -27.83 11.34 -45.68
CA ALA E 198 -27.63 12.57 -44.93
C ALA E 198 -27.09 12.37 -43.54
N SER E 199 -27.22 11.14 -43.04
CA SER E 199 -26.75 10.81 -41.69
C SER E 199 -26.17 9.40 -41.74
N GLY E 200 -24.91 9.23 -41.35
CA GLY E 200 -24.32 7.90 -41.39
C GLY E 200 -24.55 7.09 -40.13
N ARG E 201 -24.00 5.89 -40.09
CA ARG E 201 -24.14 5.00 -38.93
C ARG E 201 -23.20 3.79 -39.00
N VAL E 202 -22.54 3.48 -37.90
CA VAL E 202 -21.63 2.35 -37.84
C VAL E 202 -21.96 1.49 -36.62
N THR E 203 -22.18 0.20 -36.87
CA THR E 203 -22.50 -0.75 -35.81
C THR E 203 -21.60 -1.99 -35.92
N VAL E 204 -20.76 -2.22 -34.91
CA VAL E 204 -19.89 -3.38 -34.89
C VAL E 204 -20.26 -4.21 -33.68
N SER E 205 -20.57 -5.49 -33.90
CA SER E 205 -21.01 -6.39 -32.82
C SER E 205 -20.60 -7.86 -32.95
N THR E 206 -20.62 -8.52 -31.82
CA THR E 206 -20.31 -9.93 -31.69
C THR E 206 -21.49 -10.43 -30.88
N ARG E 207 -21.46 -11.68 -30.47
CA ARG E 207 -22.55 -12.21 -29.67
C ARG E 207 -22.40 -11.71 -28.25
N ARG E 208 -21.32 -10.97 -28.02
CA ARG E 208 -20.98 -10.46 -26.71
C ARG E 208 -20.86 -8.94 -26.57
N SER E 209 -20.44 -8.26 -27.63
CA SER E 209 -20.33 -6.82 -27.56
C SER E 209 -20.96 -6.21 -28.76
N GLN E 210 -21.66 -5.12 -28.52
CA GLN E 210 -22.30 -4.37 -29.58
C GLN E 210 -21.98 -2.90 -29.36
N GLN E 211 -21.44 -2.22 -30.36
CA GLN E 211 -21.17 -0.79 -30.19
C GLN E 211 -21.57 -0.07 -31.45
N THR E 212 -22.34 1.00 -31.30
CA THR E 212 -22.81 1.69 -32.48
C THR E 212 -22.53 3.17 -32.32
N ILE E 213 -21.87 3.71 -33.34
CA ILE E 213 -21.43 5.09 -33.38
C ILE E 213 -22.17 5.88 -34.47
N ILE E 214 -22.47 7.13 -34.17
CA ILE E 214 -23.15 7.95 -35.16
C ILE E 214 -22.31 9.14 -35.53
N PRO E 215 -22.01 9.28 -36.82
CA PRO E 215 -21.19 10.38 -37.36
C PRO E 215 -21.68 11.71 -36.92
N ASN E 216 -20.76 12.61 -36.58
CA ASN E 216 -21.22 13.95 -36.24
C ASN E 216 -20.52 15.12 -36.94
N ILE E 217 -21.30 15.64 -37.89
CA ILE E 217 -21.01 16.73 -38.80
C ILE E 217 -20.68 18.11 -38.23
N GLY E 218 -19.52 18.65 -38.59
CA GLY E 218 -19.19 19.96 -38.11
C GLY E 218 -17.82 20.43 -38.56
N SER E 219 -17.52 21.70 -38.36
CA SER E 219 -16.21 22.18 -38.74
C SER E 219 -15.25 22.12 -37.55
N ARG E 220 -14.09 21.50 -37.74
CA ARG E 220 -13.08 21.42 -36.69
C ARG E 220 -11.75 21.96 -37.25
N PRO E 221 -10.91 22.58 -36.39
CA PRO E 221 -9.61 23.15 -36.74
C PRO E 221 -8.92 22.34 -37.79
N TRP E 222 -8.30 22.99 -38.76
CA TRP E 222 -7.59 22.29 -39.83
C TRP E 222 -6.31 21.59 -39.37
N VAL E 223 -6.15 20.30 -39.71
CA VAL E 223 -4.92 19.58 -39.37
C VAL E 223 -4.42 18.93 -40.66
N ARG E 224 -3.30 19.44 -41.15
CA ARG E 224 -2.74 18.99 -42.40
C ARG E 224 -3.84 19.27 -43.42
N GLY E 225 -4.58 20.34 -43.15
CA GLY E 225 -5.62 20.80 -44.05
C GLY E 225 -7.02 20.25 -43.89
N GLN E 226 -7.25 19.38 -42.90
CA GLN E 226 -8.58 18.77 -42.76
C GLN E 226 -9.42 19.09 -41.54
N PRO E 227 -10.60 19.71 -41.77
CA PRO E 227 -11.52 20.04 -40.65
C PRO E 227 -12.11 18.75 -40.09
N GLY E 228 -12.29 17.76 -40.96
CA GLY E 228 -12.87 16.51 -40.51
C GLY E 228 -11.98 15.69 -39.62
N ARG E 229 -12.58 14.90 -38.73
CA ARG E 229 -11.83 14.00 -37.85
C ARG E 229 -12.38 12.57 -37.97
N ILE E 230 -11.53 11.60 -37.69
CA ILE E 230 -11.91 10.19 -37.72
C ILE E 230 -11.84 9.75 -36.26
N SER E 231 -12.87 9.08 -35.76
CA SER E 231 -12.83 8.61 -34.38
C SER E 231 -12.50 7.13 -34.45
N ILE E 232 -11.56 6.67 -33.64
CA ILE E 232 -11.21 5.26 -33.70
C ILE E 232 -11.71 4.38 -32.57
N TYR E 233 -12.20 3.20 -32.94
CA TYR E 233 -12.73 2.24 -31.98
C TYR E 233 -12.12 0.87 -32.24
N TRP E 234 -12.21 -0.02 -31.26
CA TRP E 234 -11.66 -1.35 -31.42
C TRP E 234 -12.66 -2.38 -30.93
N THR E 235 -12.45 -3.63 -31.31
CA THR E 235 -13.35 -4.71 -30.95
C THR E 235 -12.63 -6.04 -30.93
N ILE E 236 -12.69 -6.69 -29.78
CA ILE E 236 -12.06 -7.97 -29.60
C ILE E 236 -13.07 -9.08 -29.83
N VAL E 237 -12.77 -9.95 -30.78
CA VAL E 237 -13.66 -11.07 -31.08
C VAL E 237 -13.04 -12.36 -30.55
N LYS E 238 -13.69 -12.96 -29.58
CA LYS E 238 -13.21 -14.19 -28.96
C LYS E 238 -13.46 -15.44 -29.81
N PRO E 239 -12.68 -16.51 -29.58
CA PRO E 239 -12.82 -17.78 -30.33
C PRO E 239 -14.22 -18.38 -30.28
N GLY E 240 -14.71 -18.81 -31.44
CA GLY E 240 -16.04 -19.37 -31.50
C GLY E 240 -17.06 -18.28 -31.80
N ASP E 241 -16.67 -17.00 -31.73
CA ASP E 241 -17.60 -15.89 -31.99
C ASP E 241 -17.52 -15.43 -33.45
N VAL E 242 -18.15 -14.30 -33.74
CA VAL E 242 -18.18 -13.76 -35.09
C VAL E 242 -18.38 -12.24 -35.10
N LEU E 243 -17.72 -11.55 -36.02
CA LEU E 243 -17.83 -10.10 -36.12
C LEU E 243 -18.82 -9.67 -37.19
N VAL E 244 -19.66 -8.70 -36.85
CA VAL E 244 -20.61 -8.19 -37.82
C VAL E 244 -20.55 -6.68 -37.85
N ILE E 245 -20.26 -6.15 -39.03
CA ILE E 245 -20.17 -4.70 -39.23
C ILE E 245 -21.38 -4.30 -40.07
N ASN E 246 -22.15 -3.36 -39.56
CA ASN E 246 -23.33 -2.89 -40.29
C ASN E 246 -23.27 -1.37 -40.33
N SER E 247 -23.29 -0.84 -41.54
CA SER E 247 -23.22 0.60 -41.76
C SER E 247 -23.78 1.04 -43.10
N ASN E 248 -24.39 2.21 -43.11
CA ASN E 248 -24.94 2.76 -44.34
C ASN E 248 -24.28 4.12 -44.58
N GLY E 249 -23.04 4.27 -44.09
CA GLY E 249 -22.33 5.52 -44.30
C GLY E 249 -21.31 5.84 -43.22
N ASN E 250 -20.21 6.47 -43.63
CA ASN E 250 -19.12 6.91 -42.72
C ASN E 250 -18.21 5.86 -42.08
N LEU E 251 -18.30 4.59 -42.48
CA LEU E 251 -17.45 3.57 -41.88
C LEU E 251 -16.03 3.50 -42.44
N ILE E 252 -15.03 3.45 -41.54
CA ILE E 252 -13.63 3.28 -41.93
C ILE E 252 -13.42 1.81 -41.59
N ALA E 253 -13.51 0.96 -42.61
CA ALA E 253 -13.40 -0.48 -42.47
C ALA E 253 -12.07 -1.06 -42.01
N PRO E 254 -12.12 -2.23 -41.38
CA PRO E 254 -10.96 -2.98 -40.88
C PRO E 254 -10.44 -3.72 -42.10
N ARG E 255 -9.18 -4.14 -42.07
CA ARG E 255 -8.63 -4.86 -43.21
C ARG E 255 -8.30 -6.28 -42.79
N GLY E 256 -8.38 -6.49 -41.48
CA GLY E 256 -8.09 -7.78 -40.88
C GLY E 256 -8.01 -7.58 -39.38
N TYR E 257 -7.13 -8.31 -38.72
CA TYR E 257 -7.03 -8.18 -37.27
C TYR E 257 -5.60 -8.29 -36.76
N PHE E 258 -5.44 -8.02 -35.47
CA PHE E 258 -4.14 -8.11 -34.81
C PHE E 258 -4.17 -9.31 -33.87
N LYS E 259 -3.11 -10.09 -33.88
CA LYS E 259 -3.06 -11.26 -33.01
C LYS E 259 -2.84 -10.71 -31.59
N MET E 260 -3.57 -11.26 -30.62
CA MET E 260 -3.43 -10.79 -29.24
C MET E 260 -2.72 -11.79 -28.35
N ARG E 261 -1.63 -11.36 -27.74
CA ARG E 261 -0.85 -12.27 -26.91
C ARG E 261 -0.65 -11.74 -25.51
N THR E 262 -0.38 -12.64 -24.58
CA THR E 262 -0.15 -12.24 -23.19
C THR E 262 1.32 -12.49 -22.83
N GLY E 263 1.90 -11.59 -22.06
CA GLY E 263 3.29 -11.76 -21.66
C GLY E 263 3.78 -10.61 -20.80
N LYS E 264 5.09 -10.35 -20.88
CA LYS E 264 5.73 -9.27 -20.11
C LYS E 264 5.97 -8.04 -20.96
N SER E 265 5.30 -7.94 -22.11
CA SER E 265 5.49 -6.79 -23.00
C SER E 265 4.92 -5.53 -22.39
N SER E 266 5.54 -4.40 -22.71
CA SER E 266 5.07 -3.15 -22.18
C SER E 266 5.62 -2.00 -23.00
N ILE E 267 5.29 -0.79 -22.59
CA ILE E 267 5.74 0.38 -23.30
C ILE E 267 6.31 1.37 -22.28
N MET E 268 7.20 2.25 -22.75
CA MET E 268 7.80 3.24 -21.88
C MET E 268 8.15 4.50 -22.65
N ARG E 269 7.98 5.65 -22.01
CA ARG E 269 8.29 6.93 -22.63
C ARG E 269 9.68 7.35 -22.15
N SER E 270 10.59 7.55 -23.08
CA SER E 270 11.96 7.95 -22.75
C SER E 270 12.60 8.63 -23.96
N ASP E 271 13.86 9.04 -23.77
CA ASP E 271 14.66 9.68 -24.82
C ASP E 271 16.05 9.11 -24.67
N ALA E 272 16.13 8.12 -23.81
CA ALA E 272 17.38 7.46 -23.51
C ALA E 272 17.87 6.60 -24.66
N PRO E 273 19.12 6.89 -25.12
CA PRO E 273 19.79 6.15 -26.19
C PRO E 273 19.79 4.69 -25.88
N ILE E 274 19.74 3.86 -26.91
CA ILE E 274 19.73 2.42 -26.69
C ILE E 274 21.05 1.80 -27.09
N ASP E 275 21.90 1.54 -26.10
CA ASP E 275 23.19 0.94 -26.35
C ASP E 275 23.18 -0.59 -26.36
N THR E 276 24.36 -1.17 -26.53
CA THR E 276 24.51 -2.61 -26.57
C THR E 276 25.19 -3.07 -25.28
N CYS E 277 24.38 -3.46 -24.31
CA CYS E 277 24.84 -3.96 -23.02
C CYS E 277 23.79 -4.88 -22.42
N ILE E 278 23.99 -5.27 -21.17
CA ILE E 278 23.05 -6.16 -20.53
C ILE E 278 22.63 -5.65 -19.16
N SER E 279 21.40 -5.15 -19.05
CA SER E 279 20.86 -4.66 -17.78
C SER E 279 19.41 -5.19 -17.58
N GLU E 280 19.23 -5.99 -16.53
CA GLU E 280 17.94 -6.58 -16.20
C GLU E 280 16.91 -5.48 -16.00
N CYS E 281 17.26 -4.46 -15.24
CA CYS E 281 16.32 -3.37 -14.99
C CYS E 281 16.43 -2.18 -15.93
N ILE E 282 15.28 -1.70 -16.41
CA ILE E 282 15.21 -0.53 -17.30
C ILE E 282 14.35 0.61 -16.72
N THR E 283 14.81 1.85 -16.86
CA THR E 283 14.04 2.98 -16.38
C THR E 283 14.09 4.06 -17.47
N PRO E 284 13.18 5.04 -17.40
CA PRO E 284 13.14 6.13 -18.39
C PRO E 284 14.50 6.81 -18.52
N ASN E 285 15.22 6.91 -17.39
CA ASN E 285 16.53 7.56 -17.39
C ASN E 285 17.63 6.66 -17.92
N GLY E 286 17.27 5.43 -18.29
CA GLY E 286 18.24 4.48 -18.80
C GLY E 286 18.25 3.25 -17.90
N SER E 287 19.04 2.24 -18.24
CA SER E 287 19.09 1.04 -17.40
C SER E 287 19.87 1.37 -16.12
N ILE E 288 19.72 0.51 -15.11
CA ILE E 288 20.40 0.71 -13.83
C ILE E 288 20.52 -0.66 -13.17
N PRO E 289 21.63 -0.91 -12.46
CA PRO E 289 21.91 -2.16 -11.74
C PRO E 289 20.83 -2.55 -10.77
N ASN E 290 20.70 -3.85 -10.52
CA ASN E 290 19.69 -4.29 -9.59
C ASN E 290 20.25 -5.09 -8.41
N ASP E 291 21.45 -4.73 -7.99
CA ASP E 291 22.11 -5.41 -6.87
C ASP E 291 21.75 -4.76 -5.52
N LYS E 292 21.13 -3.59 -5.58
CA LYS E 292 20.72 -2.88 -4.37
C LYS E 292 19.22 -2.98 -4.18
N PRO E 293 18.77 -3.07 -2.92
CA PRO E 293 17.34 -3.17 -2.58
C PRO E 293 16.49 -2.03 -3.10
N PHE E 294 17.00 -0.81 -2.94
CA PHE E 294 16.27 0.38 -3.36
C PHE E 294 16.95 1.28 -4.42
N GLN E 295 16.19 2.23 -4.97
CA GLN E 295 16.68 3.14 -6.01
C GLN E 295 15.92 4.47 -6.00
N ASN E 296 16.60 5.54 -6.39
CA ASN E 296 16.02 6.87 -6.38
C ASN E 296 16.00 7.54 -7.79
N VAL E 297 16.21 6.74 -8.83
CA VAL E 297 16.25 7.20 -10.22
C VAL E 297 14.92 7.66 -10.82
N ASN E 298 14.01 6.70 -11.02
CA ASN E 298 12.69 7.01 -11.56
C ASN E 298 11.73 5.94 -11.06
N LYS E 299 10.50 6.32 -10.74
CA LYS E 299 9.51 5.36 -10.27
C LYS E 299 9.01 4.48 -11.40
N ILE E 300 9.28 4.92 -12.63
CA ILE E 300 8.86 4.17 -13.81
C ILE E 300 9.91 3.10 -14.06
N THR E 301 9.53 1.82 -13.98
CA THR E 301 10.50 0.75 -14.21
C THR E 301 10.00 -0.42 -15.03
N TYR E 302 10.94 -1.18 -15.56
CA TYR E 302 10.57 -2.34 -16.33
C TYR E 302 11.64 -3.38 -16.07
N GLY E 303 11.25 -4.58 -15.65
CA GLY E 303 12.22 -5.63 -15.37
C GLY E 303 12.43 -5.86 -13.88
N ALA E 304 13.44 -6.68 -13.55
CA ALA E 304 13.80 -6.99 -12.16
C ALA E 304 14.40 -5.68 -11.64
N CYS E 305 13.61 -4.94 -10.87
CA CYS E 305 14.03 -3.62 -10.36
C CYS E 305 13.83 -3.28 -8.87
N PRO E 306 14.87 -2.60 -8.31
CA PRO E 306 14.90 -2.11 -6.93
C PRO E 306 13.71 -1.22 -6.77
N LYS E 307 13.05 -1.30 -5.62
CA LYS E 307 11.87 -0.45 -5.34
C LYS E 307 12.30 1.01 -5.27
N TYR E 308 11.53 1.90 -5.89
CA TYR E 308 11.85 3.32 -5.86
C TYR E 308 11.50 3.82 -4.47
N VAL E 309 12.34 4.72 -3.95
CA VAL E 309 12.12 5.33 -2.64
C VAL E 309 12.57 6.77 -2.70
N LYS E 310 12.03 7.59 -1.81
CA LYS E 310 12.36 9.01 -1.77
C LYS E 310 13.79 9.26 -1.30
N GLN E 311 14.22 8.48 -0.32
CA GLN E 311 15.56 8.58 0.22
C GLN E 311 16.59 8.38 -0.91
N ASN E 312 17.58 9.25 -0.98
CA ASN E 312 18.59 9.16 -2.03
C ASN E 312 19.81 8.36 -1.58
N THR E 313 19.83 8.00 -0.29
CA THR E 313 20.94 7.23 0.24
C THR E 313 20.59 6.57 1.57
N LEU E 314 20.89 5.28 1.66
CA LEU E 314 20.63 4.54 2.88
C LEU E 314 21.76 3.57 3.07
N LYS E 315 22.54 3.80 4.12
CA LYS E 315 23.69 2.96 4.41
C LYS E 315 23.41 1.84 5.38
N LEU E 316 23.76 0.63 4.99
CA LEU E 316 23.59 -0.51 5.86
C LEU E 316 24.95 -0.72 6.55
N ALA E 317 25.02 -0.62 7.86
CA ALA E 317 26.29 -0.81 8.57
C ALA E 317 26.77 -2.26 8.37
N THR E 318 28.06 -2.42 8.16
CA THR E 318 28.68 -3.74 7.95
C THR E 318 29.92 -3.92 8.82
N GLY E 319 29.97 -3.17 9.92
CA GLY E 319 31.09 -3.26 10.84
C GLY E 319 30.72 -2.61 12.17
N MET E 320 31.54 -2.83 13.20
CA MET E 320 31.24 -2.27 14.52
C MET E 320 31.29 -0.76 14.54
N ARG E 321 30.97 -0.20 15.69
CA ARG E 321 31.01 1.24 15.85
C ARG E 321 32.48 1.62 15.79
N ASN E 322 32.77 2.81 15.27
CA ASN E 322 34.14 3.27 15.15
C ASN E 322 34.51 4.26 16.26
N VAL E 323 35.39 3.82 17.15
CA VAL E 323 35.83 4.66 18.25
C VAL E 323 37.32 4.93 18.15
N PRO E 324 37.74 5.89 17.32
CA PRO E 324 39.17 6.15 17.24
C PRO E 324 39.88 6.45 18.52
N GLU E 325 41.21 6.57 18.40
CA GLU E 325 42.08 6.88 19.53
C GLU E 325 42.48 8.31 19.32
N LYS E 326 41.76 9.23 19.93
CA LYS E 326 42.02 10.66 19.78
C LYS E 326 41.64 11.10 18.36
N GLY F 1 25.86 0.79 23.00
CA GLY F 1 25.68 -0.66 22.80
C GLY F 1 25.23 -1.36 24.07
N LEU F 2 24.32 -2.32 23.91
CA LEU F 2 23.79 -3.06 25.06
C LEU F 2 24.84 -3.71 25.95
N PHE F 3 25.98 -4.12 25.40
CA PHE F 3 26.95 -4.78 26.24
C PHE F 3 28.03 -3.93 26.91
N GLY F 4 28.08 -2.66 26.52
CA GLY F 4 29.02 -1.73 27.12
C GLY F 4 30.50 -2.07 27.00
N ALA F 5 30.86 -2.85 25.98
CA ALA F 5 32.26 -3.20 25.75
C ALA F 5 32.82 -2.13 24.82
N ILE F 6 32.47 -2.21 23.53
CA ILE F 6 32.91 -1.24 22.56
C ILE F 6 32.33 0.10 22.92
N ALA F 7 33.15 1.13 22.87
CA ALA F 7 32.69 2.47 23.21
C ALA F 7 32.10 2.40 24.61
N GLY F 8 32.64 1.50 25.44
CA GLY F 8 32.18 1.32 26.80
C GLY F 8 33.32 1.16 27.79
N PHE F 9 33.37 0.02 28.48
CA PHE F 9 34.43 -0.20 29.44
C PHE F 9 35.78 -0.40 28.75
N ILE F 10 35.77 -0.37 27.43
CA ILE F 10 37.01 -0.45 26.66
C ILE F 10 37.09 0.94 26.05
N GLU F 11 37.88 1.81 26.69
CA GLU F 11 38.03 3.21 26.28
C GLU F 11 38.03 3.55 24.79
N ASN F 12 38.84 2.87 23.98
CA ASN F 12 38.81 3.16 22.56
C ASN F 12 39.38 2.01 21.72
N GLY F 13 39.20 2.11 20.40
CA GLY F 13 39.68 1.07 19.49
C GLY F 13 41.13 1.23 19.06
N TRP F 14 41.66 0.20 18.42
CA TRP F 14 43.04 0.26 17.94
C TRP F 14 43.12 0.38 16.42
N GLU F 15 43.62 1.51 15.95
CA GLU F 15 43.79 1.71 14.51
C GLU F 15 44.94 0.83 14.05
N GLY F 16 45.76 0.40 15.00
CA GLY F 16 46.90 -0.45 14.70
C GLY F 16 46.55 -1.89 14.36
N MET F 17 45.46 -2.38 14.93
CA MET F 17 45.04 -3.74 14.67
C MET F 17 44.44 -3.79 13.27
N ILE F 18 45.26 -4.17 12.31
CA ILE F 18 44.85 -4.23 10.91
C ILE F 18 44.71 -5.66 10.41
N ASP F 19 44.73 -6.60 11.34
CA ASP F 19 44.63 -8.00 11.00
C ASP F 19 43.36 -8.62 11.56
N GLY F 20 42.50 -7.80 12.15
CA GLY F 20 41.26 -8.35 12.69
C GLY F 20 40.36 -7.35 13.38
N TRP F 21 39.19 -7.84 13.77
CA TRP F 21 38.20 -7.04 14.47
C TRP F 21 38.48 -7.11 15.97
N TYR F 22 39.16 -8.17 16.38
CA TYR F 22 39.48 -8.40 17.79
C TYR F 22 40.88 -8.89 18.05
N GLY F 23 41.38 -8.59 19.25
CA GLY F 23 42.70 -9.05 19.61
C GLY F 23 43.15 -8.70 21.00
N PHE F 24 44.40 -9.07 21.27
CA PHE F 24 45.03 -8.83 22.55
C PHE F 24 46.31 -8.06 22.34
N ARG F 25 46.68 -7.33 23.38
CA ARG F 25 47.94 -6.59 23.42
C ARG F 25 48.45 -7.02 24.80
N HIS F 26 49.75 -7.30 24.94
CA HIS F 26 50.30 -7.73 26.22
C HIS F 26 51.65 -7.08 26.51
N GLN F 27 51.96 -7.01 27.81
CA GLN F 27 53.23 -6.46 28.30
C GLN F 27 53.78 -7.48 29.30
N ASN F 28 54.81 -8.23 28.91
CA ASN F 28 55.42 -9.22 29.81
C ASN F 28 56.94 -9.08 29.91
N SER F 29 57.56 -9.93 30.73
CA SER F 29 59.01 -9.93 30.92
C SER F 29 59.70 -9.75 29.57
N GLU F 30 59.31 -10.56 28.58
CA GLU F 30 59.89 -10.51 27.23
C GLU F 30 59.53 -9.28 26.39
N GLY F 31 58.48 -8.56 26.78
CA GLY F 31 58.17 -7.38 25.99
C GLY F 31 56.73 -6.94 25.97
N THR F 32 56.29 -6.44 24.82
CA THR F 32 54.92 -5.97 24.63
C THR F 32 54.52 -6.45 23.22
N GLY F 33 53.34 -7.02 23.06
CA GLY F 33 52.94 -7.48 21.74
C GLY F 33 51.50 -7.22 21.35
N GLN F 34 51.09 -7.80 20.21
CA GLN F 34 49.73 -7.66 19.70
C GLN F 34 49.32 -8.62 18.59
N ALA F 35 48.37 -9.50 18.91
CA ALA F 35 47.82 -10.47 17.96
C ALA F 35 46.37 -10.07 17.74
N ALA F 36 45.74 -10.61 16.73
CA ALA F 36 44.35 -10.30 16.49
C ALA F 36 43.63 -11.64 16.62
N ASP F 37 42.47 -11.67 17.30
CA ASP F 37 41.74 -12.93 17.46
C ASP F 37 40.96 -13.25 16.19
N LEU F 38 41.36 -14.32 15.50
CA LEU F 38 40.70 -14.72 14.26
C LEU F 38 39.31 -15.29 14.52
N LYS F 39 39.26 -16.32 15.35
CA LYS F 39 38.00 -16.98 15.66
C LYS F 39 36.90 -15.96 15.93
N SER F 40 37.17 -15.03 16.83
CA SER F 40 36.26 -13.96 17.22
C SER F 40 35.87 -13.06 16.02
N THR F 41 36.88 -12.48 15.37
CA THR F 41 36.68 -11.62 14.22
C THR F 41 35.84 -12.27 13.11
N GLN F 42 36.18 -13.51 12.79
CA GLN F 42 35.50 -14.30 11.77
C GLN F 42 34.02 -14.46 12.15
N ALA F 43 33.75 -14.66 13.43
CA ALA F 43 32.37 -14.82 13.86
C ALA F 43 31.54 -13.55 13.69
N ALA F 44 32.18 -12.39 13.78
CA ALA F 44 31.42 -11.15 13.63
C ALA F 44 31.10 -10.95 12.15
N ILE F 45 32.11 -11.17 11.34
CA ILE F 45 31.99 -11.03 9.90
C ILE F 45 30.99 -12.01 9.29
N ASP F 46 31.03 -13.28 9.71
CA ASP F 46 30.10 -14.24 9.15
C ASP F 46 28.64 -13.86 9.42
N GLN F 47 28.39 -13.29 10.59
CA GLN F 47 27.04 -12.86 10.96
C GLN F 47 26.60 -11.63 10.23
N ILE F 48 27.48 -10.63 10.09
CA ILE F 48 27.12 -9.42 9.38
C ILE F 48 26.97 -9.68 7.88
N ASN F 49 27.74 -10.65 7.36
CA ASN F 49 27.67 -11.01 5.94
C ASN F 49 26.36 -11.69 5.58
N ARG F 50 25.90 -12.60 6.44
CA ARG F 50 24.61 -13.27 6.22
C ARG F 50 23.54 -12.20 6.37
N LYS F 51 23.75 -11.30 7.33
CA LYS F 51 22.81 -10.19 7.58
C LYS F 51 22.66 -9.30 6.35
N LEU F 52 23.78 -9.07 5.67
CA LEU F 52 23.79 -8.24 4.47
C LEU F 52 23.16 -8.97 3.29
N ASN F 53 23.65 -10.17 3.02
CA ASN F 53 23.12 -10.97 1.92
C ASN F 53 21.59 -11.10 1.88
N ARG F 54 20.91 -11.01 3.03
CA ARG F 54 19.44 -11.13 3.08
C ARG F 54 18.79 -9.89 2.49
N VAL F 55 19.46 -8.76 2.68
CA VAL F 55 18.95 -7.49 2.20
C VAL F 55 19.27 -7.10 0.75
N ILE F 56 20.33 -7.62 0.16
CA ILE F 56 20.68 -7.19 -1.20
C ILE F 56 20.52 -8.15 -2.40
N GLU F 57 20.31 -9.41 -2.15
CA GLU F 57 20.17 -10.35 -3.26
C GLU F 57 18.70 -10.43 -3.69
N LYS F 58 17.90 -9.44 -3.32
CA LYS F 58 16.49 -9.53 -3.66
C LYS F 58 15.81 -8.35 -4.37
N THR F 59 15.24 -8.64 -5.54
CA THR F 59 14.49 -7.66 -6.34
C THR F 59 13.29 -8.38 -6.96
N ASN F 60 12.25 -7.63 -7.27
CA ASN F 60 11.09 -8.25 -7.88
C ASN F 60 10.78 -7.69 -9.25
N GLU F 61 10.43 -8.61 -10.14
CA GLU F 61 10.11 -8.31 -11.52
C GLU F 61 8.70 -7.77 -11.70
N LYS F 62 8.62 -6.62 -12.33
CA LYS F 62 7.34 -5.98 -12.63
C LYS F 62 7.43 -5.43 -14.06
N PHE F 63 6.57 -5.93 -14.94
CA PHE F 63 6.58 -5.49 -16.34
C PHE F 63 5.51 -4.45 -16.65
N HIS F 64 4.40 -4.85 -17.25
CA HIS F 64 3.41 -3.83 -17.54
C HIS F 64 2.68 -3.45 -16.27
N GLN F 65 2.71 -2.17 -15.94
CA GLN F 65 2.06 -1.66 -14.75
C GLN F 65 1.16 -0.51 -15.15
N ILE F 66 0.96 0.45 -14.24
CA ILE F 66 0.15 1.60 -14.58
C ILE F 66 1.08 2.70 -15.04
N GLU F 67 0.51 3.75 -15.62
CA GLU F 67 1.29 4.90 -16.06
C GLU F 67 1.62 5.66 -14.78
N LYS F 68 2.48 6.69 -14.87
CA LYS F 68 2.86 7.47 -13.68
C LYS F 68 3.16 8.95 -13.95
N GLU F 69 3.20 9.32 -15.22
CA GLU F 69 3.43 10.71 -15.62
C GLU F 69 2.37 11.02 -16.63
N PHE F 70 1.73 12.18 -16.49
CA PHE F 70 0.66 12.56 -17.41
C PHE F 70 0.93 13.86 -18.18
N SER F 71 0.59 13.85 -19.46
CA SER F 71 0.78 14.99 -20.32
C SER F 71 -0.42 15.98 -20.26
N GLU F 72 -1.60 15.51 -19.86
CA GLU F 72 -2.77 16.39 -19.77
C GLU F 72 -3.53 16.20 -18.48
N VAL F 73 -4.45 17.12 -18.22
CA VAL F 73 -5.26 17.06 -17.01
C VAL F 73 -6.51 16.21 -17.26
N GLU F 74 -6.85 15.33 -16.31
CA GLU F 74 -8.03 14.46 -16.51
C GLU F 74 -8.99 14.41 -15.34
N GLY F 75 -8.49 14.31 -14.12
CA GLY F 75 -9.43 14.28 -13.01
C GLY F 75 -9.45 13.03 -12.15
N ARG F 76 -10.67 12.65 -11.76
CA ARG F 76 -10.88 11.49 -10.91
C ARG F 76 -9.95 10.31 -11.13
N ILE F 77 -10.00 9.74 -12.32
CA ILE F 77 -9.20 8.57 -12.63
C ILE F 77 -7.71 8.81 -12.42
N GLN F 78 -7.19 9.91 -12.96
CA GLN F 78 -5.76 10.22 -12.82
C GLN F 78 -5.36 10.44 -11.37
N ASP F 79 -6.23 11.10 -10.60
CA ASP F 79 -5.93 11.35 -9.20
C ASP F 79 -5.64 10.01 -8.52
N LEU F 80 -6.54 9.04 -8.75
CA LEU F 80 -6.42 7.72 -8.17
C LEU F 80 -5.11 7.08 -8.60
N GLU F 81 -4.79 7.18 -9.88
CA GLU F 81 -3.54 6.60 -10.36
C GLU F 81 -2.31 7.14 -9.63
N LYS F 82 -2.32 8.44 -9.31
CA LYS F 82 -1.21 9.08 -8.60
C LYS F 82 -1.19 8.73 -7.12
N TYR F 83 -2.34 8.82 -6.49
CA TYR F 83 -2.44 8.49 -5.08
C TYR F 83 -1.89 7.10 -4.94
N VAL F 84 -2.32 6.22 -5.81
CA VAL F 84 -1.84 4.87 -5.68
C VAL F 84 -0.34 4.81 -5.66
N GLU F 85 0.30 5.38 -6.68
CA GLU F 85 1.76 5.34 -6.75
C GLU F 85 2.39 6.08 -5.58
N ASP F 86 1.91 7.29 -5.32
CA ASP F 86 2.46 8.06 -4.21
C ASP F 86 2.37 7.29 -2.90
N THR F 87 1.21 6.66 -2.67
CA THR F 87 0.97 5.85 -1.48
C THR F 87 2.01 4.73 -1.41
N LYS F 88 2.09 3.95 -2.48
CA LYS F 88 3.04 2.85 -2.56
C LYS F 88 4.45 3.35 -2.22
N ILE F 89 4.88 4.43 -2.86
CA ILE F 89 6.20 5.00 -2.63
C ILE F 89 6.45 5.38 -1.18
N ASP F 90 5.53 6.11 -0.56
CA ASP F 90 5.77 6.45 0.83
C ASP F 90 5.97 5.21 1.72
N LEU F 91 5.14 4.18 1.53
CA LEU F 91 5.22 2.95 2.32
C LEU F 91 6.57 2.19 2.16
N TRP F 92 7.14 2.17 0.97
CA TRP F 92 8.43 1.50 0.82
C TRP F 92 9.53 2.37 1.42
N SER F 93 9.47 3.68 1.19
CA SER F 93 10.44 4.61 1.77
C SER F 93 10.42 4.39 3.29
N TYR F 94 9.24 4.15 3.85
CA TYR F 94 9.17 3.92 5.29
C TYR F 94 9.84 2.60 5.61
N ASN F 95 9.57 1.60 4.79
CA ASN F 95 10.14 0.28 5.00
C ASN F 95 11.64 0.30 4.97
N ALA F 96 12.18 1.07 4.03
CA ALA F 96 13.62 1.22 3.84
C ALA F 96 14.22 1.94 5.04
N GLU F 97 13.62 3.07 5.40
CA GLU F 97 14.11 3.82 6.55
C GLU F 97 14.18 2.93 7.77
N LEU F 98 13.08 2.25 8.06
CA LEU F 98 13.01 1.34 9.19
C LEU F 98 14.00 0.17 9.06
N LEU F 99 14.08 -0.40 7.87
CA LEU F 99 14.97 -1.53 7.71
C LEU F 99 16.37 -1.26 8.22
N VAL F 100 17.03 -0.24 7.68
CA VAL F 100 18.40 0.06 8.10
C VAL F 100 18.51 0.42 9.57
N ALA F 101 17.58 1.26 10.02
CA ALA F 101 17.50 1.71 11.42
C ALA F 101 17.54 0.49 12.33
N LEU F 102 16.64 -0.45 12.10
CA LEU F 102 16.62 -1.66 12.90
C LEU F 102 17.94 -2.40 12.74
N GLU F 103 18.22 -2.80 11.50
CA GLU F 103 19.45 -3.52 11.15
C GLU F 103 20.72 -2.92 11.75
N ASN F 104 20.91 -1.60 11.59
CA ASN F 104 22.10 -0.96 12.10
C ASN F 104 22.22 -1.09 13.62
N GLN F 105 21.09 -0.92 14.32
CA GLN F 105 21.09 -1.04 15.77
C GLN F 105 21.49 -2.47 16.15
N HIS F 106 20.90 -3.48 15.52
CA HIS F 106 21.28 -4.84 15.86
C HIS F 106 22.73 -5.11 15.49
N THR F 107 23.21 -4.45 14.43
CA THR F 107 24.59 -4.63 13.96
C THR F 107 25.59 -4.07 14.96
N ILE F 108 25.29 -2.90 15.53
CA ILE F 108 26.20 -2.31 16.50
C ILE F 108 26.21 -3.13 17.79
N ASP F 109 25.06 -3.62 18.23
CA ASP F 109 25.02 -4.43 19.45
C ASP F 109 25.65 -5.81 19.22
N LEU F 110 25.64 -6.32 17.99
CA LEU F 110 26.22 -7.64 17.76
C LEU F 110 27.72 -7.59 17.85
N ALA F 111 28.31 -6.51 17.33
CA ALA F 111 29.76 -6.36 17.38
C ALA F 111 30.21 -6.17 18.84
N ASP F 112 29.30 -5.62 19.64
CA ASP F 112 29.54 -5.36 21.07
C ASP F 112 29.45 -6.72 21.78
N SER F 113 28.44 -7.51 21.43
CA SER F 113 28.28 -8.82 22.02
C SER F 113 29.46 -9.75 21.71
N GLU F 114 30.01 -9.62 20.51
CA GLU F 114 31.14 -10.43 20.10
C GLU F 114 32.40 -10.03 20.91
N MET F 115 32.64 -8.72 21.08
CA MET F 115 33.78 -8.23 21.86
C MET F 115 33.67 -8.79 23.27
N ASN F 116 32.49 -8.62 23.87
CA ASN F 116 32.28 -9.09 25.21
C ASN F 116 32.45 -10.60 25.30
N LYS F 117 31.94 -11.35 24.32
CA LYS F 117 32.11 -12.80 24.36
C LYS F 117 33.58 -13.19 24.44
N LEU F 118 34.44 -12.47 23.72
CA LEU F 118 35.87 -12.80 23.75
C LEU F 118 36.46 -12.52 25.13
N PHE F 119 35.97 -11.46 25.77
CA PHE F 119 36.44 -11.06 27.09
C PHE F 119 36.07 -12.07 28.16
N GLU F 120 34.81 -12.50 28.21
CA GLU F 120 34.35 -13.49 29.18
C GLU F 120 35.06 -14.83 28.93
N LYS F 121 35.27 -15.12 27.65
CA LYS F 121 35.94 -16.33 27.20
C LYS F 121 37.34 -16.31 27.78
N THR F 122 38.01 -15.16 27.66
CA THR F 122 39.37 -14.96 28.17
C THR F 122 39.46 -15.05 29.69
N ARG F 123 38.57 -14.33 30.39
CA ARG F 123 38.47 -14.31 31.85
C ARG F 123 38.25 -15.72 32.41
N ARG F 124 37.40 -16.50 31.75
CA ARG F 124 37.15 -17.84 32.23
C ARG F 124 38.36 -18.77 32.06
N GLN F 125 39.24 -18.43 31.12
CA GLN F 125 40.46 -19.20 30.89
C GLN F 125 41.45 -18.95 32.03
N LEU F 126 41.64 -17.68 32.36
CA LEU F 126 42.56 -17.28 33.41
C LEU F 126 42.18 -17.71 34.84
N ARG F 127 40.91 -18.00 35.08
CA ARG F 127 40.48 -18.42 36.43
C ARG F 127 40.88 -17.47 37.55
N GLU F 128 41.67 -18.02 38.47
CA GLU F 128 42.15 -17.29 39.64
C GLU F 128 43.56 -16.71 39.45
N ASN F 129 44.16 -16.96 38.29
CA ASN F 129 45.51 -16.47 38.04
C ASN F 129 45.57 -15.04 37.53
N ALA F 130 44.42 -14.37 37.44
CA ALA F 130 44.41 -13.02 36.91
C ALA F 130 43.19 -12.21 37.35
N GLU F 131 43.27 -10.88 37.19
CA GLU F 131 42.17 -9.99 37.56
C GLU F 131 41.82 -8.97 36.49
N ASP F 132 40.53 -8.64 36.43
CA ASP F 132 39.99 -7.70 35.46
C ASP F 132 40.21 -6.27 35.97
N MET F 133 41.15 -5.58 35.35
CA MET F 133 41.44 -4.21 35.77
C MET F 133 40.36 -3.21 35.44
N GLY F 134 39.40 -3.59 34.59
CA GLY F 134 38.31 -2.69 34.25
C GLY F 134 38.49 -1.77 33.04
N ASN F 135 39.64 -1.86 32.39
CA ASN F 135 39.90 -1.04 31.20
C ASN F 135 39.97 -1.96 29.99
N GLY F 136 39.50 -3.20 30.19
CA GLY F 136 39.49 -4.22 29.16
C GLY F 136 40.73 -5.10 29.31
N CYS F 137 41.45 -4.91 30.42
CA CYS F 137 42.70 -5.64 30.68
C CYS F 137 42.73 -6.60 31.90
N PHE F 138 43.38 -7.74 31.72
CA PHE F 138 43.57 -8.72 32.79
C PHE F 138 45.00 -8.60 33.28
N LYS F 139 45.15 -8.46 34.58
CA LYS F 139 46.48 -8.39 35.15
C LYS F 139 46.76 -9.81 35.57
N ILE F 140 47.57 -10.48 34.78
CA ILE F 140 47.93 -11.86 35.05
C ILE F 140 48.99 -11.81 36.16
N TYR F 141 48.70 -12.47 37.28
CA TYR F 141 49.57 -12.46 38.45
C TYR F 141 50.76 -13.40 38.51
N HIS F 142 51.18 -13.93 37.37
CA HIS F 142 52.32 -14.82 37.27
C HIS F 142 53.13 -14.37 36.04
N LYS F 143 54.24 -15.05 35.81
CA LYS F 143 55.11 -14.74 34.70
C LYS F 143 54.53 -15.50 33.53
N CYS F 144 53.91 -14.77 32.63
CA CYS F 144 53.29 -15.36 31.48
C CYS F 144 54.12 -14.93 30.28
N ASP F 145 55.00 -15.81 29.79
CA ASP F 145 55.85 -15.45 28.65
C ASP F 145 55.14 -15.65 27.31
N ASN F 146 55.79 -15.20 26.23
CA ASN F 146 55.22 -15.32 24.89
C ASN F 146 54.59 -16.68 24.61
N ALA F 147 55.10 -17.73 25.25
CA ALA F 147 54.55 -19.07 25.06
C ALA F 147 53.29 -19.19 25.93
N CYS F 148 53.36 -18.64 27.13
CA CYS F 148 52.23 -18.64 28.05
C CYS F 148 51.10 -17.78 27.44
N ILE F 149 51.45 -16.65 26.81
CA ILE F 149 50.46 -15.76 26.21
C ILE F 149 49.83 -16.37 24.97
N GLU F 150 50.59 -17.20 24.28
CA GLU F 150 50.11 -17.87 23.08
C GLU F 150 49.08 -18.95 23.47
N SER F 151 49.37 -19.64 24.58
CA SER F 151 48.51 -20.71 25.09
C SER F 151 47.16 -20.15 25.53
N ILE F 152 47.14 -18.87 25.82
CA ILE F 152 45.92 -18.22 26.24
C ILE F 152 45.12 -17.82 25.00
N ARG F 153 45.80 -17.23 24.02
CA ARG F 153 45.16 -16.82 22.77
C ARG F 153 44.64 -17.95 21.92
N ASN F 154 45.37 -19.03 21.75
CA ASN F 154 44.89 -20.13 20.95
C ASN F 154 44.01 -21.05 21.87
N GLY F 155 43.73 -20.58 23.08
CA GLY F 155 42.94 -21.35 24.02
C GLY F 155 43.45 -22.66 24.61
N THR F 156 44.76 -22.82 24.85
CA THR F 156 45.37 -24.04 25.45
C THR F 156 45.80 -23.93 26.93
N TYR F 157 45.90 -22.69 27.41
CA TYR F 157 46.31 -22.33 28.78
C TYR F 157 45.81 -23.25 29.92
N ASP F 158 46.72 -23.71 30.79
CA ASP F 158 46.31 -24.55 31.94
C ASP F 158 46.50 -23.79 33.26
N HIS F 159 45.40 -23.23 33.75
CA HIS F 159 45.39 -22.45 35.00
C HIS F 159 46.09 -23.16 36.16
N ASP F 160 46.17 -24.49 36.11
CA ASP F 160 46.81 -25.24 37.18
C ASP F 160 48.31 -25.04 37.27
N ILE F 161 48.94 -24.85 36.12
CA ILE F 161 50.38 -24.66 36.08
C ILE F 161 50.88 -23.39 36.77
N TYR F 162 50.13 -22.31 36.68
CA TYR F 162 50.53 -21.04 37.28
C TYR F 162 49.66 -20.67 38.49
N ARG F 163 48.72 -21.53 38.85
CA ARG F 163 47.82 -21.27 39.97
C ARG F 163 48.53 -20.85 41.25
N ASP F 164 49.35 -21.74 41.81
CA ASP F 164 50.06 -21.45 43.05
C ASP F 164 50.82 -20.12 43.00
N GLU F 165 51.64 -19.96 41.97
CA GLU F 165 52.40 -18.73 41.84
C GLU F 165 51.52 -17.51 41.93
N ALA F 166 50.37 -17.57 41.26
CA ALA F 166 49.45 -16.45 41.21
C ALA F 166 48.80 -16.10 42.53
N LEU F 167 48.23 -17.12 43.17
CA LEU F 167 47.59 -16.93 44.47
C LEU F 167 48.59 -16.33 45.46
N ASN F 168 49.84 -16.78 45.38
CA ASN F 168 50.89 -16.25 46.25
C ASN F 168 50.97 -14.74 46.02
N ASN F 169 51.00 -14.33 44.74
CA ASN F 169 51.10 -12.92 44.40
C ASN F 169 49.84 -12.12 44.64
N ARG F 170 48.70 -12.78 44.52
CA ARG F 170 47.42 -12.11 44.71
C ARG F 170 47.10 -11.80 46.17
N PHE F 171 47.08 -12.85 46.98
CA PHE F 171 46.76 -12.74 48.40
C PHE F 171 48.00 -12.57 49.29
N GLN F 172 48.82 -11.58 48.96
CA GLN F 172 50.01 -11.31 49.74
C GLN F 172 50.04 -9.82 50.07
#